data_6C9M
#
_entry.id   6C9M
#
_cell.length_a   95.110
_cell.length_b   171.830
_cell.length_c   178.690
_cell.angle_alpha   90.00
_cell.angle_beta   90.00
_cell.angle_gamma   90.00
#
_symmetry.space_group_name_H-M   'P 21 21 21'
#
loop_
_entity.id
_entity.type
_entity.pdbx_description
1 polymer 'N-alpha-acetyltransferase 15, NatA auxiliary subunit'
2 polymer 'N-alpha-acetyltransferase 10'
3 non-polymer 'INOSITOL HEXAKISPHOSPHATE'
4 non-polymer 'PENTAETHYLENE GLYCOL'
5 water water
#
loop_
_entity_poly.entity_id
_entity_poly.type
_entity_poly.pdbx_seq_one_letter_code
_entity_poly.pdbx_strand_id
1 'polypeptide(L)'
;MPAVSLPPKENALFKRILRCYEHKQYRNGLKFCKQILSNPKFAEHGETLAMKGLTLNCLGKKEEAYELVRRGLRNDLKSH
VCWHVYGLLQRSDKKYDEAIKCYRNALKWDKDNLQILRDLSLLQIQMRDLEGYRETRYQLLQLRPAQRASWIGYAIAYHL
LEDYEMAAKILEEFRKTQQTSPDKVDYEYSELLLYQNQVLREAGLYREALEHLCTYEKQICDKLAVEETKGELLLQLCRL
EDAADVYRGLQERNPENWAYYKGLEKALKPANMLERLKIYEEAWTKYPRGLVPRRLPLNFLSGEKFKECLDKFLRMNFSK
GCPPVFNTLRSLYKDKEKVAIIEELVVGYETSLKSCRLFNPNDDGKEEPPTTLLWVQYYLAQHYDKIGQPSIALEYINTA
IESTPTLIELFLVKAKIYKHAGNIKEAARWMDEAQALDTADRFINSKCAKYMLKANLIKEAEEMCSKFTREGTSAVENLN
EMQCMWFQTECAQAYKAMNKFGEALKKCHEIERHFIEITDDQFDFHTYCMRKITLRSYVDLLKLEDVLRQHPFYFKAARI
AIEIYLKLHDNPLTDENKEHEADTANMSDKELKKLRNKQRRAQKKAQIEEEKKNAEKEKQQRNQKKKKDDDDEEIGGPKE
ELIPEKLAKVETPLEEAIKFLTPLKNLVKNKIETHLFAFEIYFRKEKFLLMLQSVKRAFAIDSSHPWLHECMIRLFNTAV
CESKDLSDTVRTVLKQEMNRLFGATNPKNFNETFLKRNSDSLPHRLSAAKMVYYLDPSSQKRAIELATTLDESLTNRNLQ
TCMEVLEALYDGSLGDCKEAAEIYRANCHKLFPYALAFMPPGYEEDMKITVNGDSSAEAEELANEI
;
A,C
2 'polypeptide(L)'
;(ACE)MNIRNARPEDLMNMQHCNLLCLPENYQMKYYFYHGLSWPQLSYIAEDENGKIVGYVLAKMEEDPDDVPHGHITSL
AVKRSHRRLGLAQKLMDQASRAMIENFNAKYVSLHVRKSNRAALHLYSNTLNFQISEVEPKYYADGEDAYAMKRDLTQMA
DELRRHLELKEKGRHVVLGAIENKVESKGNSPPSSGEACREEKGLAAEDSGGDSKDLSEVSETTESTDVKDSSEASDSAS
;
B,D
#
# COMPACT_ATOMS: atom_id res chain seq x y z
N MET A 1 5.99 10.92 -21.44
CA MET A 1 5.39 12.14 -21.96
C MET A 1 6.33 13.06 -22.83
N PRO A 2 7.65 12.94 -22.69
CA PRO A 2 8.53 13.63 -23.65
C PRO A 2 8.44 13.06 -25.08
N ALA A 3 8.29 11.74 -25.22
CA ALA A 3 8.13 11.13 -26.54
C ALA A 3 7.06 11.85 -27.37
N VAL A 4 6.09 12.48 -26.69
CA VAL A 4 5.01 13.25 -27.31
C VAL A 4 5.42 14.73 -27.35
N SER A 5 5.27 15.38 -28.51
CA SER A 5 5.57 16.82 -28.69
C SER A 5 4.44 17.50 -29.47
N LEU A 6 3.44 17.99 -28.74
CA LEU A 6 2.18 18.50 -29.31
C LEU A 6 1.92 19.91 -28.79
N PRO A 7 1.00 20.62 -29.44
CA PRO A 7 0.62 21.97 -28.96
C PRO A 7 0.06 21.91 -27.55
N PRO A 8 0.11 23.04 -26.84
CA PRO A 8 -0.32 23.05 -25.43
C PRO A 8 -1.67 22.40 -25.14
N LYS A 9 -2.72 22.77 -25.89
CA LYS A 9 -4.07 22.26 -25.60
C LYS A 9 -4.11 20.74 -25.67
N GLU A 10 -3.52 20.18 -26.72
CA GLU A 10 -3.44 18.73 -26.88
C GLU A 10 -2.41 18.10 -25.96
N ASN A 11 -1.27 18.76 -25.73
CA ASN A 11 -0.32 18.27 -24.72
C ASN A 11 -1.00 18.17 -23.37
N ALA A 12 -1.85 19.15 -23.05
CA ALA A 12 -2.68 19.06 -21.85
C ALA A 12 -3.68 17.90 -21.95
N LEU A 13 -4.47 17.87 -23.03
CA LEU A 13 -5.30 16.69 -23.29
C LEU A 13 -4.50 15.42 -23.10
N PHE A 14 -3.39 15.26 -23.83
CA PHE A 14 -2.64 14.02 -23.74
C PHE A 14 -2.28 13.62 -22.29
N LYS A 15 -1.87 14.59 -21.46
CA LYS A 15 -1.54 14.25 -20.09
C LYS A 15 -2.77 13.72 -19.35
N ARG A 16 -3.95 14.29 -19.64
CA ARG A 16 -5.18 13.76 -19.07
C ARG A 16 -5.43 12.32 -19.53
N ILE A 17 -5.20 11.99 -20.81
CA ILE A 17 -5.37 10.61 -21.25
C ILE A 17 -4.48 9.66 -20.44
N LEU A 18 -3.19 9.99 -20.28
CA LEU A 18 -2.33 9.15 -19.43
C LEU A 18 -2.91 9.05 -18.02
N ARG A 19 -3.40 10.17 -17.48
CA ARG A 19 -3.87 10.16 -16.12
C ARG A 19 -5.18 9.40 -15.99
N CYS A 20 -6.08 9.52 -16.99
CA CYS A 20 -7.29 8.71 -16.98
C CYS A 20 -6.95 7.21 -17.00
N TYR A 21 -5.91 6.82 -17.74
CA TYR A 21 -5.59 5.41 -17.81
C TYR A 21 -5.13 4.90 -16.46
N GLU A 22 -4.27 5.67 -15.77
CA GLU A 22 -3.78 5.26 -14.46
C GLU A 22 -4.91 5.14 -13.45
N HIS A 23 -5.86 6.09 -13.46
CA HIS A 23 -6.98 6.09 -12.53
C HIS A 23 -8.18 5.33 -13.08
N LYS A 24 -8.00 4.55 -14.14
CA LYS A 24 -9.08 3.77 -14.76
C LYS A 24 -10.31 4.60 -15.08
N GLN A 25 -10.09 5.86 -15.43
CA GLN A 25 -11.12 6.73 -15.99
C GLN A 25 -11.17 6.54 -17.50
N TYR A 26 -11.51 5.31 -17.90
CA TYR A 26 -11.45 4.93 -19.31
C TYR A 26 -12.47 5.71 -20.12
N ARG A 27 -13.73 5.74 -19.66
CA ARG A 27 -14.74 6.47 -20.43
C ARG A 27 -14.36 7.93 -20.62
N ASN A 28 -13.67 8.51 -19.63
CA ASN A 28 -13.25 9.91 -19.73
C ASN A 28 -11.99 10.04 -20.59
N GLY A 29 -11.06 9.10 -20.43
CA GLY A 29 -9.89 9.09 -21.29
C GLY A 29 -10.25 8.98 -22.77
N LEU A 30 -11.20 8.10 -23.08
CA LEU A 30 -11.69 7.96 -24.45
C LEU A 30 -12.16 9.29 -25.02
N LYS A 31 -12.93 10.06 -24.25
CA LYS A 31 -13.38 11.34 -24.77
C LYS A 31 -12.18 12.22 -25.14
N PHE A 32 -11.15 12.22 -24.30
CA PHE A 32 -9.99 13.05 -24.58
C PHE A 32 -9.23 12.55 -25.80
N CYS A 33 -9.12 11.22 -25.94
CA CYS A 33 -8.58 10.65 -27.17
C CYS A 33 -9.30 11.20 -28.42
N LYS A 34 -10.63 11.08 -28.45
CA LYS A 34 -11.37 11.56 -29.62
C LYS A 34 -11.12 13.04 -29.88
N GLN A 35 -10.93 13.84 -28.83
CA GLN A 35 -10.71 15.26 -29.04
C GLN A 35 -9.41 15.54 -29.76
N ILE A 36 -8.34 14.82 -29.40
CA ILE A 36 -7.06 14.99 -30.10
C ILE A 36 -7.17 14.48 -31.53
N LEU A 37 -7.82 13.32 -31.72
CA LEU A 37 -7.85 12.66 -33.02
C LEU A 37 -8.81 13.33 -33.99
N SER A 38 -9.74 14.15 -33.50
CA SER A 38 -10.69 14.81 -34.38
C SER A 38 -10.04 15.99 -35.10
N ASN A 39 -8.99 16.56 -34.53
CA ASN A 39 -8.26 17.64 -35.19
C ASN A 39 -7.40 17.05 -36.31
N PRO A 40 -7.57 17.49 -37.56
CA PRO A 40 -6.91 16.81 -38.69
C PRO A 40 -5.40 16.75 -38.57
N LYS A 41 -4.78 17.78 -37.98
CA LYS A 41 -3.31 17.81 -37.86
C LYS A 41 -2.79 16.64 -37.03
N PHE A 42 -3.61 16.06 -36.15
CA PHE A 42 -3.14 14.97 -35.28
C PHE A 42 -4.01 13.73 -35.37
N ALA A 43 -4.74 13.53 -36.48
CA ALA A 43 -5.54 12.32 -36.61
C ALA A 43 -4.69 11.06 -36.73
N GLU A 44 -3.41 11.22 -37.08
CA GLU A 44 -2.43 10.16 -37.27
C GLU A 44 -1.48 10.06 -36.09
N HIS A 45 -1.73 10.79 -35.03
CA HIS A 45 -0.72 10.97 -34.03
C HIS A 45 -0.53 9.70 -33.21
N GLY A 46 0.69 9.17 -33.22
CA GLY A 46 0.88 7.77 -32.87
C GLY A 46 0.59 7.46 -31.41
N GLU A 47 1.07 8.31 -30.50
CA GLU A 47 0.91 8.00 -29.07
C GLU A 47 -0.54 8.12 -28.62
N THR A 48 -1.29 9.08 -29.20
CA THR A 48 -2.70 9.15 -28.88
C THR A 48 -3.43 7.92 -29.39
N LEU A 49 -3.11 7.51 -30.61
CA LEU A 49 -3.67 6.28 -31.17
C LEU A 49 -3.25 5.08 -30.34
N ALA A 50 -1.99 5.02 -29.92
CA ALA A 50 -1.59 3.93 -29.04
C ALA A 50 -2.35 3.99 -27.73
N MET A 51 -2.47 5.19 -27.14
CA MET A 51 -3.17 5.31 -25.87
C MET A 51 -4.66 5.07 -26.04
N LYS A 52 -5.23 5.43 -27.19
CA LYS A 52 -6.60 5.03 -27.50
C LYS A 52 -6.76 3.51 -27.44
N GLY A 53 -5.90 2.79 -28.18
CA GLY A 53 -6.03 1.33 -28.23
C GLY A 53 -5.87 0.67 -26.87
N LEU A 54 -4.94 1.18 -26.06
CA LEU A 54 -4.71 0.55 -24.77
C LEU A 54 -5.92 0.73 -23.84
N THR A 55 -6.51 1.93 -23.83
CA THR A 55 -7.74 2.14 -23.09
C THR A 55 -8.84 1.20 -23.57
N LEU A 56 -9.04 1.14 -24.89
CA LEU A 56 -10.03 0.22 -25.44
C LEU A 56 -9.78 -1.20 -24.97
N ASN A 57 -8.52 -1.63 -24.95
CA ASN A 57 -8.22 -2.99 -24.52
C ASN A 57 -8.73 -3.23 -23.10
N CYS A 58 -8.70 -2.19 -22.26
CA CYS A 58 -9.17 -2.36 -20.88
C CYS A 58 -10.67 -2.61 -20.84
N LEU A 59 -11.41 -2.12 -21.84
CA LEU A 59 -12.83 -2.39 -21.98
C LEU A 59 -13.12 -3.63 -22.82
N GLY A 60 -12.12 -4.49 -23.03
CA GLY A 60 -12.34 -5.75 -23.71
C GLY A 60 -12.50 -5.67 -25.22
N LYS A 61 -12.10 -4.57 -25.84
CA LYS A 61 -12.18 -4.43 -27.29
C LYS A 61 -10.80 -4.66 -27.90
N LYS A 62 -10.37 -5.93 -27.87
CA LYS A 62 -8.99 -6.28 -28.18
C LYS A 62 -8.61 -5.98 -29.62
N GLU A 63 -9.46 -6.31 -30.61
CA GLU A 63 -8.96 -6.21 -31.96
C GLU A 63 -8.84 -4.75 -32.40
N GLU A 64 -9.73 -3.88 -31.93
CA GLU A 64 -9.55 -2.47 -32.21
C GLU A 64 -8.35 -1.91 -31.45
N ALA A 65 -8.09 -2.45 -30.25
CA ALA A 65 -6.87 -2.12 -29.52
C ALA A 65 -5.64 -2.42 -30.37
N TYR A 66 -5.61 -3.61 -30.99
CA TYR A 66 -4.44 -4.01 -31.76
C TYR A 66 -4.31 -3.21 -33.05
N GLU A 67 -5.44 -2.90 -33.71
CA GLU A 67 -5.35 -2.03 -34.88
C GLU A 67 -4.74 -0.69 -34.50
N LEU A 68 -5.18 -0.12 -33.37
CA LEU A 68 -4.76 1.22 -33.00
C LEU A 68 -3.30 1.24 -32.55
N VAL A 69 -2.93 0.34 -31.63
CA VAL A 69 -1.56 0.35 -31.13
C VAL A 69 -0.59 0.05 -32.26
N ARG A 70 -0.93 -0.88 -33.14
CA ARG A 70 -0.03 -1.19 -34.26
C ARG A 70 0.04 -0.01 -35.21
N ARG A 71 -1.11 0.53 -35.62
CA ARG A 71 -1.09 1.68 -36.54
C ARG A 71 -0.40 2.87 -35.91
N GLY A 72 -0.72 3.14 -34.63
CA GLY A 72 -0.05 4.23 -33.94
C GLY A 72 1.45 4.06 -33.90
N LEU A 73 1.90 2.85 -33.53
CA LEU A 73 3.33 2.55 -33.43
C LEU A 73 4.04 2.82 -34.75
N ARG A 74 3.47 2.32 -35.85
CA ARG A 74 4.10 2.46 -37.15
C ARG A 74 4.34 3.93 -37.52
N ASN A 75 3.53 4.85 -36.99
CA ASN A 75 3.71 6.26 -37.34
C ASN A 75 4.92 6.89 -36.66
N ASP A 76 5.44 6.26 -35.58
CA ASP A 76 6.53 6.79 -34.76
C ASP A 76 7.20 5.61 -34.05
N LEU A 77 8.11 4.94 -34.76
CA LEU A 77 8.80 3.76 -34.23
C LEU A 77 10.05 4.10 -33.42
N LYS A 78 10.32 5.40 -33.23
CA LYS A 78 11.30 5.87 -32.25
C LYS A 78 10.64 6.57 -31.07
N SER A 79 9.35 6.29 -30.83
CA SER A 79 8.63 6.73 -29.65
C SER A 79 8.66 5.62 -28.60
N HIS A 80 9.34 5.88 -27.49
CA HIS A 80 9.35 4.90 -26.41
C HIS A 80 7.95 4.65 -25.89
N VAL A 81 7.06 5.64 -25.93
CA VAL A 81 5.68 5.45 -25.48
C VAL A 81 4.99 4.39 -26.34
N CYS A 82 5.09 4.53 -27.67
CA CYS A 82 4.43 3.59 -28.56
C CYS A 82 4.95 2.17 -28.35
N TRP A 83 6.27 2.02 -28.27
CA TRP A 83 6.85 0.72 -27.97
C TRP A 83 6.38 0.20 -26.62
N HIS A 84 6.36 1.07 -25.62
CA HIS A 84 5.92 0.64 -24.29
C HIS A 84 4.46 0.21 -24.30
N VAL A 85 3.58 0.92 -25.02
CA VAL A 85 2.17 0.53 -25.02
C VAL A 85 1.98 -0.81 -25.69
N TYR A 86 2.67 -1.03 -26.82
CA TYR A 86 2.54 -2.29 -27.52
C TYR A 86 2.97 -3.45 -26.62
N GLY A 87 4.09 -3.30 -25.93
CA GLY A 87 4.46 -4.27 -24.91
C GLY A 87 3.39 -4.43 -23.83
N LEU A 88 2.88 -3.31 -23.30
CA LEU A 88 1.82 -3.38 -22.31
C LEU A 88 0.65 -4.19 -22.82
N LEU A 89 0.19 -3.86 -24.04
CA LEU A 89 -0.93 -4.54 -24.66
C LEU A 89 -0.64 -6.04 -24.83
N GLN A 90 0.49 -6.40 -25.43
CA GLN A 90 0.80 -7.81 -25.61
C GLN A 90 0.97 -8.51 -24.26
N ARG A 91 1.25 -7.76 -23.19
CA ARG A 91 1.38 -8.39 -21.88
C ARG A 91 0.02 -8.87 -21.36
N SER A 92 -1.03 -8.06 -21.53
CA SER A 92 -2.36 -8.44 -21.08
C SER A 92 -2.84 -9.73 -21.75
N ASP A 93 -2.18 -10.17 -22.81
CA ASP A 93 -2.50 -11.43 -23.47
C ASP A 93 -1.43 -12.49 -23.19
N LYS A 94 -0.74 -12.34 -22.06
CA LYS A 94 0.28 -13.25 -21.57
C LYS A 94 1.34 -13.60 -22.61
N LYS A 95 1.42 -12.85 -23.72
CA LYS A 95 2.47 -13.03 -24.72
C LYS A 95 3.74 -12.31 -24.23
N TYR A 96 4.36 -12.94 -23.22
CA TYR A 96 5.40 -12.28 -22.44
C TYR A 96 6.67 -12.08 -23.24
N ASP A 97 7.03 -13.04 -24.09
CA ASP A 97 8.28 -12.88 -24.84
C ASP A 97 8.19 -11.69 -25.77
N GLU A 98 7.08 -11.58 -26.53
CA GLU A 98 6.93 -10.46 -27.45
C GLU A 98 6.89 -9.14 -26.71
N ALA A 99 6.27 -9.13 -25.53
CA ALA A 99 6.28 -7.93 -24.70
C ALA A 99 7.70 -7.53 -24.32
N ILE A 100 8.59 -8.51 -24.11
CA ILE A 100 9.97 -8.19 -23.80
C ILE A 100 10.61 -7.39 -24.93
N LYS A 101 10.39 -7.80 -26.18
CA LYS A 101 10.97 -7.09 -27.32
C LYS A 101 10.54 -5.62 -27.33
N CYS A 102 9.28 -5.35 -27.02
CA CYS A 102 8.79 -3.98 -27.08
C CYS A 102 9.42 -3.11 -26.01
N TYR A 103 9.58 -3.65 -24.80
CA TYR A 103 10.23 -2.87 -23.74
C TYR A 103 11.67 -2.56 -24.10
N ARG A 104 12.41 -3.56 -24.61
CA ARG A 104 13.78 -3.34 -25.03
C ARG A 104 13.85 -2.28 -26.11
N ASN A 105 12.89 -2.31 -27.04
CA ASN A 105 12.86 -1.28 -28.07
C ASN A 105 12.52 0.09 -27.49
N ALA A 106 11.57 0.15 -26.56
CA ALA A 106 11.24 1.41 -25.89
C ALA A 106 12.45 2.03 -25.21
N LEU A 107 13.29 1.23 -24.55
CA LEU A 107 14.49 1.75 -23.92
C LEU A 107 15.58 2.14 -24.92
N LYS A 108 15.51 1.65 -26.16
CA LYS A 108 16.43 2.14 -27.19
C LYS A 108 16.31 3.65 -27.35
N TRP A 109 15.12 4.19 -27.07
CA TRP A 109 14.81 5.60 -27.22
C TRP A 109 14.57 6.30 -25.88
N ASP A 110 14.56 5.55 -24.77
CA ASP A 110 14.48 6.16 -23.43
C ASP A 110 15.22 5.22 -22.47
N LYS A 111 16.52 5.50 -22.29
CA LYS A 111 17.42 4.52 -21.67
C LYS A 111 17.14 4.34 -20.17
N ASP A 112 16.80 5.42 -19.48
CA ASP A 112 16.73 5.43 -18.03
C ASP A 112 15.29 5.50 -17.53
N ASN A 113 14.37 4.88 -18.27
CA ASN A 113 12.95 4.99 -17.95
C ASN A 113 12.58 4.00 -16.85
N LEU A 114 12.14 4.55 -15.71
CA LEU A 114 11.96 3.74 -14.50
C LEU A 114 10.81 2.74 -14.64
N GLN A 115 9.68 3.17 -15.20
CA GLN A 115 8.55 2.24 -15.25
C GLN A 115 8.82 1.08 -16.20
N ILE A 116 9.41 1.36 -17.38
CA ILE A 116 9.65 0.30 -18.35
C ILE A 116 10.70 -0.67 -17.82
N LEU A 117 11.67 -0.16 -17.06
CA LEU A 117 12.66 -1.06 -16.47
C LEU A 117 12.01 -2.01 -15.47
N ARG A 118 11.11 -1.50 -14.63
CA ARG A 118 10.41 -2.35 -13.68
C ARG A 118 9.56 -3.39 -14.39
N ASP A 119 8.72 -2.95 -15.35
CA ASP A 119 7.86 -3.88 -16.08
C ASP A 119 8.70 -4.92 -16.82
N LEU A 120 9.81 -4.49 -17.42
CA LEU A 120 10.63 -5.41 -18.19
C LEU A 120 11.23 -6.48 -17.29
N SER A 121 11.82 -6.06 -16.18
CA SER A 121 12.41 -7.02 -15.25
C SER A 121 11.35 -7.99 -14.74
N LEU A 122 10.16 -7.46 -14.48
CA LEU A 122 9.07 -8.29 -13.95
C LEU A 122 8.76 -9.45 -14.89
N LEU A 123 8.82 -9.21 -16.20
CA LEU A 123 8.59 -10.27 -17.18
C LEU A 123 9.82 -11.13 -17.40
N GLN A 124 11.01 -10.58 -17.19
CA GLN A 124 12.21 -11.38 -17.43
C GLN A 124 12.34 -12.47 -16.37
N ILE A 125 12.05 -12.14 -15.11
CA ILE A 125 12.05 -13.18 -14.09
C ILE A 125 10.91 -14.17 -14.33
N GLN A 126 9.72 -13.66 -14.72
CA GLN A 126 8.62 -14.56 -15.06
C GLN A 126 9.02 -15.57 -16.14
N MET A 127 9.79 -15.14 -17.15
CA MET A 127 10.24 -16.01 -18.22
C MET A 127 11.58 -16.69 -17.92
N ARG A 128 12.16 -16.46 -16.74
CA ARG A 128 13.48 -16.97 -16.39
C ARG A 128 14.57 -16.56 -17.40
N ASP A 129 14.50 -15.31 -17.88
CA ASP A 129 15.64 -14.67 -18.55
C ASP A 129 16.54 -14.12 -17.43
N LEU A 130 17.33 -15.01 -16.83
CA LEU A 130 18.03 -14.62 -15.62
C LEU A 130 19.15 -13.64 -15.92
N GLU A 131 19.86 -13.83 -17.04
CA GLU A 131 20.91 -12.87 -17.42
C GLU A 131 20.33 -11.48 -17.60
N GLY A 132 19.24 -11.37 -18.37
CA GLY A 132 18.60 -10.08 -18.62
C GLY A 132 17.96 -9.46 -17.39
N TYR A 133 17.43 -10.28 -16.48
CA TYR A 133 16.91 -9.76 -15.24
C TYR A 133 18.01 -9.11 -14.40
N ARG A 134 19.23 -9.65 -14.46
CA ARG A 134 20.32 -9.06 -13.67
C ARG A 134 20.73 -7.71 -14.26
N GLU A 135 20.84 -7.64 -15.59
CA GLU A 135 21.09 -6.36 -16.25
C GLU A 135 20.04 -5.35 -15.83
N THR A 136 18.76 -5.74 -15.89
CA THR A 136 17.71 -4.77 -15.63
C THR A 136 17.72 -4.34 -14.17
N ARG A 137 17.91 -5.30 -13.25
CA ARG A 137 17.93 -4.97 -11.83
C ARG A 137 19.15 -4.11 -11.49
N TYR A 138 20.29 -4.37 -12.13
CA TYR A 138 21.46 -3.51 -11.95
C TYR A 138 21.18 -2.09 -12.41
N GLN A 139 20.64 -1.94 -13.62
CA GLN A 139 20.27 -0.62 -14.13
C GLN A 139 19.38 0.12 -13.16
N LEU A 140 18.45 -0.59 -12.52
CA LEU A 140 17.57 0.04 -11.55
C LEU A 140 18.34 0.52 -10.33
N LEU A 141 19.29 -0.29 -9.84
CA LEU A 141 19.98 0.06 -8.60
C LEU A 141 20.82 1.31 -8.76
N GLN A 142 21.36 1.53 -9.96
CA GLN A 142 22.14 2.73 -10.18
C GLN A 142 21.26 3.96 -10.22
N LEU A 143 20.02 3.83 -10.69
CA LEU A 143 19.12 4.97 -10.74
C LEU A 143 18.47 5.25 -9.40
N ARG A 144 18.22 4.23 -8.60
CA ARG A 144 17.47 4.37 -7.35
C ARG A 144 18.18 3.57 -6.26
N PRO A 145 19.35 4.03 -5.82
CA PRO A 145 20.12 3.24 -4.84
C PRO A 145 19.54 3.22 -3.43
N ALA A 146 18.71 4.19 -3.05
CA ALA A 146 18.16 4.23 -1.70
C ALA A 146 16.86 3.45 -1.52
N GLN A 147 16.31 2.83 -2.57
CA GLN A 147 15.07 2.06 -2.46
C GLN A 147 15.38 0.59 -2.21
N ARG A 148 14.78 0.02 -1.15
CA ARG A 148 15.08 -1.35 -0.76
C ARG A 148 14.87 -2.31 -1.93
N ALA A 149 13.79 -2.11 -2.69
CA ALA A 149 13.50 -3.00 -3.81
C ALA A 149 14.66 -3.05 -4.81
N SER A 150 15.42 -1.97 -4.91
CA SER A 150 16.52 -1.95 -5.86
C SER A 150 17.57 -3.00 -5.49
N TRP A 151 17.84 -3.16 -4.18
CA TRP A 151 18.85 -4.11 -3.72
C TRP A 151 18.30 -5.54 -3.70
N ILE A 152 17.09 -5.72 -3.15
CA ILE A 152 16.44 -7.03 -3.08
C ILE A 152 16.48 -7.72 -4.45
N GLY A 153 16.17 -6.98 -5.51
CA GLY A 153 16.12 -7.58 -6.83
C GLY A 153 17.50 -7.93 -7.37
N TYR A 154 18.48 -7.05 -7.13
CA TYR A 154 19.86 -7.33 -7.50
C TYR A 154 20.35 -8.62 -6.84
N ALA A 155 20.18 -8.73 -5.52
CA ALA A 155 20.55 -9.95 -4.80
C ALA A 155 19.85 -11.17 -5.39
N ILE A 156 18.51 -11.11 -5.50
CA ILE A 156 17.75 -12.21 -6.08
C ILE A 156 18.30 -12.60 -7.44
N ALA A 157 18.68 -11.59 -8.27
CA ALA A 157 19.24 -11.84 -9.59
C ALA A 157 20.41 -12.82 -9.52
N TYR A 158 21.37 -12.56 -8.62
CA TYR A 158 22.54 -13.42 -8.56
C TYR A 158 22.22 -14.78 -7.94
N HIS A 159 21.38 -14.82 -6.90
CA HIS A 159 20.95 -16.08 -6.29
C HIS A 159 20.41 -17.05 -7.35
N LEU A 160 19.50 -16.57 -8.21
CA LEU A 160 18.86 -17.43 -9.20
C LEU A 160 19.83 -17.82 -10.30
N LEU A 161 20.92 -17.08 -10.46
CA LEU A 161 22.00 -17.45 -11.37
C LEU A 161 22.99 -18.43 -10.73
N GLU A 162 22.88 -18.64 -9.41
CA GLU A 162 23.76 -19.49 -8.59
C GLU A 162 25.13 -18.87 -8.36
N ASP A 163 25.28 -17.56 -8.56
CA ASP A 163 26.45 -16.81 -8.11
C ASP A 163 26.27 -16.50 -6.64
N TYR A 164 26.40 -17.56 -5.83
CA TYR A 164 26.05 -17.49 -4.41
C TYR A 164 26.85 -16.44 -3.68
N GLU A 165 28.14 -16.31 -3.98
CA GLU A 165 28.95 -15.41 -3.19
C GLU A 165 28.61 -13.95 -3.51
N MET A 166 28.31 -13.62 -4.76
CA MET A 166 27.91 -12.26 -5.09
C MET A 166 26.54 -11.93 -4.48
N ALA A 167 25.61 -12.88 -4.55
CA ALA A 167 24.36 -12.80 -3.80
C ALA A 167 24.62 -12.56 -2.32
N ALA A 168 25.67 -13.20 -1.78
CA ALA A 168 26.02 -12.98 -0.38
C ALA A 168 26.46 -11.54 -0.15
N LYS A 169 27.27 -10.99 -1.05
CA LYS A 169 27.81 -9.66 -0.78
C LYS A 169 26.75 -8.59 -0.98
N ILE A 170 25.86 -8.76 -1.94
CA ILE A 170 24.79 -7.77 -2.10
C ILE A 170 23.90 -7.75 -0.87
N LEU A 171 23.59 -8.94 -0.32
CA LEU A 171 22.68 -9.02 0.82
C LEU A 171 23.30 -8.41 2.07
N GLU A 172 24.57 -8.70 2.36
CA GLU A 172 25.17 -8.09 3.54
C GLU A 172 25.12 -6.57 3.43
N GLU A 173 25.38 -6.04 2.23
CA GLU A 173 25.32 -4.60 2.02
C GLU A 173 23.94 -4.07 2.35
N PHE A 174 22.90 -4.69 1.80
CA PHE A 174 21.55 -4.26 2.10
C PHE A 174 21.26 -4.41 3.60
N ARG A 175 21.76 -5.48 4.23
CA ARG A 175 21.46 -5.71 5.64
C ARG A 175 22.00 -4.59 6.53
N LYS A 176 23.16 -4.03 6.19
CA LYS A 176 23.71 -2.93 6.96
C LYS A 176 22.79 -1.71 6.94
N THR A 177 22.30 -1.33 5.76
CA THR A 177 21.40 -0.18 5.70
C THR A 177 20.09 -0.45 6.45
N GLN A 178 19.69 -1.71 6.60
CA GLN A 178 18.44 -2.05 7.26
C GLN A 178 18.58 -2.21 8.76
N GLN A 179 19.78 -2.47 9.26
CA GLN A 179 19.98 -2.47 10.70
C GLN A 179 19.83 -1.06 11.27
N THR A 180 20.30 -0.05 10.51
CA THR A 180 20.29 1.34 10.98
C THR A 180 18.88 1.93 10.94
N SER A 181 18.14 1.69 9.86
CA SER A 181 16.86 2.36 9.62
C SER A 181 15.90 2.14 10.79
N PRO A 182 15.07 3.14 11.11
CA PRO A 182 14.05 2.96 12.16
C PRO A 182 12.73 2.41 11.61
N ASP A 183 12.54 2.52 10.29
CA ASP A 183 11.35 2.02 9.59
C ASP A 183 11.29 0.49 9.54
N LYS A 184 12.31 -0.20 10.06
CA LYS A 184 12.41 -1.65 9.88
C LYS A 184 11.35 -2.36 10.70
N VAL A 185 10.66 -3.32 10.05
CA VAL A 185 9.77 -4.24 10.74
C VAL A 185 10.59 -5.45 11.19
N ASP A 186 10.45 -5.83 12.46
CA ASP A 186 11.18 -6.98 12.97
C ASP A 186 11.00 -8.17 12.05
N TYR A 187 9.76 -8.46 11.66
CA TYR A 187 9.51 -9.65 10.85
C TYR A 187 10.23 -9.55 9.51
N GLU A 188 10.15 -8.40 8.85
CA GLU A 188 10.82 -8.21 7.57
C GLU A 188 12.33 -8.36 7.69
N TYR A 189 12.94 -7.76 8.72
CA TYR A 189 14.37 -7.92 8.93
C TYR A 189 14.71 -9.40 9.14
N SER A 190 13.96 -10.06 10.03
CA SER A 190 14.16 -11.48 10.33
C SER A 190 14.18 -12.32 9.05
N GLU A 191 13.20 -12.08 8.18
CA GLU A 191 13.15 -12.77 6.90
C GLU A 191 14.39 -12.45 6.07
N LEU A 192 14.81 -11.19 6.05
CA LEU A 192 16.03 -10.87 5.29
C LEU A 192 17.19 -11.70 5.81
N LEU A 193 17.29 -11.86 7.12
CA LEU A 193 18.42 -12.59 7.70
C LEU A 193 18.41 -14.06 7.29
N LEU A 194 17.23 -14.70 7.35
CA LEU A 194 17.20 -16.12 7.03
C LEU A 194 17.44 -16.36 5.55
N TYR A 195 17.11 -15.38 4.71
CA TYR A 195 17.43 -15.50 3.30
C TYR A 195 18.92 -15.35 3.11
N GLN A 196 19.53 -14.33 3.74
CA GLN A 196 20.97 -14.17 3.74
C GLN A 196 21.65 -15.45 4.25
N ASN A 197 21.08 -16.07 5.28
CA ASN A 197 21.67 -17.30 5.79
C ASN A 197 21.54 -18.42 4.77
N GLN A 198 20.38 -18.52 4.14
CA GLN A 198 20.16 -19.59 3.18
C GLN A 198 21.14 -19.54 2.01
N VAL A 199 21.43 -18.34 1.49
CA VAL A 199 22.36 -18.32 0.37
C VAL A 199 23.74 -18.76 0.84
N LEU A 200 24.18 -18.31 2.02
CA LEU A 200 25.45 -18.79 2.53
C LEU A 200 25.48 -20.31 2.57
N ARG A 201 24.37 -20.92 3.03
CA ARG A 201 24.31 -22.37 3.07
C ARG A 201 24.35 -22.96 1.66
N GLU A 202 23.56 -22.39 0.75
CA GLU A 202 23.50 -22.94 -0.61
C GLU A 202 24.83 -22.81 -1.31
N ALA A 203 25.70 -21.91 -0.83
CA ALA A 203 27.09 -21.78 -1.26
C ALA A 203 28.03 -22.72 -0.54
N GLY A 204 27.51 -23.61 0.32
CA GLY A 204 28.35 -24.49 1.08
C GLY A 204 29.31 -23.80 2.04
N LEU A 205 29.10 -22.51 2.32
CA LEU A 205 29.86 -21.81 3.36
C LEU A 205 29.22 -22.09 4.72
N TYR A 206 29.40 -23.32 5.19
CA TYR A 206 28.63 -23.81 6.32
C TYR A 206 28.99 -23.08 7.61
N ARG A 207 30.29 -22.91 7.88
CA ARG A 207 30.67 -22.22 9.11
C ARG A 207 30.31 -20.74 9.04
N GLU A 208 30.52 -20.09 7.90
CA GLU A 208 30.08 -18.71 7.79
C GLU A 208 28.60 -18.60 8.12
N ALA A 209 27.79 -19.55 7.65
CA ALA A 209 26.37 -19.54 7.94
C ALA A 209 26.12 -19.69 9.42
N LEU A 210 26.85 -20.59 10.07
CA LEU A 210 26.63 -20.80 11.49
C LEU A 210 27.03 -19.56 12.30
N GLU A 211 28.16 -18.93 11.96
CA GLU A 211 28.54 -17.72 12.67
C GLU A 211 27.52 -16.61 12.42
N HIS A 212 26.97 -16.55 11.22
CA HIS A 212 25.95 -15.56 10.94
C HIS A 212 24.71 -15.81 11.78
N LEU A 213 24.25 -17.05 11.79
CA LEU A 213 23.05 -17.37 12.53
C LEU A 213 23.22 -17.04 14.01
N CYS A 214 24.41 -17.28 14.55
CA CYS A 214 24.60 -17.01 15.97
C CYS A 214 24.70 -15.52 16.25
N THR A 215 25.27 -14.75 15.31
CA THR A 215 25.34 -13.30 15.48
C THR A 215 23.96 -12.69 15.54
N TYR A 216 23.08 -13.05 14.60
CA TYR A 216 21.83 -12.36 14.40
C TYR A 216 20.65 -13.15 14.92
N GLU A 217 20.90 -14.27 15.60
CA GLU A 217 19.82 -15.16 16.02
C GLU A 217 18.77 -14.41 16.83
N LYS A 218 19.19 -13.50 17.71
CA LYS A 218 18.18 -12.85 18.54
C LYS A 218 17.36 -11.82 17.79
N GLN A 219 17.70 -11.50 16.56
CA GLN A 219 16.88 -10.63 15.75
C GLN A 219 16.07 -11.42 14.73
N ILE A 220 16.12 -12.75 14.80
CA ILE A 220 15.32 -13.61 13.96
C ILE A 220 14.18 -14.17 14.80
N CYS A 221 12.94 -13.94 14.36
CA CYS A 221 11.78 -14.32 15.15
C CYS A 221 11.20 -15.68 14.79
N ASP A 222 11.44 -16.15 13.56
CA ASP A 222 11.06 -17.49 13.11
C ASP A 222 12.01 -18.50 13.76
N LYS A 223 11.71 -18.84 15.03
CA LYS A 223 12.61 -19.68 15.82
C LYS A 223 12.59 -21.14 15.38
N LEU A 224 11.54 -21.59 14.67
CA LEU A 224 11.63 -22.88 14.01
C LEU A 224 12.80 -22.89 13.04
N ALA A 225 12.88 -21.88 12.18
CA ALA A 225 13.96 -21.85 11.18
C ALA A 225 15.31 -21.72 11.85
N VAL A 226 15.38 -20.99 12.96
CA VAL A 226 16.67 -20.84 13.63
C VAL A 226 17.18 -22.20 14.05
N GLU A 227 16.35 -22.96 14.73
CA GLU A 227 16.84 -24.18 15.34
C GLU A 227 17.00 -25.28 14.31
N GLU A 228 16.09 -25.35 13.32
CA GLU A 228 16.23 -26.37 12.29
C GLU A 228 17.51 -26.18 11.49
N THR A 229 17.85 -24.93 11.13
CA THR A 229 19.06 -24.83 10.35
C THR A 229 20.29 -24.84 11.25
N LYS A 230 20.12 -24.54 12.54
CA LYS A 230 21.23 -24.73 13.47
C LYS A 230 21.63 -26.20 13.53
N GLY A 231 20.64 -27.08 13.68
CA GLY A 231 20.92 -28.50 13.70
C GLY A 231 21.55 -28.99 12.41
N GLU A 232 20.98 -28.61 11.26
CA GLU A 232 21.59 -28.92 9.97
C GLU A 232 23.06 -28.54 9.98
N LEU A 233 23.36 -27.27 10.30
CA LEU A 233 24.74 -26.80 10.23
C LEU A 233 25.64 -27.52 11.24
N LEU A 234 25.12 -27.82 12.43
CA LEU A 234 25.99 -28.41 13.43
C LEU A 234 26.38 -29.82 13.04
N LEU A 235 25.42 -30.58 12.50
CA LEU A 235 25.73 -31.87 11.89
C LEU A 235 26.73 -31.69 10.74
N GLN A 236 26.51 -30.69 9.90
CA GLN A 236 27.42 -30.48 8.76
C GLN A 236 28.84 -30.16 9.22
N LEU A 237 29.00 -29.57 10.40
CA LEU A 237 30.31 -29.18 10.91
C LEU A 237 30.83 -30.15 11.98
N CYS A 238 30.15 -31.28 12.20
CA CYS A 238 30.52 -32.31 13.15
C CYS A 238 30.49 -31.80 14.58
N ARG A 239 29.57 -30.89 14.84
CA ARG A 239 29.28 -30.48 16.21
C ARG A 239 28.10 -31.32 16.69
N LEU A 240 28.42 -32.60 16.90
CA LEU A 240 27.38 -33.60 17.14
C LEU A 240 26.81 -33.47 18.55
N GLU A 241 27.67 -33.14 19.52
CA GLU A 241 27.21 -32.82 20.86
C GLU A 241 26.16 -31.72 20.82
N ASP A 242 26.50 -30.58 20.23
CA ASP A 242 25.57 -29.46 20.19
C ASP A 242 24.37 -29.76 19.28
N ALA A 243 24.55 -30.56 18.22
CA ALA A 243 23.43 -30.95 17.38
C ALA A 243 22.38 -31.72 18.17
N ALA A 244 22.82 -32.64 19.04
CA ALA A 244 21.87 -33.43 19.81
C ALA A 244 21.02 -32.55 20.72
N ASP A 245 21.65 -31.54 21.34
CA ASP A 245 20.88 -30.59 22.14
C ASP A 245 19.83 -29.89 21.29
N VAL A 246 20.25 -29.37 20.11
CA VAL A 246 19.32 -28.67 19.23
C VAL A 246 18.10 -29.57 18.89
N TYR A 247 18.35 -30.80 18.40
CA TYR A 247 17.23 -31.70 18.04
C TYR A 247 16.41 -32.14 19.25
N ARG A 248 17.00 -32.16 20.46
CA ARG A 248 16.16 -32.44 21.63
C ARG A 248 15.19 -31.30 21.89
N GLY A 249 15.65 -30.05 21.75
CA GLY A 249 14.74 -28.93 21.81
C GLY A 249 13.67 -28.99 20.74
N LEU A 250 14.09 -29.30 19.50
CA LEU A 250 13.13 -29.40 18.41
C LEU A 250 12.07 -30.45 18.71
N GLN A 251 12.44 -31.60 19.30
CA GLN A 251 11.45 -32.64 19.49
C GLN A 251 10.48 -32.27 20.59
N GLU A 252 10.93 -31.52 21.60
CA GLU A 252 9.99 -30.91 22.55
C GLU A 252 9.02 -29.98 21.84
N ARG A 253 9.51 -29.17 20.89
CA ARG A 253 8.63 -28.24 20.20
C ARG A 253 7.59 -28.97 19.38
N ASN A 254 7.98 -30.11 18.81
CA ASN A 254 7.06 -30.91 18.01
C ASN A 254 7.53 -32.35 18.06
N PRO A 255 6.99 -33.15 18.99
CA PRO A 255 7.37 -34.55 19.09
C PRO A 255 6.86 -35.42 17.95
N GLU A 256 6.04 -34.88 17.05
CA GLU A 256 5.44 -35.65 15.96
C GLU A 256 6.01 -35.26 14.61
N ASN A 257 7.27 -34.88 14.59
CA ASN A 257 7.97 -34.54 13.36
C ASN A 257 9.13 -35.54 13.21
N TRP A 258 8.98 -36.46 12.25
CA TRP A 258 10.00 -37.50 11.99
C TRP A 258 11.40 -36.91 11.89
N ALA A 259 11.53 -35.76 11.25
CA ALA A 259 12.85 -35.25 10.94
C ALA A 259 13.72 -35.13 12.19
N TYR A 260 13.12 -34.81 13.34
CA TYR A 260 13.98 -34.57 14.50
C TYR A 260 14.46 -35.87 15.12
N TYR A 261 13.71 -36.96 14.94
CA TYR A 261 14.24 -38.27 15.31
C TYR A 261 15.39 -38.70 14.39
N LYS A 262 15.38 -38.33 13.10
CA LYS A 262 16.53 -38.72 12.31
C LYS A 262 17.72 -37.83 12.61
N GLY A 263 17.48 -36.57 12.96
CA GLY A 263 18.57 -35.71 13.41
C GLY A 263 19.27 -36.27 14.63
N LEU A 264 18.50 -36.83 15.57
CA LEU A 264 19.10 -37.39 16.77
C LEU A 264 19.92 -38.62 16.44
N GLU A 265 19.37 -39.51 15.60
CA GLU A 265 20.17 -40.65 15.17
C GLU A 265 21.46 -40.20 14.48
N LYS A 266 21.42 -39.09 13.73
CA LYS A 266 22.63 -38.58 13.11
C LYS A 266 23.59 -37.99 14.14
N ALA A 267 23.06 -37.40 15.22
CA ALA A 267 23.92 -36.79 16.23
C ALA A 267 24.51 -37.86 17.16
N LEU A 268 23.69 -38.79 17.61
CA LEU A 268 24.11 -39.74 18.64
C LEU A 268 24.78 -40.97 18.03
N LYS A 269 24.44 -41.33 16.80
CA LYS A 269 25.03 -42.45 16.10
C LYS A 269 24.93 -43.73 16.92
N PRO A 270 23.73 -44.23 17.16
CA PRO A 270 23.59 -45.45 17.99
C PRO A 270 24.21 -46.64 17.28
N ALA A 271 24.99 -47.43 18.02
CA ALA A 271 25.79 -48.49 17.42
C ALA A 271 24.96 -49.71 17.06
N ASN A 272 24.00 -50.08 17.89
CA ASN A 272 23.21 -51.29 17.74
C ASN A 272 21.72 -50.96 17.71
N MET A 273 20.91 -51.99 17.48
CA MET A 273 19.46 -51.78 17.34
C MET A 273 18.83 -51.31 18.64
N LEU A 274 19.38 -51.70 19.79
CA LEU A 274 18.81 -51.28 21.06
C LEU A 274 19.29 -49.89 21.50
N GLU A 275 20.54 -49.52 21.22
CA GLU A 275 20.96 -48.14 21.49
C GLU A 275 20.11 -47.14 20.73
N ARG A 276 19.61 -47.55 19.56
CA ARG A 276 18.77 -46.69 18.74
C ARG A 276 17.36 -46.60 19.30
N LEU A 277 16.85 -47.70 19.83
CA LEU A 277 15.54 -47.70 20.47
C LEU A 277 15.53 -46.82 21.73
N LYS A 278 16.68 -46.67 22.40
CA LYS A 278 16.74 -45.81 23.58
C LYS A 278 16.28 -44.40 23.25
N ILE A 279 16.63 -43.89 22.07
CA ILE A 279 16.20 -42.56 21.64
C ILE A 279 14.67 -42.45 21.70
N TYR A 280 13.96 -43.52 21.31
CA TYR A 280 12.51 -43.40 21.25
C TYR A 280 11.87 -43.71 22.60
N GLU A 281 12.39 -44.71 23.31
CA GLU A 281 12.02 -44.92 24.70
C GLU A 281 11.96 -43.61 25.46
N GLU A 282 13.05 -42.83 25.41
CA GLU A 282 13.11 -41.61 26.19
C GLU A 282 12.04 -40.63 25.75
N ALA A 283 11.72 -40.63 24.45
CA ALA A 283 10.66 -39.77 23.94
C ALA A 283 9.29 -40.17 24.49
N TRP A 284 8.95 -41.48 24.48
CA TRP A 284 7.71 -41.95 25.14
C TRP A 284 7.57 -41.37 26.54
N THR A 285 8.50 -41.72 27.43
CA THR A 285 8.35 -41.29 28.82
C THR A 285 8.35 -39.78 28.94
N LYS A 286 8.95 -39.06 27.97
CA LYS A 286 8.87 -37.61 28.06
C LYS A 286 7.58 -37.09 27.41
N TYR A 287 7.13 -37.72 26.32
CA TYR A 287 5.95 -37.29 25.57
C TYR A 287 5.01 -38.48 25.48
N PRO A 288 4.31 -38.82 26.57
CA PRO A 288 3.50 -40.05 26.58
C PRO A 288 2.33 -39.99 25.64
N ARG A 289 1.82 -38.79 25.39
CA ARG A 289 0.72 -38.60 24.46
C ARG A 289 1.16 -38.86 23.01
N GLY A 290 2.44 -38.64 22.71
CA GLY A 290 2.90 -38.72 21.33
C GLY A 290 2.75 -40.13 20.77
N LEU A 291 2.39 -40.20 19.49
CA LEU A 291 2.28 -41.47 18.79
C LEU A 291 3.45 -41.74 17.84
N VAL A 292 4.05 -40.69 17.27
CA VAL A 292 5.18 -40.91 16.40
C VAL A 292 6.34 -41.65 17.06
N PRO A 293 6.78 -41.28 18.28
CA PRO A 293 7.88 -42.07 18.89
C PRO A 293 7.53 -43.52 19.14
N ARG A 294 6.25 -43.86 19.31
CA ARG A 294 5.85 -45.24 19.54
C ARG A 294 5.58 -46.01 18.26
N ARG A 295 5.60 -45.37 17.10
CA ARG A 295 5.35 -46.02 15.82
C ARG A 295 6.62 -46.30 15.03
N LEU A 296 7.55 -45.34 15.00
CA LEU A 296 8.72 -45.46 14.17
C LEU A 296 9.64 -46.63 14.51
N PRO A 297 9.80 -47.05 15.77
CA PRO A 297 10.66 -48.23 16.02
C PRO A 297 10.12 -49.50 15.41
N LEU A 298 8.83 -49.55 15.08
CA LEU A 298 8.32 -50.72 14.41
C LEU A 298 8.97 -50.91 13.05
N ASN A 299 9.56 -49.86 12.49
CA ASN A 299 10.16 -49.96 11.17
C ASN A 299 11.53 -50.63 11.21
N PHE A 300 12.27 -50.48 12.30
CA PHE A 300 13.61 -51.05 12.39
C PHE A 300 13.77 -52.15 13.43
N LEU A 301 12.83 -52.28 14.35
CA LEU A 301 12.93 -53.38 15.29
C LEU A 301 12.60 -54.70 14.61
N SER A 302 13.08 -55.78 15.22
CA SER A 302 12.82 -57.12 14.74
C SER A 302 13.01 -58.09 15.90
N GLY A 303 12.60 -59.34 15.67
CA GLY A 303 12.71 -60.29 16.75
C GLY A 303 11.69 -59.99 17.84
N GLU A 304 12.10 -60.24 19.09
CA GLU A 304 11.14 -60.17 20.18
C GLU A 304 10.95 -58.75 20.69
N LYS A 305 11.89 -57.85 20.43
CA LYS A 305 11.64 -56.44 20.72
C LYS A 305 10.58 -55.87 19.78
N PHE A 306 10.51 -56.36 18.54
CA PHE A 306 9.44 -55.93 17.64
C PHE A 306 8.07 -56.29 18.20
N LYS A 307 7.90 -57.53 18.67
CA LYS A 307 6.55 -57.87 19.10
C LYS A 307 6.20 -57.21 20.42
N GLU A 308 7.19 -56.96 21.29
CA GLU A 308 6.88 -56.28 22.54
C GLU A 308 6.35 -54.88 22.28
N CYS A 309 7.00 -54.13 21.38
CA CYS A 309 6.53 -52.80 21.00
C CYS A 309 5.19 -52.88 20.28
N LEU A 310 5.06 -53.82 19.37
CA LEU A 310 3.82 -53.97 18.64
C LEU A 310 2.70 -54.24 19.64
N ASP A 311 3.02 -55.03 20.66
CA ASP A 311 2.04 -55.38 21.69
C ASP A 311 1.59 -54.13 22.44
N LYS A 312 2.53 -53.25 22.75
CA LYS A 312 2.21 -52.00 23.43
C LYS A 312 1.42 -51.07 22.51
N PHE A 313 1.81 -51.03 21.24
CA PHE A 313 1.20 -50.14 20.26
C PHE A 313 -0.25 -50.51 19.96
N LEU A 314 -0.50 -51.80 19.68
CA LEU A 314 -1.85 -52.23 19.32
C LEU A 314 -2.81 -52.19 20.52
N ARG A 315 -2.31 -52.52 21.70
CA ARG A 315 -3.16 -52.47 22.89
C ARG A 315 -3.63 -51.06 23.13
N MET A 316 -2.69 -50.12 23.08
CA MET A 316 -3.02 -48.72 23.21
C MET A 316 -4.10 -48.30 22.20
N ASN A 317 -3.87 -48.64 20.92
CA ASN A 317 -4.73 -48.15 19.86
C ASN A 317 -6.08 -48.83 19.86
N PHE A 318 -6.13 -50.12 20.24
CA PHE A 318 -7.41 -50.82 20.28
C PHE A 318 -8.25 -50.41 21.48
N SER A 319 -7.61 -50.05 22.60
CA SER A 319 -8.37 -49.55 23.74
C SER A 319 -8.87 -48.14 23.47
N LYS A 320 -8.06 -47.28 22.86
CA LYS A 320 -8.49 -45.93 22.53
C LYS A 320 -9.44 -45.89 21.35
N GLY A 321 -9.56 -47.02 20.65
CA GLY A 321 -10.46 -47.17 19.52
C GLY A 321 -10.24 -46.31 18.30
N CYS A 322 -9.01 -45.84 18.07
CA CYS A 322 -8.77 -45.02 16.89
C CYS A 322 -8.78 -45.88 15.62
N PRO A 323 -9.36 -45.35 14.55
CA PRO A 323 -9.50 -46.08 13.28
C PRO A 323 -8.19 -46.40 12.58
N PRO A 324 -7.30 -45.42 12.38
CA PRO A 324 -6.25 -45.64 11.36
C PRO A 324 -5.07 -46.50 11.81
N VAL A 325 -5.28 -47.45 12.73
CA VAL A 325 -4.18 -48.30 13.16
C VAL A 325 -3.62 -49.10 12.00
N PHE A 326 -4.50 -49.73 11.22
CA PHE A 326 -4.00 -50.51 10.09
C PHE A 326 -3.26 -49.61 9.11
N ASN A 327 -3.77 -48.40 8.86
CA ASN A 327 -3.15 -47.50 7.91
C ASN A 327 -1.72 -47.16 8.31
N THR A 328 -1.49 -46.96 9.62
CA THR A 328 -0.15 -46.61 10.09
C THR A 328 0.87 -47.72 9.87
N LEU A 329 0.42 -48.98 9.79
CA LEU A 329 1.33 -50.12 9.75
C LEU A 329 1.46 -50.74 8.36
N ARG A 330 0.83 -50.15 7.34
CA ARG A 330 0.85 -50.79 6.02
C ARG A 330 2.26 -50.92 5.46
N SER A 331 3.18 -50.03 5.84
CA SER A 331 4.55 -50.16 5.34
C SER A 331 5.25 -51.37 5.93
N LEU A 332 4.86 -51.79 7.14
CA LEU A 332 5.38 -53.03 7.70
C LEU A 332 4.91 -54.24 6.92
N TYR A 333 3.84 -54.12 6.14
CA TYR A 333 3.34 -55.28 5.42
C TYR A 333 4.21 -55.68 4.25
N LYS A 334 5.22 -54.89 3.90
CA LYS A 334 6.19 -55.35 2.92
C LYS A 334 7.11 -56.43 3.47
N ASP A 335 7.17 -56.56 4.80
CA ASP A 335 7.99 -57.55 5.49
C ASP A 335 7.11 -58.79 5.74
N LYS A 336 7.34 -59.86 4.97
CA LYS A 336 6.48 -61.04 5.05
C LYS A 336 6.46 -61.64 6.46
N GLU A 337 7.54 -61.42 7.24
CA GLU A 337 7.66 -62.04 8.54
C GLU A 337 6.91 -61.24 9.61
N LYS A 338 7.09 -59.92 9.63
CA LYS A 338 6.34 -59.07 10.56
C LYS A 338 4.83 -59.30 10.44
N VAL A 339 4.34 -59.59 9.23
CA VAL A 339 2.90 -59.78 9.05
C VAL A 339 2.40 -60.98 9.84
N ALA A 340 3.20 -62.05 9.91
CA ALA A 340 2.84 -63.22 10.72
C ALA A 340 2.83 -62.88 12.21
N ILE A 341 3.82 -62.12 12.68
CA ILE A 341 3.79 -61.67 14.08
C ILE A 341 2.52 -60.86 14.35
N ILE A 342 2.16 -59.96 13.42
CA ILE A 342 0.90 -59.22 13.54
C ILE A 342 -0.27 -60.18 13.56
N GLU A 343 -0.35 -61.08 12.57
CA GLU A 343 -1.52 -61.95 12.43
C GLU A 343 -1.68 -62.87 13.64
N GLU A 344 -0.59 -63.47 14.10
CA GLU A 344 -0.68 -64.33 15.27
C GLU A 344 -1.11 -63.55 16.51
N LEU A 345 -0.72 -62.27 16.58
CA LEU A 345 -0.96 -61.49 17.78
C LEU A 345 -2.38 -60.92 17.81
N VAL A 346 -2.84 -60.34 16.70
CA VAL A 346 -4.16 -59.74 16.67
C VAL A 346 -5.24 -60.81 16.66
N VAL A 347 -4.95 -61.91 15.98
CA VAL A 347 -5.87 -63.05 15.92
C VAL A 347 -6.02 -63.59 17.34
N GLY A 348 -4.90 -63.63 18.06
CA GLY A 348 -4.86 -64.08 19.44
C GLY A 348 -5.68 -63.14 20.32
N TYR A 349 -5.57 -61.85 20.03
CA TYR A 349 -6.31 -60.84 20.77
C TYR A 349 -7.80 -61.09 20.63
N GLU A 350 -8.25 -61.46 19.42
CA GLU A 350 -9.68 -61.68 19.25
C GLU A 350 -10.13 -62.95 19.98
N THR A 351 -9.43 -64.07 19.75
CA THR A 351 -9.81 -65.31 20.43
C THR A 351 -9.74 -65.15 21.94
N SER A 352 -8.74 -64.40 22.44
CA SER A 352 -8.68 -64.15 23.88
C SER A 352 -9.84 -63.26 24.34
N LEU A 353 -10.17 -62.21 23.55
CA LEU A 353 -11.17 -61.25 24.01
C LEU A 353 -12.57 -61.86 24.12
N LYS A 354 -12.85 -62.93 23.37
CA LYS A 354 -14.18 -63.51 23.43
C LYS A 354 -14.32 -64.49 24.59
N SER A 355 -13.28 -65.28 24.87
CA SER A 355 -13.29 -66.15 26.04
C SER A 355 -13.34 -65.35 27.34
N CYS A 356 -12.74 -64.16 27.36
CA CYS A 356 -12.57 -63.32 28.55
C CYS A 356 -12.11 -61.93 28.11
N ARG A 357 -12.85 -60.88 28.45
CA ARG A 357 -12.64 -59.59 27.80
C ARG A 357 -11.33 -58.92 28.24
N LEU A 358 -10.24 -59.63 27.96
CA LEU A 358 -8.88 -59.21 28.28
C LEU A 358 -8.01 -59.55 27.07
N PHE A 359 -7.04 -58.68 26.79
CA PHE A 359 -6.17 -58.84 25.61
C PHE A 359 -5.43 -60.18 25.61
N ASN A 360 -4.93 -60.59 26.78
CA ASN A 360 -4.34 -61.90 27.02
C ASN A 360 -4.94 -62.44 28.31
N PRO A 361 -5.20 -63.75 28.39
CA PRO A 361 -5.81 -64.29 29.63
C PRO A 361 -5.07 -63.93 30.90
N ASN A 362 -3.76 -63.73 30.83
CA ASN A 362 -2.96 -63.43 32.01
C ASN A 362 -2.92 -61.95 32.36
N ASP A 363 -3.60 -61.09 31.61
CA ASP A 363 -3.55 -59.67 31.91
C ASP A 363 -4.24 -59.40 33.25
N ASP A 364 -3.75 -58.39 33.96
CA ASP A 364 -4.32 -58.05 35.27
C ASP A 364 -5.38 -56.97 35.17
N GLY A 365 -5.27 -56.08 34.19
CA GLY A 365 -6.11 -54.90 34.12
C GLY A 365 -7.58 -55.22 34.03
N LYS A 366 -8.39 -54.19 34.30
CA LYS A 366 -9.84 -54.34 34.29
C LYS A 366 -10.30 -54.82 32.90
N GLU A 367 -11.52 -55.36 32.87
CA GLU A 367 -12.03 -55.94 31.65
C GLU A 367 -12.22 -54.86 30.59
N GLU A 368 -11.87 -55.19 29.35
CA GLU A 368 -12.00 -54.25 28.25
C GLU A 368 -13.45 -54.22 27.76
N PRO A 369 -13.96 -53.04 27.41
CA PRO A 369 -15.36 -52.94 26.96
C PRO A 369 -15.57 -53.66 25.65
N PRO A 370 -16.82 -53.84 25.21
CA PRO A 370 -17.04 -54.53 23.94
C PRO A 370 -16.42 -53.85 22.73
N THR A 371 -16.19 -52.53 22.78
CA THR A 371 -15.62 -51.80 21.64
C THR A 371 -14.22 -52.31 21.28
N THR A 372 -13.42 -52.71 22.27
CA THR A 372 -12.05 -53.13 22.03
C THR A 372 -12.01 -54.29 21.05
N LEU A 373 -12.96 -55.23 21.17
CA LEU A 373 -12.98 -56.36 20.25
C LEU A 373 -13.39 -55.93 18.84
N LEU A 374 -14.28 -54.95 18.72
CA LEU A 374 -14.67 -54.49 17.40
C LEU A 374 -13.48 -53.94 16.64
N TRP A 375 -12.55 -53.29 17.35
CA TRP A 375 -11.43 -52.65 16.69
C TRP A 375 -10.40 -53.67 16.20
N VAL A 376 -10.25 -54.80 16.89
CA VAL A 376 -9.37 -55.84 16.36
C VAL A 376 -10.03 -56.53 15.19
N GLN A 377 -11.34 -56.75 15.25
CA GLN A 377 -12.07 -57.25 14.08
C GLN A 377 -12.00 -56.27 12.92
N TYR A 378 -12.03 -54.97 13.22
CA TYR A 378 -11.86 -53.98 12.16
C TYR A 378 -10.45 -54.04 11.58
N TYR A 379 -9.45 -54.28 12.43
CA TYR A 379 -8.09 -54.43 11.93
C TYR A 379 -7.98 -55.65 11.03
N LEU A 380 -8.34 -56.83 11.56
CA LEU A 380 -8.18 -58.06 10.81
C LEU A 380 -8.96 -58.04 9.50
N ALA A 381 -10.11 -57.37 9.47
CA ALA A 381 -10.78 -57.13 8.19
C ALA A 381 -9.82 -56.48 7.19
N GLN A 382 -9.15 -55.41 7.62
CA GLN A 382 -8.19 -54.76 6.75
C GLN A 382 -6.97 -55.63 6.51
N HIS A 383 -6.58 -56.42 7.51
CA HIS A 383 -5.39 -57.25 7.41
C HIS A 383 -5.57 -58.36 6.36
N TYR A 384 -6.70 -59.09 6.44
CA TYR A 384 -6.94 -60.13 5.47
C TYR A 384 -7.26 -59.59 4.08
N ASP A 385 -7.74 -58.35 3.98
CA ASP A 385 -7.85 -57.71 2.67
C ASP A 385 -6.49 -57.53 2.04
N LYS A 386 -5.52 -57.03 2.80
CA LYS A 386 -4.20 -56.76 2.24
C LYS A 386 -3.49 -58.05 1.86
N ILE A 387 -3.63 -59.10 2.68
CA ILE A 387 -3.07 -60.42 2.42
C ILE A 387 -3.61 -61.05 1.14
N GLY A 388 -4.68 -60.52 0.58
CA GLY A 388 -5.26 -61.13 -0.61
C GLY A 388 -6.27 -62.22 -0.35
N GLN A 389 -6.80 -62.30 0.87
CA GLN A 389 -7.84 -63.24 1.23
C GLN A 389 -9.17 -62.51 1.37
N PRO A 390 -9.88 -62.27 0.27
CA PRO A 390 -11.11 -61.45 0.36
C PRO A 390 -12.17 -62.03 1.26
N SER A 391 -12.50 -63.30 1.07
CA SER A 391 -13.61 -63.89 1.82
C SER A 391 -13.31 -63.91 3.31
N ILE A 392 -12.09 -64.25 3.68
CA ILE A 392 -11.72 -64.26 5.10
C ILE A 392 -11.87 -62.86 5.69
N ALA A 393 -11.47 -61.84 4.93
CA ALA A 393 -11.62 -60.46 5.37
C ALA A 393 -13.08 -60.05 5.41
N LEU A 394 -13.86 -60.54 4.46
CA LEU A 394 -15.25 -60.12 4.32
C LEU A 394 -16.12 -60.71 5.43
N GLU A 395 -15.70 -61.80 6.06
CA GLU A 395 -16.47 -62.32 7.17
C GLU A 395 -16.25 -61.47 8.42
N TYR A 396 -15.02 -61.00 8.62
CA TYR A 396 -14.73 -60.16 9.77
C TYR A 396 -15.53 -58.85 9.72
N ILE A 397 -15.57 -58.19 8.55
CA ILE A 397 -16.26 -56.92 8.44
C ILE A 397 -17.76 -57.10 8.65
N ASN A 398 -18.29 -58.27 8.29
CA ASN A 398 -19.71 -58.50 8.40
C ASN A 398 -20.12 -58.80 9.83
N THR A 399 -19.27 -59.51 10.59
CA THR A 399 -19.57 -59.68 12.01
C THR A 399 -19.62 -58.32 12.70
N ALA A 400 -18.68 -57.45 12.36
CA ALA A 400 -18.57 -56.15 12.99
C ALA A 400 -19.69 -55.19 12.54
N ILE A 401 -20.14 -55.30 11.30
CA ILE A 401 -21.27 -54.46 10.90
C ILE A 401 -22.51 -54.84 11.69
N GLU A 402 -22.67 -56.14 11.96
CA GLU A 402 -23.81 -56.61 12.74
C GLU A 402 -23.74 -56.16 14.20
N SER A 403 -22.53 -55.99 14.75
CA SER A 403 -22.44 -55.56 16.14
C SER A 403 -22.68 -54.06 16.29
N THR A 404 -22.05 -53.23 15.47
CA THR A 404 -22.25 -51.78 15.53
C THR A 404 -22.59 -51.26 14.13
N PRO A 405 -23.87 -51.30 13.74
CA PRO A 405 -24.26 -50.85 12.39
C PRO A 405 -24.14 -49.37 12.16
N THR A 406 -23.56 -48.62 13.11
CA THR A 406 -23.49 -47.17 13.09
C THR A 406 -22.11 -46.61 12.74
N LEU A 407 -21.07 -47.44 12.75
CA LEU A 407 -19.71 -46.93 12.59
C LEU A 407 -19.36 -46.95 11.10
N ILE A 408 -19.18 -45.75 10.53
CA ILE A 408 -19.12 -45.61 9.07
C ILE A 408 -17.86 -46.28 8.51
N GLU A 409 -16.82 -46.39 9.32
CA GLU A 409 -15.55 -46.92 8.83
C GLU A 409 -15.69 -48.35 8.32
N LEU A 410 -16.55 -49.16 8.95
CA LEU A 410 -16.71 -50.54 8.47
C LEU A 410 -17.31 -50.58 7.09
N PHE A 411 -18.14 -49.61 6.72
CA PHE A 411 -18.67 -49.62 5.37
C PHE A 411 -17.62 -49.20 4.34
N LEU A 412 -16.67 -48.33 4.71
CA LEU A 412 -15.60 -48.00 3.78
C LEU A 412 -14.68 -49.19 3.54
N VAL A 413 -14.27 -49.85 4.61
CA VAL A 413 -13.39 -51.01 4.45
C VAL A 413 -14.09 -52.12 3.69
N LYS A 414 -15.38 -52.32 3.97
CA LYS A 414 -16.11 -53.30 3.19
C LYS A 414 -16.10 -52.94 1.72
N ALA A 415 -16.19 -51.64 1.41
CA ALA A 415 -16.09 -51.21 0.02
C ALA A 415 -14.68 -51.46 -0.52
N LYS A 416 -13.66 -51.13 0.27
CA LYS A 416 -12.28 -51.38 -0.14
C LYS A 416 -12.08 -52.86 -0.44
N ILE A 417 -12.70 -53.74 0.35
CA ILE A 417 -12.56 -55.18 0.11
C ILE A 417 -13.04 -55.51 -1.28
N TYR A 418 -14.31 -55.17 -1.55
CA TYR A 418 -14.91 -55.49 -2.84
C TYR A 418 -14.17 -54.82 -3.99
N LYS A 419 -13.57 -53.65 -3.75
CA LYS A 419 -12.72 -53.07 -4.78
C LYS A 419 -11.50 -53.95 -5.02
N HIS A 420 -10.72 -54.17 -3.97
CA HIS A 420 -9.53 -55.01 -4.06
C HIS A 420 -9.84 -56.38 -4.63
N ALA A 421 -11.06 -56.87 -4.43
CA ALA A 421 -11.46 -58.16 -4.99
C ALA A 421 -11.99 -58.05 -6.41
N GLY A 422 -11.84 -56.88 -7.04
CA GLY A 422 -12.30 -56.72 -8.40
C GLY A 422 -13.80 -56.64 -8.60
N ASN A 423 -14.55 -56.19 -7.60
CA ASN A 423 -16.00 -55.96 -7.76
C ASN A 423 -16.32 -54.52 -7.36
N ILE A 424 -15.99 -53.59 -8.26
CA ILE A 424 -16.24 -52.20 -7.91
C ILE A 424 -17.73 -51.88 -7.89
N LYS A 425 -18.54 -52.53 -8.73
CA LYS A 425 -19.96 -52.25 -8.68
C LYS A 425 -20.51 -52.51 -7.28
N GLU A 426 -20.12 -53.62 -6.67
CA GLU A 426 -20.49 -53.85 -5.29
C GLU A 426 -19.88 -52.78 -4.37
N ALA A 427 -18.57 -52.53 -4.50
CA ALA A 427 -17.91 -51.53 -3.65
C ALA A 427 -18.66 -50.20 -3.67
N ALA A 428 -19.15 -49.81 -4.85
CA ALA A 428 -19.86 -48.55 -5.00
C ALA A 428 -21.11 -48.51 -4.13
N ARG A 429 -21.87 -49.62 -4.08
CA ARG A 429 -23.09 -49.58 -3.30
C ARG A 429 -22.78 -49.47 -1.80
N TRP A 430 -21.63 -49.99 -1.35
CA TRP A 430 -21.31 -49.84 0.07
C TRP A 430 -20.87 -48.42 0.39
N MET A 431 -20.23 -47.73 -0.56
CA MET A 431 -19.95 -46.31 -0.34
C MET A 431 -21.24 -45.50 -0.27
N ASP A 432 -22.19 -45.76 -1.19
CA ASP A 432 -23.50 -45.10 -1.12
C ASP A 432 -24.11 -45.27 0.25
N GLU A 433 -24.04 -46.47 0.82
CA GLU A 433 -24.47 -46.72 2.18
C GLU A 433 -23.71 -45.82 3.16
N ALA A 434 -22.39 -46.00 3.24
CA ALA A 434 -21.58 -45.16 4.12
C ALA A 434 -21.90 -43.68 3.95
N GLN A 435 -22.08 -43.24 2.70
CA GLN A 435 -22.31 -41.83 2.44
C GLN A 435 -23.61 -41.36 3.08
N ALA A 436 -24.67 -42.17 2.99
CA ALA A 436 -25.95 -41.80 3.59
C ALA A 436 -25.93 -41.85 5.13
N LEU A 437 -24.87 -42.37 5.74
CA LEU A 437 -24.81 -42.44 7.20
C LEU A 437 -24.36 -41.12 7.81
N ASP A 438 -23.60 -40.29 7.05
CA ASP A 438 -23.24 -38.93 7.45
C ASP A 438 -23.33 -38.01 6.23
N THR A 439 -24.56 -37.60 5.90
CA THR A 439 -24.80 -36.62 4.86
C THR A 439 -23.89 -35.40 4.97
N ALA A 440 -23.32 -35.15 6.13
CA ALA A 440 -22.62 -33.91 6.36
C ALA A 440 -21.15 -33.96 5.98
N ASP A 441 -20.57 -35.15 5.82
CA ASP A 441 -19.13 -35.33 5.68
C ASP A 441 -18.75 -35.41 4.20
N ARG A 442 -18.09 -34.37 3.70
CA ARG A 442 -17.70 -34.40 2.29
C ARG A 442 -16.65 -35.48 1.99
N PHE A 443 -15.77 -35.77 2.95
CA PHE A 443 -14.76 -36.79 2.70
C PHE A 443 -15.41 -38.12 2.32
N ILE A 444 -16.49 -38.48 3.00
CA ILE A 444 -17.20 -39.69 2.58
C ILE A 444 -17.83 -39.47 1.22
N ASN A 445 -18.44 -38.30 1.02
CA ASN A 445 -19.08 -37.99 -0.27
C ASN A 445 -18.12 -38.18 -1.43
N SER A 446 -16.89 -37.66 -1.29
CA SER A 446 -15.91 -37.76 -2.36
C SER A 446 -15.57 -39.20 -2.68
N LYS A 447 -15.34 -40.03 -1.65
CA LYS A 447 -15.01 -41.43 -1.90
C LYS A 447 -16.17 -42.14 -2.60
N CYS A 448 -17.40 -41.84 -2.21
CA CYS A 448 -18.53 -42.38 -2.93
C CYS A 448 -18.48 -41.94 -4.39
N ALA A 449 -18.36 -40.62 -4.62
CA ALA A 449 -18.26 -40.10 -5.98
C ALA A 449 -17.12 -40.76 -6.75
N LYS A 450 -15.95 -40.90 -6.11
CA LYS A 450 -14.81 -41.57 -6.73
C LYS A 450 -15.15 -43.01 -7.13
N TYR A 451 -15.71 -43.79 -6.20
CA TYR A 451 -16.05 -45.18 -6.51
C TYR A 451 -17.12 -45.24 -7.59
N MET A 452 -18.08 -44.31 -7.57
CA MET A 452 -19.09 -44.30 -8.61
C MET A 452 -18.46 -43.97 -9.95
N LEU A 453 -17.51 -43.03 -9.96
CA LEU A 453 -16.75 -42.73 -11.18
C LEU A 453 -16.09 -43.99 -11.70
N LYS A 454 -15.22 -44.59 -10.90
CA LYS A 454 -14.52 -45.80 -11.33
C LYS A 454 -15.50 -46.88 -11.82
N ALA A 455 -16.74 -46.89 -11.32
CA ALA A 455 -17.76 -47.81 -11.79
C ALA A 455 -18.49 -47.31 -13.04
N ASN A 456 -17.98 -46.24 -13.66
CA ASN A 456 -18.52 -45.67 -14.91
C ASN A 456 -19.96 -45.20 -14.74
N LEU A 457 -20.33 -44.83 -13.51
CA LEU A 457 -21.64 -44.19 -13.28
C LEU A 457 -21.42 -42.68 -13.12
N ILE A 458 -21.10 -42.06 -14.26
CA ILE A 458 -20.57 -40.71 -14.24
C ILE A 458 -21.66 -39.72 -13.85
N LYS A 459 -22.86 -39.87 -14.41
CA LYS A 459 -23.93 -38.95 -14.05
C LYS A 459 -24.35 -39.12 -12.60
N GLU A 460 -24.24 -40.34 -12.05
CA GLU A 460 -24.58 -40.56 -10.65
C GLU A 460 -23.56 -39.91 -9.74
N ALA A 461 -22.30 -39.89 -10.17
CA ALA A 461 -21.24 -39.24 -9.39
C ALA A 461 -21.42 -37.72 -9.36
N GLU A 462 -21.85 -37.15 -10.48
CA GLU A 462 -22.10 -35.71 -10.51
C GLU A 462 -23.16 -35.32 -9.48
N GLU A 463 -24.27 -36.06 -9.44
CA GLU A 463 -25.34 -35.73 -8.50
C GLU A 463 -24.86 -35.90 -7.06
N MET A 464 -23.97 -36.86 -6.81
CA MET A 464 -23.45 -37.07 -5.46
C MET A 464 -22.54 -35.92 -5.04
N CYS A 465 -21.59 -35.55 -5.91
CA CYS A 465 -20.76 -34.38 -5.65
C CYS A 465 -21.60 -33.13 -5.49
N SER A 466 -22.72 -33.04 -6.21
CA SER A 466 -23.54 -31.84 -6.19
C SER A 466 -24.02 -31.49 -4.78
N LYS A 467 -24.04 -32.47 -3.87
CA LYS A 467 -24.42 -32.24 -2.47
C LYS A 467 -23.46 -31.29 -1.75
N PHE A 468 -22.26 -31.06 -2.31
CA PHE A 468 -21.30 -30.13 -1.72
C PHE A 468 -20.87 -29.04 -2.70
N THR A 469 -21.38 -29.08 -3.93
CA THR A 469 -21.06 -28.11 -4.95
C THR A 469 -21.88 -26.83 -4.78
N ARG A 470 -21.26 -25.69 -5.12
CA ARG A 470 -21.90 -24.39 -5.09
C ARG A 470 -23.26 -24.42 -5.77
N GLU A 471 -24.27 -23.83 -5.11
CA GLU A 471 -25.64 -23.97 -5.57
C GLU A 471 -25.94 -23.20 -6.85
N GLY A 472 -25.05 -22.28 -7.25
CA GLY A 472 -25.31 -21.51 -8.45
C GLY A 472 -25.35 -22.36 -9.71
N THR A 473 -24.31 -23.15 -9.94
CA THR A 473 -24.14 -23.84 -11.21
C THR A 473 -24.08 -25.35 -11.01
N SER A 474 -23.89 -26.06 -12.12
CA SER A 474 -23.81 -27.51 -12.10
C SER A 474 -22.54 -27.98 -11.42
N ALA A 475 -22.49 -29.27 -11.13
CA ALA A 475 -21.41 -29.75 -10.29
C ALA A 475 -20.10 -29.84 -11.07
N VAL A 476 -20.14 -30.32 -12.33
CA VAL A 476 -18.89 -30.44 -13.06
C VAL A 476 -18.23 -29.08 -13.25
N GLU A 477 -19.04 -28.04 -13.53
CA GLU A 477 -18.50 -26.71 -13.81
C GLU A 477 -17.90 -26.06 -12.58
N ASN A 478 -18.48 -26.33 -11.40
CA ASN A 478 -17.90 -25.81 -10.16
C ASN A 478 -16.63 -26.57 -9.77
N LEU A 479 -16.60 -27.87 -10.02
CA LEU A 479 -15.38 -28.61 -9.72
C LEU A 479 -14.23 -28.10 -10.57
N ASN A 480 -14.53 -27.75 -11.83
CA ASN A 480 -13.50 -27.15 -12.67
C ASN A 480 -13.18 -25.72 -12.23
N GLU A 481 -14.19 -24.98 -11.76
CA GLU A 481 -13.94 -23.67 -11.18
C GLU A 481 -12.99 -23.76 -9.99
N MET A 482 -13.00 -24.88 -9.24
CA MET A 482 -12.23 -24.99 -8.01
C MET A 482 -10.99 -25.84 -8.18
N GLN A 483 -10.60 -26.11 -9.43
CA GLN A 483 -9.36 -26.82 -9.75
C GLN A 483 -9.32 -28.21 -9.10
N CYS A 484 -10.47 -28.88 -9.08
CA CYS A 484 -10.60 -30.21 -8.51
C CYS A 484 -10.09 -31.23 -9.54
N MET A 485 -8.82 -31.60 -9.41
CA MET A 485 -8.20 -32.53 -10.35
C MET A 485 -8.43 -33.99 -9.99
N TRP A 486 -8.70 -34.31 -8.72
CA TRP A 486 -9.05 -35.70 -8.40
C TRP A 486 -10.32 -36.11 -9.12
N PHE A 487 -11.32 -35.21 -9.19
CA PHE A 487 -12.56 -35.53 -9.89
C PHE A 487 -12.34 -35.59 -11.39
N GLN A 488 -11.57 -34.65 -11.95
CA GLN A 488 -11.40 -34.60 -13.40
C GLN A 488 -10.50 -35.74 -13.88
N THR A 489 -9.44 -36.07 -13.13
CA THR A 489 -8.63 -37.22 -13.54
C THR A 489 -9.43 -38.50 -13.46
N GLU A 490 -10.12 -38.73 -12.33
CA GLU A 490 -10.93 -39.94 -12.18
C GLU A 490 -12.05 -39.99 -13.22
N CYS A 491 -12.53 -38.82 -13.63
CA CYS A 491 -13.53 -38.75 -14.68
C CYS A 491 -12.92 -39.09 -16.03
N ALA A 492 -11.72 -38.58 -16.31
CA ALA A 492 -11.07 -38.92 -17.58
C ALA A 492 -10.84 -40.42 -17.70
N GLN A 493 -10.49 -41.08 -16.60
CA GLN A 493 -10.35 -42.53 -16.69
C GLN A 493 -11.68 -43.19 -16.98
N ALA A 494 -12.75 -42.73 -16.34
CA ALA A 494 -14.06 -43.32 -16.57
C ALA A 494 -14.48 -43.12 -18.03
N TYR A 495 -14.33 -41.90 -18.54
CA TYR A 495 -14.68 -41.63 -19.93
C TYR A 495 -13.83 -42.48 -20.88
N LYS A 496 -12.57 -42.71 -20.51
CA LYS A 496 -11.72 -43.55 -21.34
C LYS A 496 -12.11 -45.03 -21.21
N ALA A 497 -12.65 -45.43 -20.05
CA ALA A 497 -13.06 -46.82 -19.90
C ALA A 497 -14.28 -47.16 -20.74
N MET A 498 -15.10 -46.17 -21.10
CA MET A 498 -16.31 -46.38 -21.88
C MET A 498 -16.14 -46.00 -23.35
N ASN A 499 -14.89 -45.83 -23.81
CA ASN A 499 -14.60 -45.42 -25.19
C ASN A 499 -15.27 -44.11 -25.55
N LYS A 500 -15.44 -43.23 -24.56
CA LYS A 500 -15.82 -41.83 -24.78
C LYS A 500 -14.56 -40.96 -24.77
N PHE A 501 -13.70 -41.22 -25.78
CA PHE A 501 -12.39 -40.58 -25.85
C PHE A 501 -12.50 -39.06 -25.91
N GLY A 502 -13.50 -38.54 -26.62
CA GLY A 502 -13.67 -37.11 -26.71
C GLY A 502 -13.81 -36.46 -25.34
N GLU A 503 -14.77 -36.94 -24.54
CA GLU A 503 -15.05 -36.34 -23.24
C GLU A 503 -13.87 -36.49 -22.28
N ALA A 504 -13.18 -37.65 -22.33
CA ALA A 504 -11.97 -37.82 -21.54
C ALA A 504 -10.93 -36.78 -21.89
N LEU A 505 -10.65 -36.61 -23.19
CA LEU A 505 -9.68 -35.62 -23.61
C LEU A 505 -10.08 -34.22 -23.13
N LYS A 506 -11.37 -33.92 -23.11
CA LYS A 506 -11.82 -32.66 -22.54
C LYS A 506 -11.36 -32.53 -21.08
N LYS A 507 -11.45 -33.62 -20.31
CA LYS A 507 -11.03 -33.54 -18.92
C LYS A 507 -9.52 -33.45 -18.81
N CYS A 508 -8.80 -34.25 -19.60
CA CYS A 508 -7.33 -34.17 -19.64
C CYS A 508 -6.88 -32.75 -19.94
N HIS A 509 -7.56 -32.09 -20.87
CA HIS A 509 -7.14 -30.74 -21.26
C HIS A 509 -7.49 -29.71 -20.19
N GLU A 510 -8.60 -29.92 -19.47
CA GLU A 510 -8.95 -28.99 -18.39
C GLU A 510 -7.93 -29.08 -17.25
N ILE A 511 -7.32 -30.25 -17.06
CA ILE A 511 -6.26 -30.36 -16.06
C ILE A 511 -5.04 -29.55 -16.50
N GLU A 512 -4.70 -29.59 -17.79
CA GLU A 512 -3.59 -28.79 -18.24
C GLU A 512 -3.88 -27.30 -18.06
N ARG A 513 -5.12 -26.89 -18.36
CA ARG A 513 -5.50 -25.50 -18.14
C ARG A 513 -5.27 -25.06 -16.69
N HIS A 514 -5.39 -26.00 -15.75
CA HIS A 514 -5.12 -25.67 -14.36
C HIS A 514 -3.65 -25.39 -14.14
N PHE A 515 -2.79 -26.24 -14.71
CA PHE A 515 -1.35 -26.04 -14.54
C PHE A 515 -0.88 -24.78 -15.25
N ILE A 516 -1.45 -24.45 -16.41
CA ILE A 516 -1.23 -23.13 -16.99
C ILE A 516 -1.63 -22.05 -16.00
N GLU A 517 -2.82 -22.17 -15.43
CA GLU A 517 -3.28 -21.12 -14.53
C GLU A 517 -2.36 -20.98 -13.34
N ILE A 518 -1.97 -22.12 -12.75
CA ILE A 518 -1.12 -22.06 -11.56
C ILE A 518 0.26 -21.52 -11.90
N THR A 519 0.80 -21.92 -13.07
CA THR A 519 2.05 -21.34 -13.56
C THR A 519 1.96 -19.81 -13.67
N ASP A 520 0.84 -19.27 -14.15
CA ASP A 520 0.68 -17.83 -14.22
C ASP A 520 0.48 -17.18 -12.86
N ASP A 521 0.05 -17.94 -11.84
CA ASP A 521 -0.29 -17.36 -10.55
C ASP A 521 0.92 -16.78 -9.84
N GLN A 522 2.14 -17.03 -10.32
CA GLN A 522 3.34 -16.48 -9.69
C GLN A 522 3.51 -14.99 -9.96
N PHE A 523 2.91 -14.49 -11.05
CA PHE A 523 3.21 -13.16 -11.58
C PHE A 523 3.05 -12.06 -10.53
N ASP A 524 1.94 -12.08 -9.78
CA ASP A 524 1.70 -11.01 -8.81
C ASP A 524 2.65 -11.03 -7.60
N PHE A 525 3.32 -12.14 -7.29
CA PHE A 525 4.17 -12.18 -6.12
C PHE A 525 5.57 -11.71 -6.42
N HIS A 526 5.92 -11.59 -7.69
CA HIS A 526 7.19 -10.98 -8.09
C HIS A 526 7.40 -9.64 -7.40
N THR A 527 6.39 -8.75 -7.43
CA THR A 527 6.54 -7.47 -6.77
C THR A 527 6.13 -7.55 -5.31
N TYR A 528 5.05 -8.26 -5.03
CA TYR A 528 4.54 -8.39 -3.67
C TYR A 528 5.64 -8.82 -2.71
N CYS A 529 6.41 -9.85 -3.08
CA CYS A 529 7.40 -10.40 -2.17
C CYS A 529 8.59 -9.47 -2.01
N MET A 530 8.75 -8.47 -2.88
CA MET A 530 9.80 -7.49 -2.64
C MET A 530 9.41 -6.48 -1.56
N ARG A 531 8.12 -6.15 -1.42
CA ARG A 531 7.70 -5.34 -0.30
C ARG A 531 7.57 -6.16 0.99
N LYS A 532 7.30 -7.47 0.86
CA LYS A 532 7.09 -8.31 2.03
C LYS A 532 8.36 -8.97 2.54
N ILE A 533 9.40 -9.06 1.71
CA ILE A 533 10.71 -9.65 2.00
C ILE A 533 10.57 -11.09 2.48
N THR A 534 9.50 -11.76 2.05
CA THR A 534 9.36 -13.21 2.22
C THR A 534 10.13 -13.92 1.10
N LEU A 535 11.45 -13.79 1.16
CA LEU A 535 12.28 -14.15 0.02
C LEU A 535 12.50 -15.68 -0.10
N ARG A 536 12.76 -16.35 1.03
CA ARG A 536 12.84 -17.82 1.05
C ARG A 536 11.64 -18.46 0.35
N SER A 537 10.43 -18.09 0.78
CA SER A 537 9.23 -18.65 0.17
C SER A 537 9.07 -18.18 -1.26
N TYR A 538 9.50 -16.94 -1.54
CA TYR A 538 9.42 -16.45 -2.91
C TYR A 538 10.26 -17.30 -3.85
N VAL A 539 11.55 -17.51 -3.51
CA VAL A 539 12.40 -18.35 -4.35
C VAL A 539 11.92 -19.81 -4.34
N ASP A 540 11.35 -20.26 -3.22
CA ASP A 540 10.74 -21.57 -3.18
C ASP A 540 9.64 -21.70 -4.21
N LEU A 541 8.80 -20.66 -4.33
CA LEU A 541 7.73 -20.69 -5.31
C LEU A 541 8.28 -20.64 -6.73
N LEU A 542 9.27 -19.76 -6.98
CA LEU A 542 9.92 -19.73 -8.29
C LEU A 542 10.47 -21.10 -8.66
N LYS A 543 11.16 -21.76 -7.71
CA LYS A 543 11.67 -23.10 -7.97
C LYS A 543 10.53 -24.10 -8.14
N LEU A 544 9.46 -23.97 -7.33
CA LEU A 544 8.27 -24.82 -7.52
C LEU A 544 7.74 -24.72 -8.95
N GLU A 545 7.51 -23.50 -9.42
CA GLU A 545 6.89 -23.30 -10.73
C GLU A 545 7.73 -23.89 -11.85
N ASP A 546 9.07 -23.87 -11.71
CA ASP A 546 9.97 -24.41 -12.72
C ASP A 546 9.79 -25.90 -12.92
N VAL A 547 9.20 -26.62 -11.96
CA VAL A 547 9.01 -28.06 -12.06
C VAL A 547 7.55 -28.40 -11.74
N LEU A 548 6.68 -27.39 -11.82
CA LEU A 548 5.27 -27.55 -11.40
C LEU A 548 4.64 -28.82 -11.97
N ARG A 549 4.79 -29.04 -13.30
CA ARG A 549 4.11 -30.21 -13.87
C ARG A 549 4.75 -31.60 -13.41
N GLN A 550 5.67 -31.61 -12.43
CA GLN A 550 6.09 -32.86 -11.79
C GLN A 550 4.98 -33.51 -11.00
N HIS A 551 3.89 -32.78 -10.75
CA HIS A 551 2.89 -33.24 -9.81
C HIS A 551 2.21 -34.50 -10.34
N PRO A 552 1.76 -35.39 -9.44
CA PRO A 552 1.04 -36.59 -9.89
C PRO A 552 -0.18 -36.31 -10.77
N PHE A 553 -0.94 -35.25 -10.49
CA PHE A 553 -2.11 -34.93 -11.31
C PHE A 553 -1.74 -34.73 -12.78
N TYR A 554 -0.67 -33.97 -13.06
CA TYR A 554 -0.31 -33.78 -14.46
C TYR A 554 -0.04 -35.12 -15.12
N PHE A 555 0.80 -35.95 -14.48
CA PHE A 555 1.15 -37.23 -15.07
C PHE A 555 -0.09 -38.09 -15.28
N LYS A 556 -0.99 -38.13 -14.28
CA LYS A 556 -2.20 -38.94 -14.40
C LYS A 556 -3.01 -38.50 -15.63
N ALA A 557 -3.17 -37.19 -15.82
CA ALA A 557 -3.87 -36.68 -16.98
C ALA A 557 -3.10 -36.99 -18.27
N ALA A 558 -1.81 -36.67 -18.29
CA ALA A 558 -1.01 -36.83 -19.50
C ALA A 558 -1.00 -38.27 -19.96
N ARG A 559 -0.92 -39.21 -19.01
CA ARG A 559 -0.99 -40.63 -19.36
C ARG A 559 -2.26 -40.94 -20.14
N ILE A 560 -3.41 -40.53 -19.60
CA ILE A 560 -4.69 -40.83 -20.22
C ILE A 560 -4.75 -40.24 -21.63
N ALA A 561 -4.35 -38.96 -21.76
CA ALA A 561 -4.35 -38.33 -23.08
C ALA A 561 -3.43 -39.07 -24.05
N ILE A 562 -2.22 -39.42 -23.60
CA ILE A 562 -1.29 -40.07 -24.52
C ILE A 562 -1.83 -41.44 -24.96
N GLU A 563 -2.52 -42.14 -24.05
CA GLU A 563 -3.11 -43.42 -24.43
C GLU A 563 -4.17 -43.23 -25.50
N ILE A 564 -5.02 -42.22 -25.33
CA ILE A 564 -6.13 -42.01 -26.25
C ILE A 564 -5.60 -41.55 -27.61
N TYR A 565 -4.64 -40.63 -27.61
CA TYR A 565 -4.10 -40.13 -28.87
C TYR A 565 -3.39 -41.23 -29.64
N LEU A 566 -2.84 -42.23 -28.96
CA LEU A 566 -2.27 -43.38 -29.65
C LEU A 566 -3.36 -44.31 -30.16
N LYS A 567 -4.40 -44.54 -29.36
CA LYS A 567 -5.49 -45.39 -29.83
C LYS A 567 -6.29 -44.71 -30.94
N LEU A 568 -6.32 -43.37 -30.94
CA LEU A 568 -6.96 -42.62 -32.02
C LEU A 568 -6.11 -42.53 -33.28
N HIS A 569 -4.80 -42.65 -33.15
CA HIS A 569 -3.93 -42.71 -34.32
C HIS A 569 -3.98 -44.10 -34.97
N ASP A 570 -4.04 -45.15 -34.14
CA ASP A 570 -4.13 -46.51 -34.69
C ASP A 570 -5.43 -46.71 -35.45
N ASN A 571 -6.56 -46.24 -34.91
CA ASN A 571 -7.86 -46.40 -35.54
C ASN A 571 -8.72 -45.16 -35.28
N PRO A 572 -8.77 -44.21 -36.24
CA PRO A 572 -9.50 -42.95 -36.08
C PRO A 572 -11.02 -43.08 -36.33
N GLU A 640 -12.91 -20.09 -23.15
CA GLU A 640 -12.76 -20.80 -24.41
C GLU A 640 -13.33 -22.23 -24.30
N GLU A 641 -13.47 -22.91 -25.44
CA GLU A 641 -14.32 -24.08 -25.61
C GLU A 641 -13.49 -25.30 -25.96
N LEU A 642 -13.55 -26.31 -25.11
CA LEU A 642 -13.08 -27.64 -25.47
C LEU A 642 -14.33 -28.48 -25.70
N ILE A 643 -14.55 -28.88 -26.95
CA ILE A 643 -15.69 -29.72 -27.31
C ILE A 643 -15.18 -31.14 -27.47
N PRO A 644 -15.75 -32.13 -26.76
CA PRO A 644 -15.26 -33.51 -26.89
C PRO A 644 -15.18 -33.97 -28.34
N GLU A 645 -16.21 -33.66 -29.12
CA GLU A 645 -16.27 -34.12 -30.50
C GLU A 645 -15.07 -33.60 -31.30
N LYS A 646 -14.82 -32.29 -31.21
CA LYS A 646 -13.72 -31.67 -31.96
C LYS A 646 -12.37 -32.19 -31.47
N LEU A 647 -12.25 -32.50 -30.17
CA LEU A 647 -10.93 -32.88 -29.65
C LEU A 647 -10.57 -34.29 -30.09
N ALA A 648 -11.55 -35.19 -30.18
CA ALA A 648 -11.28 -36.49 -30.74
C ALA A 648 -11.02 -36.45 -32.25
N LYS A 649 -11.42 -35.40 -32.94
CA LYS A 649 -11.30 -35.32 -34.38
C LYS A 649 -9.88 -34.98 -34.86
N VAL A 650 -8.95 -34.72 -33.92
CA VAL A 650 -7.72 -33.99 -34.27
C VAL A 650 -6.99 -34.70 -35.40
N GLU A 651 -6.58 -33.91 -36.40
CA GLU A 651 -5.97 -34.44 -37.62
C GLU A 651 -4.59 -35.02 -37.37
N THR A 652 -3.86 -34.42 -36.41
CA THR A 652 -2.53 -34.87 -36.00
C THR A 652 -2.63 -35.34 -34.55
N PRO A 653 -3.02 -36.59 -34.32
CA PRO A 653 -3.14 -37.05 -32.93
C PRO A 653 -1.79 -37.21 -32.25
N LEU A 654 -0.79 -37.77 -32.95
CA LEU A 654 0.53 -37.96 -32.37
C LEU A 654 1.18 -36.63 -32.00
N GLU A 655 0.89 -35.56 -32.74
CA GLU A 655 1.47 -34.27 -32.39
C GLU A 655 0.91 -33.75 -31.07
N GLU A 656 -0.40 -33.89 -30.87
CA GLU A 656 -0.99 -33.46 -29.60
C GLU A 656 -0.46 -34.28 -28.44
N ALA A 657 -0.24 -35.59 -28.67
CA ALA A 657 0.38 -36.42 -27.65
C ALA A 657 1.78 -35.92 -27.30
N ILE A 658 2.53 -35.47 -28.32
CA ILE A 658 3.86 -34.91 -28.09
C ILE A 658 3.79 -33.73 -27.12
N LYS A 659 2.83 -32.81 -27.32
CA LYS A 659 2.68 -31.67 -26.42
C LYS A 659 2.45 -32.15 -24.98
N PHE A 660 1.66 -33.20 -24.78
CA PHE A 660 1.47 -33.73 -23.43
C PHE A 660 2.74 -34.38 -22.89
N LEU A 661 3.52 -35.00 -23.77
CA LEU A 661 4.71 -35.72 -23.33
C LEU A 661 5.87 -34.77 -23.00
N THR A 662 5.93 -33.60 -23.65
CA THR A 662 7.10 -32.73 -23.48
C THR A 662 7.38 -32.38 -22.02
N PRO A 663 6.42 -31.92 -21.21
CA PRO A 663 6.75 -31.69 -19.80
C PRO A 663 7.24 -32.93 -19.09
N LEU A 664 6.71 -34.12 -19.41
CA LEU A 664 7.21 -35.34 -18.78
C LEU A 664 8.67 -35.59 -19.12
N LYS A 665 9.04 -35.36 -20.39
CA LYS A 665 10.41 -35.63 -20.82
C LYS A 665 11.41 -34.73 -20.08
N ASN A 666 10.97 -33.54 -19.65
CA ASN A 666 11.84 -32.61 -18.95
C ASN A 666 11.80 -32.82 -17.43
N LEU A 667 10.61 -32.98 -16.89
CA LEU A 667 10.44 -32.92 -15.44
C LEU A 667 10.19 -34.27 -14.80
N VAL A 668 9.94 -35.32 -15.58
CA VAL A 668 9.61 -36.62 -14.99
C VAL A 668 10.48 -37.69 -15.61
N LYS A 669 11.79 -37.45 -15.64
CA LYS A 669 12.74 -38.48 -16.09
C LYS A 669 12.87 -39.61 -15.09
N ASN A 670 12.36 -39.44 -13.87
CA ASN A 670 12.26 -40.52 -12.88
C ASN A 670 11.61 -41.76 -13.48
N LYS A 671 10.43 -41.61 -14.08
CA LYS A 671 9.52 -42.73 -14.30
C LYS A 671 9.78 -43.46 -15.61
N ILE A 672 9.69 -44.79 -15.59
CA ILE A 672 9.96 -45.53 -16.82
C ILE A 672 8.88 -45.27 -17.85
N GLU A 673 7.65 -45.02 -17.40
CA GLU A 673 6.54 -44.79 -18.32
C GLU A 673 6.80 -43.61 -19.24
N THR A 674 7.44 -42.55 -18.75
CA THR A 674 7.60 -41.39 -19.61
C THR A 674 8.45 -41.72 -20.83
N HIS A 675 9.28 -42.75 -20.74
CA HIS A 675 10.13 -43.14 -21.86
C HIS A 675 9.47 -44.22 -22.73
N LEU A 676 8.75 -45.15 -22.11
CA LEU A 676 7.97 -46.12 -22.88
C LEU A 676 6.88 -45.43 -23.70
N PHE A 677 6.13 -44.49 -23.11
CA PHE A 677 5.16 -43.72 -23.87
C PHE A 677 5.84 -42.97 -25.03
N ALA A 678 6.85 -42.16 -24.71
CA ALA A 678 7.65 -41.51 -25.75
C ALA A 678 8.03 -42.48 -26.86
N PHE A 679 8.38 -43.71 -26.50
CA PHE A 679 8.72 -44.69 -27.53
C PHE A 679 7.55 -44.94 -28.46
N GLU A 680 6.34 -45.10 -27.90
CA GLU A 680 5.17 -45.39 -28.72
C GLU A 680 4.87 -44.24 -29.68
N ILE A 681 5.06 -42.99 -29.24
CA ILE A 681 4.79 -41.86 -30.13
C ILE A 681 5.79 -41.86 -31.28
N TYR A 682 7.06 -42.09 -30.98
CA TYR A 682 8.10 -42.03 -32.02
C TYR A 682 8.12 -43.30 -32.88
N PHE A 683 7.63 -44.42 -32.34
CA PHE A 683 7.53 -45.65 -33.13
C PHE A 683 6.54 -45.50 -34.27
N ARG A 684 5.36 -44.97 -33.97
CA ARG A 684 4.37 -44.68 -35.02
C ARG A 684 4.81 -43.51 -35.90
N LYS A 685 5.58 -42.58 -35.34
CA LYS A 685 6.08 -41.39 -36.05
C LYS A 685 7.37 -41.65 -36.84
N GLU A 686 7.71 -42.93 -37.07
CA GLU A 686 8.88 -43.40 -37.82
C GLU A 686 10.26 -42.99 -37.28
N LYS A 687 10.32 -42.01 -36.38
CA LYS A 687 11.60 -41.41 -36.00
C LYS A 687 12.50 -42.39 -35.24
N PHE A 688 13.43 -43.04 -35.96
CA PHE A 688 14.26 -44.11 -35.39
C PHE A 688 15.34 -43.57 -34.45
N LEU A 689 15.76 -42.32 -34.64
CA LEU A 689 16.72 -41.72 -33.71
C LEU A 689 16.07 -41.46 -32.36
N LEU A 690 14.88 -40.82 -32.37
CA LEU A 690 14.14 -40.63 -31.14
C LEU A 690 13.67 -41.96 -30.54
N MET A 691 13.38 -42.95 -31.39
CA MET A 691 12.97 -44.26 -30.89
C MET A 691 14.08 -44.91 -30.07
N LEU A 692 15.33 -44.68 -30.47
CA LEU A 692 16.47 -45.26 -29.75
C LEU A 692 16.72 -44.52 -28.44
N GLN A 693 16.55 -43.19 -28.45
CA GLN A 693 16.72 -42.39 -27.24
C GLN A 693 15.78 -42.85 -26.14
N SER A 694 14.54 -43.20 -26.50
CA SER A 694 13.53 -43.55 -25.52
C SER A 694 13.79 -44.95 -24.92
N VAL A 695 14.19 -45.91 -25.75
CA VAL A 695 14.42 -47.26 -25.25
C VAL A 695 15.58 -47.28 -24.27
N LYS A 696 16.58 -46.40 -24.47
CA LYS A 696 17.79 -46.47 -23.65
C LYS A 696 17.52 -45.93 -22.25
N ARG A 697 16.93 -44.73 -22.17
CA ARG A 697 16.61 -44.15 -20.87
C ARG A 697 15.67 -45.05 -20.07
N ALA A 698 14.81 -45.80 -20.76
CA ALA A 698 13.98 -46.80 -20.08
C ALA A 698 14.84 -47.95 -19.56
N PHE A 699 15.77 -48.42 -20.40
CA PHE A 699 16.65 -49.51 -20.02
C PHE A 699 17.51 -49.15 -18.82
N ALA A 700 17.88 -47.87 -18.69
CA ALA A 700 18.63 -47.41 -17.53
C ALA A 700 17.84 -47.56 -16.24
N ILE A 701 16.51 -47.43 -16.31
CA ILE A 701 15.70 -47.46 -15.09
C ILE A 701 15.40 -48.90 -14.66
N ASP A 702 14.93 -49.74 -15.59
CA ASP A 702 14.68 -51.16 -15.30
C ASP A 702 14.97 -51.96 -16.57
N SER A 703 16.08 -52.71 -16.57
CA SER A 703 16.45 -53.47 -17.76
C SER A 703 15.47 -54.58 -18.10
N SER A 704 14.69 -55.06 -17.11
CA SER A 704 13.83 -56.22 -17.28
C SER A 704 12.35 -55.87 -17.32
N HIS A 705 12.02 -54.60 -17.54
CA HIS A 705 10.63 -54.17 -17.52
C HIS A 705 9.85 -54.81 -18.66
N PRO A 706 8.67 -55.40 -18.39
CA PRO A 706 7.95 -56.13 -19.43
C PRO A 706 7.46 -55.25 -20.58
N TRP A 707 7.07 -54.02 -20.29
CA TRP A 707 6.68 -53.14 -21.39
C TRP A 707 7.90 -52.71 -22.19
N LEU A 708 9.00 -52.39 -21.50
CA LEU A 708 10.25 -52.05 -22.19
C LEU A 708 10.72 -53.19 -23.08
N HIS A 709 10.50 -54.45 -22.65
CA HIS A 709 10.87 -55.61 -23.48
C HIS A 709 10.06 -55.62 -24.77
N GLU A 710 8.74 -55.43 -24.67
CA GLU A 710 7.92 -55.39 -25.87
C GLU A 710 8.36 -54.27 -26.80
N CYS A 711 8.96 -53.21 -26.25
CA CYS A 711 9.37 -52.06 -27.05
C CYS A 711 10.67 -52.29 -27.80
N MET A 712 11.61 -53.03 -27.19
CA MET A 712 12.85 -53.34 -27.89
C MET A 712 12.62 -54.32 -29.04
N ILE A 713 11.82 -55.37 -28.80
CA ILE A 713 11.53 -56.35 -29.84
C ILE A 713 10.85 -55.70 -31.05
N ARG A 714 10.05 -54.66 -30.83
CA ARG A 714 9.47 -53.95 -31.95
C ARG A 714 10.46 -53.01 -32.65
N LEU A 715 11.43 -52.44 -31.92
CA LEU A 715 12.46 -51.63 -32.58
C LEU A 715 13.48 -52.50 -33.31
N PHE A 716 13.89 -53.62 -32.69
CA PHE A 716 14.91 -54.47 -33.28
C PHE A 716 14.52 -54.94 -34.68
N ASN A 717 13.25 -55.30 -34.86
CA ASN A 717 12.86 -55.95 -36.11
C ASN A 717 12.44 -54.98 -37.20
N THR A 718 11.73 -53.89 -36.88
CA THR A 718 11.46 -52.92 -37.94
C THR A 718 12.72 -52.26 -38.47
N ALA A 719 13.86 -52.42 -37.78
CA ALA A 719 15.15 -52.09 -38.37
C ALA A 719 15.60 -53.16 -39.34
N VAL A 720 15.50 -54.43 -38.95
CA VAL A 720 15.97 -55.54 -39.79
C VAL A 720 15.03 -55.78 -40.96
N CYS A 721 13.72 -55.57 -40.77
CA CYS A 721 12.71 -56.08 -41.69
C CYS A 721 12.43 -55.18 -42.88
N GLU A 722 12.18 -53.88 -42.68
CA GLU A 722 11.76 -53.05 -43.80
C GLU A 722 12.04 -51.58 -43.53
N SER A 723 11.97 -50.79 -44.60
CA SER A 723 11.94 -49.32 -44.58
C SER A 723 13.17 -48.74 -43.85
N LYS A 724 14.35 -49.00 -44.42
CA LYS A 724 15.59 -48.42 -43.90
C LYS A 724 15.58 -46.91 -44.04
N ASP A 725 15.42 -46.42 -45.27
CA ASP A 725 15.16 -45.01 -45.59
C ASP A 725 16.01 -44.02 -44.80
N LEU A 726 17.25 -44.41 -44.46
CA LEU A 726 18.15 -43.55 -43.71
C LEU A 726 19.57 -43.93 -44.08
N SER A 727 20.52 -43.08 -43.67
CA SER A 727 21.93 -43.37 -43.91
C SER A 727 22.28 -44.74 -43.36
N ASP A 728 23.08 -45.50 -44.13
CA ASP A 728 23.49 -46.83 -43.70
C ASP A 728 24.10 -46.81 -42.29
N THR A 729 24.58 -45.65 -41.84
CA THR A 729 25.04 -45.52 -40.46
C THR A 729 23.87 -45.57 -39.48
N VAL A 730 22.78 -44.85 -39.78
CA VAL A 730 21.58 -44.92 -38.94
C VAL A 730 21.00 -46.34 -38.97
N ARG A 731 21.13 -47.02 -40.11
CA ARG A 731 20.65 -48.41 -40.24
C ARG A 731 21.56 -49.39 -39.50
N THR A 732 22.86 -49.09 -39.41
CA THR A 732 23.80 -49.97 -38.72
C THR A 732 24.05 -49.57 -37.27
N VAL A 733 23.85 -48.29 -36.92
CA VAL A 733 24.00 -47.88 -35.53
C VAL A 733 23.08 -48.69 -34.62
N LEU A 734 21.84 -48.92 -35.07
CA LEU A 734 20.94 -49.76 -34.31
C LEU A 734 21.41 -51.21 -34.26
N LYS A 735 22.12 -51.67 -35.30
CA LYS A 735 22.63 -53.04 -35.30
C LYS A 735 23.78 -53.20 -34.31
N GLN A 736 24.64 -52.17 -34.19
CA GLN A 736 25.72 -52.20 -33.22
C GLN A 736 25.23 -51.92 -31.80
N GLU A 737 24.27 -50.99 -31.67
CA GLU A 737 23.79 -50.58 -30.35
C GLU A 737 22.89 -51.64 -29.72
N MET A 738 22.08 -52.34 -30.54
CA MET A 738 21.17 -53.37 -30.01
C MET A 738 21.86 -54.70 -29.80
N ASN A 739 22.84 -55.06 -30.64
CA ASN A 739 23.67 -56.24 -30.39
C ASN A 739 24.57 -56.05 -29.17
N ARG A 740 24.86 -54.80 -28.79
CA ARG A 740 25.54 -54.53 -27.53
C ARG A 740 24.59 -54.67 -26.34
N LEU A 741 23.41 -54.08 -26.45
CA LEU A 741 22.40 -54.18 -25.38
C LEU A 741 21.59 -55.48 -25.50
N THR A 745 22.37 -60.09 -30.47
CA THR A 745 22.44 -60.98 -31.63
C THR A 745 21.15 -60.97 -32.47
N ASN A 746 20.19 -61.80 -32.05
CA ASN A 746 18.96 -62.10 -32.78
C ASN A 746 17.73 -61.84 -31.91
N PRO A 747 16.65 -61.30 -32.48
CA PRO A 747 15.47 -60.97 -31.65
C PRO A 747 14.79 -62.16 -31.00
N LYS A 748 14.62 -63.29 -31.72
CA LYS A 748 13.82 -64.39 -31.19
C LYS A 748 14.48 -65.00 -29.95
N ASN A 749 15.79 -65.19 -29.98
CA ASN A 749 16.50 -65.69 -28.81
C ASN A 749 16.68 -64.60 -27.76
N PHE A 750 16.67 -63.33 -28.17
CA PHE A 750 16.62 -62.24 -27.20
C PHE A 750 15.35 -62.34 -26.37
N ASN A 751 14.24 -62.69 -27.00
CA ASN A 751 12.98 -62.88 -26.27
C ASN A 751 13.04 -64.14 -25.40
N GLU A 752 13.56 -65.23 -25.95
CA GLU A 752 13.59 -66.49 -25.21
C GLU A 752 14.42 -66.35 -23.93
N THR A 753 15.53 -65.62 -23.99
CA THR A 753 16.36 -65.43 -22.81
C THR A 753 15.65 -64.57 -21.78
N PHE A 754 14.92 -63.53 -22.21
CA PHE A 754 14.05 -62.80 -21.30
C PHE A 754 13.13 -63.75 -20.55
N LEU A 755 12.32 -64.52 -21.30
CA LEU A 755 11.44 -65.48 -20.65
C LEU A 755 12.24 -66.47 -19.81
N LYS A 756 13.48 -66.77 -20.21
CA LYS A 756 14.32 -67.68 -19.42
C LYS A 756 14.61 -67.11 -18.03
N ARG A 757 15.19 -65.91 -17.99
CA ARG A 757 15.52 -65.29 -16.71
C ARG A 757 14.28 -64.93 -15.90
N ASN A 758 13.17 -64.61 -16.54
CA ASN A 758 11.99 -64.15 -15.83
C ASN A 758 10.79 -65.05 -16.08
N SER A 759 11.00 -66.37 -16.11
CA SER A 759 9.89 -67.30 -16.36
C SER A 759 8.92 -67.33 -15.18
N ASP A 760 9.46 -67.24 -13.97
CA ASP A 760 8.61 -67.28 -12.78
C ASP A 760 7.65 -66.10 -12.73
N SER A 761 8.10 -64.91 -13.13
CA SER A 761 7.24 -63.73 -13.15
C SER A 761 6.24 -63.81 -14.30
N LEU A 762 4.96 -63.41 -14.05
CA LEU A 762 3.96 -63.49 -15.12
C LEU A 762 3.94 -62.22 -15.96
N PRO A 763 3.82 -61.03 -15.37
CA PRO A 763 3.88 -59.80 -16.19
C PRO A 763 5.00 -59.85 -17.23
N HIS A 764 6.17 -60.37 -16.83
CA HIS A 764 7.22 -60.70 -17.78
C HIS A 764 6.79 -61.82 -18.71
N ARG A 765 6.16 -62.87 -18.16
CA ARG A 765 5.80 -64.04 -18.94
C ARG A 765 4.86 -63.68 -20.09
N LEU A 766 3.91 -62.77 -19.83
CA LEU A 766 3.01 -62.34 -20.90
C LEU A 766 3.73 -61.52 -21.95
N SER A 767 4.59 -60.60 -21.52
CA SER A 767 5.32 -59.78 -22.49
C SER A 767 6.13 -60.65 -23.45
N ALA A 768 6.74 -61.72 -22.94
CA ALA A 768 7.32 -62.71 -23.82
C ALA A 768 6.24 -63.34 -24.70
N ALA A 769 5.10 -63.70 -24.11
CA ALA A 769 4.07 -64.44 -24.81
C ALA A 769 3.52 -63.66 -26.02
N LYS A 770 3.12 -62.41 -25.80
CA LYS A 770 2.68 -61.59 -26.93
C LYS A 770 3.81 -61.44 -27.94
N MET A 771 5.04 -61.30 -27.46
CA MET A 771 6.15 -61.06 -28.37
C MET A 771 6.44 -62.28 -29.25
N VAL A 772 6.30 -63.50 -28.71
CA VAL A 772 6.53 -64.68 -29.55
C VAL A 772 5.45 -64.78 -30.62
N TYR A 773 4.24 -64.26 -30.36
CA TYR A 773 3.22 -64.20 -31.41
C TYR A 773 3.54 -63.11 -32.42
N TYR A 774 4.20 -62.04 -31.97
CA TYR A 774 4.66 -61.01 -32.89
C TYR A 774 5.64 -61.57 -33.91
N LEU A 775 6.45 -62.56 -33.49
CA LEU A 775 7.48 -63.12 -34.36
C LEU A 775 6.92 -64.10 -35.38
N ASP A 776 5.91 -64.87 -34.98
CA ASP A 776 5.27 -65.93 -35.75
C ASP A 776 3.85 -66.09 -35.26
N PRO A 777 2.90 -66.42 -36.13
CA PRO A 777 1.61 -66.93 -35.64
C PRO A 777 1.61 -68.42 -35.41
N SER A 778 2.68 -69.12 -35.83
CA SER A 778 2.71 -70.59 -35.82
C SER A 778 2.75 -71.14 -34.40
N SER A 779 3.66 -70.61 -33.57
CA SER A 779 3.71 -70.99 -32.16
C SER A 779 2.80 -70.19 -31.28
N GLN A 780 1.66 -69.76 -31.85
CA GLN A 780 0.60 -69.12 -31.08
C GLN A 780 0.17 -69.99 -29.92
N LYS A 781 0.00 -71.29 -30.20
CA LYS A 781 -0.46 -72.22 -29.17
C LYS A 781 0.51 -72.26 -27.99
N ARG A 782 1.81 -72.20 -28.25
CA ARG A 782 2.78 -72.19 -27.15
C ARG A 782 2.74 -70.85 -26.42
N ALA A 783 2.59 -69.77 -27.16
CA ALA A 783 2.34 -68.48 -26.56
C ALA A 783 1.19 -68.56 -25.55
N ILE A 784 0.09 -69.18 -25.97
CA ILE A 784 -1.09 -69.23 -25.12
C ILE A 784 -0.80 -69.98 -23.84
N GLU A 785 0.00 -71.06 -23.92
CA GLU A 785 0.30 -71.82 -22.71
C GLU A 785 1.27 -71.06 -21.80
N LEU A 786 2.26 -70.35 -22.36
CA LEU A 786 3.18 -69.61 -21.51
C LEU A 786 2.50 -68.40 -20.87
N ALA A 787 1.45 -67.87 -21.49
CA ALA A 787 0.78 -66.71 -20.95
C ALA A 787 -0.25 -67.09 -19.88
N THR A 788 -0.91 -68.24 -20.02
CA THR A 788 -2.01 -68.57 -19.13
C THR A 788 -1.60 -69.49 -17.99
N THR A 789 -0.30 -69.68 -17.75
CA THR A 789 0.20 -70.37 -16.56
C THR A 789 -0.43 -69.75 -15.32
N LEU A 790 -0.98 -70.57 -14.40
CA LEU A 790 -1.53 -70.04 -13.17
C LEU A 790 -1.07 -70.77 -11.92
N ASP A 791 0.00 -71.56 -12.00
CA ASP A 791 0.51 -72.21 -10.80
C ASP A 791 1.06 -71.15 -9.85
N GLU A 792 0.95 -71.42 -8.54
CA GLU A 792 1.40 -70.51 -7.50
C GLU A 792 2.90 -70.32 -7.52
N SER A 793 3.62 -71.17 -8.25
CA SER A 793 5.03 -70.89 -8.55
C SER A 793 5.23 -69.44 -8.98
N LEU A 794 4.28 -68.85 -9.72
CA LEU A 794 4.51 -67.53 -10.31
C LEU A 794 4.66 -66.45 -9.26
N THR A 795 5.61 -65.54 -9.47
CA THR A 795 5.88 -64.55 -8.44
C THR A 795 4.79 -63.49 -8.39
N ASN A 796 4.13 -63.19 -9.51
CA ASN A 796 3.28 -62.00 -9.56
C ASN A 796 1.97 -62.31 -10.25
N ARG A 797 1.29 -63.38 -9.82
CA ARG A 797 0.03 -63.84 -10.41
C ARG A 797 -1.14 -63.32 -9.58
N ASN A 798 -1.59 -62.11 -9.91
CA ASN A 798 -2.59 -61.39 -9.13
C ASN A 798 -3.74 -60.97 -10.03
N LEU A 799 -4.77 -60.34 -9.44
CA LEU A 799 -5.99 -60.01 -10.16
C LEU A 799 -5.71 -59.15 -11.39
N GLN A 800 -4.96 -58.06 -11.21
CA GLN A 800 -4.84 -57.14 -12.35
C GLN A 800 -3.93 -57.67 -13.44
N THR A 801 -2.97 -58.52 -13.10
CA THR A 801 -2.18 -59.13 -14.17
C THR A 801 -3.00 -60.15 -14.96
N CYS A 802 -3.81 -60.96 -14.27
CA CYS A 802 -4.65 -61.93 -14.96
C CYS A 802 -5.71 -61.27 -15.83
N MET A 803 -6.25 -60.13 -15.40
CA MET A 803 -7.05 -59.31 -16.29
C MET A 803 -6.25 -58.84 -17.49
N GLU A 804 -4.94 -58.59 -17.30
CA GLU A 804 -4.07 -58.20 -18.41
C GLU A 804 -3.95 -59.34 -19.43
N VAL A 805 -3.88 -60.58 -18.95
CA VAL A 805 -3.71 -61.73 -19.82
C VAL A 805 -4.98 -62.03 -20.59
N LEU A 806 -6.13 -61.95 -19.93
CA LEU A 806 -7.36 -62.30 -20.65
C LEU A 806 -7.79 -61.17 -21.59
N GLU A 807 -7.61 -59.92 -21.18
CA GLU A 807 -7.76 -58.86 -22.17
C GLU A 807 -6.82 -59.10 -23.33
N ALA A 808 -5.64 -59.67 -23.06
CA ALA A 808 -4.66 -59.95 -24.11
C ALA A 808 -5.13 -61.03 -25.09
N LEU A 809 -6.14 -61.82 -24.72
CA LEU A 809 -6.67 -62.77 -25.68
C LEU A 809 -7.76 -62.15 -26.55
N TYR A 810 -8.74 -61.47 -25.94
CA TYR A 810 -9.64 -60.62 -26.73
C TYR A 810 -8.86 -59.56 -27.51
N ASP A 811 -7.77 -59.04 -26.92
CA ASP A 811 -6.90 -58.02 -27.51
C ASP A 811 -6.75 -58.14 -29.01
N GLY A 812 -6.56 -59.36 -29.50
CA GLY A 812 -6.01 -59.60 -30.81
C GLY A 812 -4.51 -59.75 -30.82
N SER A 813 -3.83 -59.27 -29.77
CA SER A 813 -2.38 -59.42 -29.69
C SER A 813 -2.01 -60.89 -29.57
N LEU A 814 -2.95 -61.73 -29.12
CA LEU A 814 -2.91 -63.17 -29.32
C LEU A 814 -4.08 -63.54 -30.23
N GLY A 815 -3.77 -64.10 -31.40
CA GLY A 815 -4.69 -64.12 -32.53
C GLY A 815 -5.95 -64.93 -32.34
N ASP A 816 -7.03 -64.25 -31.98
CA ASP A 816 -8.35 -64.85 -32.00
C ASP A 816 -8.36 -66.09 -31.11
N CYS A 817 -8.17 -65.87 -29.81
CA CYS A 817 -8.10 -66.98 -28.87
C CYS A 817 -9.37 -67.09 -28.02
N LYS A 818 -10.53 -66.85 -28.66
CA LYS A 818 -11.82 -66.99 -27.98
C LYS A 818 -11.98 -68.39 -27.39
N GLU A 819 -11.29 -69.39 -27.98
CA GLU A 819 -11.25 -70.74 -27.43
C GLU A 819 -10.67 -70.72 -26.01
N ALA A 820 -9.38 -70.36 -25.89
CA ALA A 820 -8.72 -70.34 -24.59
C ALA A 820 -9.21 -69.20 -23.71
N ALA A 821 -9.84 -68.19 -24.29
CA ALA A 821 -10.30 -67.04 -23.51
C ALA A 821 -11.33 -67.47 -22.48
N GLU A 822 -12.30 -68.31 -22.86
CA GLU A 822 -13.29 -68.69 -21.86
C GLU A 822 -12.88 -69.89 -21.02
N ILE A 823 -11.95 -70.73 -21.48
CA ILE A 823 -11.37 -71.61 -20.48
C ILE A 823 -10.48 -70.81 -19.53
N TYR A 824 -10.04 -69.62 -19.96
CA TYR A 824 -9.28 -68.76 -19.05
C TYR A 824 -10.19 -67.95 -18.14
N ARG A 825 -11.27 -67.37 -18.68
CA ARG A 825 -12.19 -66.63 -17.83
C ARG A 825 -12.75 -67.51 -16.72
N ALA A 826 -13.08 -68.76 -17.03
CA ALA A 826 -13.61 -69.68 -16.03
C ALA A 826 -12.52 -70.22 -15.10
N ASN A 827 -11.29 -70.38 -15.60
CA ASN A 827 -10.18 -70.77 -14.74
C ASN A 827 -9.82 -69.64 -13.77
N CYS A 828 -10.07 -68.40 -14.17
CA CYS A 828 -9.79 -67.24 -13.34
C CYS A 828 -10.94 -66.91 -12.39
N HIS A 829 -12.18 -67.21 -12.80
CA HIS A 829 -13.32 -67.09 -11.90
C HIS A 829 -13.15 -67.93 -10.65
N LYS A 830 -12.55 -69.11 -10.76
CA LYS A 830 -12.28 -69.92 -9.58
C LYS A 830 -11.20 -69.30 -8.69
N LEU A 831 -10.33 -68.46 -9.25
CA LEU A 831 -9.25 -67.87 -8.48
C LEU A 831 -9.61 -66.55 -7.81
N PHE A 832 -10.42 -65.72 -8.47
CA PHE A 832 -10.90 -64.45 -7.93
C PHE A 832 -12.41 -64.46 -8.10
N PRO A 833 -13.13 -65.10 -7.18
CA PRO A 833 -14.57 -65.34 -7.39
C PRO A 833 -15.40 -64.06 -7.34
N TYR A 834 -14.85 -62.99 -6.77
CA TYR A 834 -15.50 -61.69 -6.77
C TYR A 834 -15.19 -60.86 -8.01
N ALA A 835 -14.03 -61.05 -8.64
CA ALA A 835 -13.65 -60.26 -9.82
C ALA A 835 -14.71 -60.39 -10.92
N LEU A 836 -15.13 -59.24 -11.50
CA LEU A 836 -16.20 -59.19 -12.50
C LEU A 836 -15.69 -59.56 -13.87
N ALA A 837 -14.46 -59.18 -14.17
CA ALA A 837 -13.85 -59.45 -15.45
C ALA A 837 -13.82 -60.93 -15.79
N PHE A 838 -14.03 -61.80 -14.79
CA PHE A 838 -13.92 -63.25 -14.95
C PHE A 838 -15.22 -64.00 -14.75
N MET A 839 -16.39 -63.30 -14.71
CA MET A 839 -17.58 -64.07 -14.36
C MET A 839 -18.36 -64.50 -15.59
N PRO A 840 -19.13 -65.59 -15.49
CA PRO A 840 -19.86 -66.12 -16.65
C PRO A 840 -20.86 -65.10 -17.18
N PRO A 841 -21.28 -65.23 -18.44
CA PRO A 841 -22.26 -64.32 -19.06
C PRO A 841 -23.65 -64.45 -18.47
N MET B 2 1.50 -39.90 12.38
CA MET B 2 1.54 -38.98 11.25
C MET B 2 2.54 -37.87 11.47
N ASN B 3 3.36 -37.57 10.47
CA ASN B 3 4.28 -36.43 10.48
C ASN B 3 3.53 -35.08 10.56
N ILE B 4 3.87 -34.23 11.53
CA ILE B 4 3.36 -32.87 11.55
C ILE B 4 4.51 -31.92 11.28
N ARG B 5 4.40 -31.12 10.23
CA ARG B 5 5.49 -30.21 9.89
C ARG B 5 4.97 -28.97 9.19
N ASN B 6 5.82 -27.96 9.17
CA ASN B 6 5.46 -26.68 8.59
C ASN B 6 5.28 -26.84 7.09
N ALA B 7 4.19 -26.29 6.56
CA ALA B 7 3.90 -26.45 5.14
C ALA B 7 4.80 -25.54 4.32
N ARG B 8 5.21 -26.04 3.17
CA ARG B 8 6.03 -25.32 2.23
C ARG B 8 5.29 -25.15 0.89
N PRO B 9 5.71 -24.21 0.06
CA PRO B 9 4.99 -23.97 -1.21
C PRO B 9 4.70 -25.21 -2.05
N GLU B 10 5.61 -26.20 -2.15
CA GLU B 10 5.32 -27.45 -2.87
C GLU B 10 4.28 -28.33 -2.15
N ASP B 11 3.80 -27.93 -0.99
CA ASP B 11 2.76 -28.68 -0.31
C ASP B 11 1.36 -28.19 -0.62
N LEU B 12 1.23 -27.01 -1.25
CA LEU B 12 -0.07 -26.35 -1.24
C LEU B 12 -1.08 -27.03 -2.16
N MET B 13 -0.67 -27.48 -3.35
CA MET B 13 -1.58 -28.25 -4.18
C MET B 13 -2.12 -29.47 -3.43
N ASN B 14 -1.24 -30.17 -2.71
CA ASN B 14 -1.69 -31.30 -1.89
C ASN B 14 -2.65 -30.86 -0.79
N MET B 15 -2.35 -29.73 -0.14
CA MET B 15 -3.32 -29.17 0.78
C MET B 15 -4.64 -28.90 0.07
N GLN B 16 -4.58 -28.28 -1.11
CA GLN B 16 -5.80 -27.95 -1.84
C GLN B 16 -6.59 -29.21 -2.14
N HIS B 17 -5.89 -30.31 -2.44
CA HIS B 17 -6.59 -31.57 -2.70
C HIS B 17 -7.29 -32.04 -1.44
N CYS B 18 -6.58 -32.00 -0.32
CA CYS B 18 -7.14 -32.41 0.95
C CYS B 18 -8.38 -31.58 1.27
N ASN B 19 -8.26 -30.26 1.14
CA ASN B 19 -9.38 -29.35 1.34
C ASN B 19 -10.58 -29.77 0.51
N LEU B 20 -10.37 -29.90 -0.80
CA LEU B 20 -11.46 -30.26 -1.70
C LEU B 20 -12.12 -31.57 -1.31
N LEU B 21 -11.35 -32.51 -0.76
CA LEU B 21 -11.98 -33.77 -0.40
C LEU B 21 -12.86 -33.63 0.82
N CYS B 22 -12.53 -32.68 1.70
CA CYS B 22 -12.91 -32.70 3.12
C CYS B 22 -13.93 -31.64 3.52
N LEU B 23 -13.95 -30.51 2.84
CA LEU B 23 -14.65 -29.33 3.30
C LEU B 23 -15.41 -28.67 2.16
N PRO B 24 -16.46 -27.90 2.47
CA PRO B 24 -17.21 -27.25 1.39
C PRO B 24 -16.58 -25.93 0.93
N GLU B 25 -15.84 -25.25 1.81
CA GLU B 25 -15.23 -23.97 1.48
C GLU B 25 -13.89 -24.24 0.81
N ASN B 26 -13.80 -23.93 -0.48
CA ASN B 26 -12.65 -24.21 -1.29
C ASN B 26 -12.05 -22.92 -1.80
N TYR B 27 -10.78 -22.99 -2.18
CA TYR B 27 -10.05 -21.82 -2.65
C TYR B 27 -9.29 -22.17 -3.91
N GLN B 28 -8.90 -21.13 -4.63
CA GLN B 28 -8.02 -21.34 -5.78
C GLN B 28 -6.57 -21.32 -5.31
N MET B 29 -5.72 -21.97 -6.11
CA MET B 29 -4.32 -22.12 -5.73
C MET B 29 -3.69 -20.79 -5.38
N LYS B 30 -4.04 -19.73 -6.14
CA LYS B 30 -3.47 -18.41 -5.87
C LYS B 30 -3.70 -17.97 -4.43
N TYR B 31 -4.87 -18.26 -3.85
CA TYR B 31 -5.09 -17.94 -2.43
C TYR B 31 -4.15 -18.75 -1.54
N TYR B 32 -3.92 -20.03 -1.86
CA TYR B 32 -2.94 -20.81 -1.10
C TYR B 32 -1.54 -20.18 -1.18
N PHE B 33 -1.08 -19.87 -2.40
CA PHE B 33 0.18 -19.13 -2.53
C PHE B 33 0.19 -17.87 -1.68
N TYR B 34 -0.92 -17.12 -1.71
CA TYR B 34 -1.05 -15.92 -0.91
C TYR B 34 -0.70 -16.18 0.55
N HIS B 35 -1.12 -17.33 1.08
CA HIS B 35 -0.79 -17.61 2.48
C HIS B 35 0.68 -17.94 2.62
N GLY B 36 1.18 -18.89 1.81
CA GLY B 36 2.53 -19.39 2.00
C GLY B 36 3.61 -18.36 1.73
N LEU B 37 3.29 -17.31 0.98
CA LEU B 37 4.19 -16.22 0.67
C LEU B 37 3.89 -14.98 1.51
N SER B 38 2.97 -15.08 2.45
CA SER B 38 2.70 -13.99 3.39
C SER B 38 2.97 -14.38 4.84
N TRP B 39 2.61 -15.61 5.21
CA TRP B 39 2.80 -16.08 6.59
C TRP B 39 3.30 -17.51 6.51
N PRO B 40 4.46 -17.69 5.91
CA PRO B 40 4.99 -19.05 5.71
C PRO B 40 5.06 -19.86 7.01
N GLN B 41 5.44 -19.25 8.13
CA GLN B 41 5.57 -19.99 9.37
C GLN B 41 4.25 -20.54 9.89
N LEU B 42 3.11 -20.12 9.34
CA LEU B 42 1.84 -20.33 10.05
C LEU B 42 1.09 -21.60 9.65
N SER B 43 1.25 -22.12 8.44
CA SER B 43 0.48 -23.29 8.02
C SER B 43 1.29 -24.57 8.23
N TYR B 44 0.61 -25.61 8.72
CA TYR B 44 1.23 -26.89 9.04
C TYR B 44 0.45 -28.01 8.35
N ILE B 45 1.11 -29.15 8.13
CA ILE B 45 0.43 -30.28 7.52
C ILE B 45 0.63 -31.54 8.35
N ALA B 46 -0.21 -32.53 8.08
CA ALA B 46 -0.04 -33.87 8.62
C ALA B 46 0.04 -34.82 7.44
N GLU B 47 1.15 -35.55 7.34
CA GLU B 47 1.36 -36.45 6.22
C GLU B 47 1.72 -37.83 6.75
N ASP B 48 1.62 -38.83 5.86
CA ASP B 48 1.76 -40.24 6.20
C ASP B 48 3.05 -40.77 5.61
N GLU B 49 3.24 -42.09 5.71
CA GLU B 49 4.46 -42.73 5.23
C GLU B 49 4.84 -42.26 3.84
N ASN B 50 3.85 -42.01 2.99
CA ASN B 50 4.08 -41.74 1.57
C ASN B 50 3.93 -40.26 1.22
N GLY B 51 4.10 -39.36 2.17
CA GLY B 51 3.95 -37.95 1.87
C GLY B 51 2.59 -37.53 1.39
N LYS B 52 1.54 -38.30 1.73
CA LYS B 52 0.18 -37.93 1.40
C LYS B 52 -0.45 -37.16 2.55
N ILE B 53 -1.07 -36.04 2.25
CA ILE B 53 -1.59 -35.14 3.28
C ILE B 53 -2.89 -35.70 3.83
N VAL B 54 -2.95 -35.91 5.14
CA VAL B 54 -4.18 -36.33 5.80
C VAL B 54 -4.82 -35.21 6.59
N GLY B 55 -4.10 -34.11 6.81
CA GLY B 55 -4.65 -32.95 7.48
C GLY B 55 -3.80 -31.74 7.17
N TYR B 56 -4.36 -30.56 7.42
CA TYR B 56 -3.63 -29.32 7.27
C TYR B 56 -4.27 -28.28 8.17
N VAL B 57 -3.56 -27.19 8.38
CA VAL B 57 -4.15 -25.97 8.91
C VAL B 57 -3.60 -24.83 8.09
N LEU B 58 -4.48 -24.16 7.36
CA LEU B 58 -4.10 -23.00 6.55
C LEU B 58 -4.43 -21.75 7.37
N ALA B 59 -3.41 -20.96 7.70
CA ALA B 59 -3.54 -19.89 8.68
C ALA B 59 -2.83 -18.62 8.21
N LYS B 60 -3.27 -17.50 8.78
CA LYS B 60 -2.82 -16.15 8.43
C LYS B 60 -2.83 -15.29 9.68
N MET B 61 -2.26 -14.09 9.56
CA MET B 61 -2.56 -13.02 10.50
C MET B 61 -3.65 -12.14 9.90
N GLU B 62 -4.53 -11.62 10.76
CA GLU B 62 -5.57 -10.73 10.26
C GLU B 62 -4.93 -9.44 9.76
N GLU B 63 -5.30 -9.05 8.53
CA GLU B 63 -4.58 -8.00 7.83
C GLU B 63 -4.86 -6.61 8.41
N ASP B 64 -6.11 -6.30 8.78
CA ASP B 64 -6.44 -5.04 9.44
C ASP B 64 -7.13 -5.35 10.78
N PRO B 65 -6.38 -5.81 11.77
CA PRO B 65 -7.00 -6.12 13.07
C PRO B 65 -7.69 -4.89 13.65
N ASP B 66 -8.93 -5.08 14.10
CA ASP B 66 -9.67 -4.00 14.74
C ASP B 66 -9.05 -3.61 16.07
N ASP B 67 -8.52 -4.59 16.80
CA ASP B 67 -7.74 -4.41 18.00
C ASP B 67 -6.31 -4.93 17.76
N VAL B 68 -5.74 -5.59 18.78
CA VAL B 68 -4.47 -6.29 18.76
C VAL B 68 -4.21 -7.13 17.51
N PRO B 69 -2.93 -7.44 17.21
CA PRO B 69 -2.65 -8.42 16.15
C PRO B 69 -3.09 -9.81 16.58
N HIS B 70 -3.67 -10.53 15.62
CA HIS B 70 -4.20 -11.85 15.94
C HIS B 70 -4.21 -12.68 14.67
N GLY B 71 -3.99 -13.98 14.86
CA GLY B 71 -4.04 -14.91 13.78
C GLY B 71 -5.46 -15.39 13.49
N HIS B 72 -5.60 -15.96 12.30
CA HIS B 72 -6.90 -16.35 11.78
C HIS B 72 -6.76 -17.66 11.04
N ILE B 73 -7.60 -18.63 11.38
CA ILE B 73 -7.64 -19.93 10.71
C ILE B 73 -8.45 -19.79 9.43
N THR B 74 -7.78 -19.81 8.28
CA THR B 74 -8.53 -19.82 7.03
C THR B 74 -9.22 -21.16 6.80
N SER B 75 -8.55 -22.26 7.12
CA SER B 75 -9.10 -23.58 6.88
C SER B 75 -8.38 -24.60 7.75
N LEU B 76 -9.12 -25.63 8.17
CA LEU B 76 -8.58 -26.73 8.95
C LEU B 76 -9.35 -28.01 8.64
N ALA B 77 -8.63 -29.04 8.18
CA ALA B 77 -9.29 -30.29 7.86
C ALA B 77 -8.43 -31.45 8.30
N VAL B 78 -9.08 -32.52 8.73
CA VAL B 78 -8.45 -33.81 8.97
C VAL B 78 -9.34 -34.87 8.33
N LYS B 79 -8.80 -35.60 7.35
CA LYS B 79 -9.57 -36.69 6.74
C LYS B 79 -10.12 -37.58 7.82
N ARG B 80 -11.40 -37.93 7.71
CA ARG B 80 -12.05 -38.79 8.69
C ARG B 80 -11.31 -40.11 8.86
N SER B 81 -10.62 -40.57 7.80
CA SER B 81 -9.85 -41.81 7.90
C SER B 81 -8.76 -41.70 8.95
N HIS B 82 -8.28 -40.48 9.22
CA HIS B 82 -7.29 -40.23 10.24
C HIS B 82 -7.85 -39.43 11.41
N ARG B 83 -9.18 -39.46 11.58
CA ARG B 83 -9.84 -39.01 12.79
C ARG B 83 -9.26 -39.69 14.02
N ARG B 84 -9.36 -39.01 15.16
CA ARG B 84 -9.17 -39.58 16.49
C ARG B 84 -7.70 -39.83 16.82
N LEU B 85 -6.79 -39.08 16.18
CA LEU B 85 -5.37 -39.10 16.51
C LEU B 85 -4.87 -37.74 16.98
N GLY B 86 -5.78 -36.81 17.26
CA GLY B 86 -5.37 -35.54 17.81
C GLY B 86 -4.70 -34.60 16.84
N LEU B 87 -4.78 -34.85 15.53
CA LEU B 87 -4.01 -34.01 14.62
C LEU B 87 -4.54 -32.58 14.61
N ALA B 88 -5.86 -32.41 14.75
CA ALA B 88 -6.42 -31.06 14.72
C ALA B 88 -5.85 -30.21 15.85
N GLN B 89 -5.77 -30.79 17.07
CA GLN B 89 -5.14 -30.07 18.16
C GLN B 89 -3.66 -29.80 17.87
N LYS B 90 -2.91 -30.82 17.41
CA LYS B 90 -1.49 -30.68 17.19
C LYS B 90 -1.18 -29.67 16.09
N LEU B 91 -1.88 -29.79 14.97
CA LEU B 91 -1.82 -28.75 13.94
C LEU B 91 -2.11 -27.36 14.53
N MET B 92 -3.21 -27.25 15.28
CA MET B 92 -3.61 -25.95 15.79
C MET B 92 -2.57 -25.42 16.77
N ASP B 93 -2.03 -26.28 17.64
CA ASP B 93 -1.01 -25.84 18.59
C ASP B 93 0.24 -25.32 17.88
N GLN B 94 0.61 -25.93 16.74
CA GLN B 94 1.79 -25.48 16.03
C GLN B 94 1.57 -24.11 15.39
N ALA B 95 0.45 -23.90 14.71
CA ALA B 95 0.22 -22.59 14.12
C ALA B 95 0.10 -21.51 15.20
N SER B 96 -0.51 -21.86 16.33
CA SER B 96 -0.59 -20.95 17.45
C SER B 96 0.80 -20.51 17.90
N ARG B 97 1.69 -21.47 18.20
CA ARG B 97 3.04 -21.12 18.60
C ARG B 97 3.74 -20.23 17.57
N ALA B 98 3.50 -20.47 16.28
CA ALA B 98 4.19 -19.70 15.24
C ALA B 98 3.66 -18.28 15.18
N MET B 99 2.33 -18.11 15.31
CA MET B 99 1.75 -16.77 15.30
C MET B 99 2.32 -15.94 16.43
N ILE B 100 2.62 -16.59 17.57
CA ILE B 100 3.19 -15.87 18.70
C ILE B 100 4.61 -15.46 18.40
N GLU B 101 5.46 -16.42 18.01
CA GLU B 101 6.86 -16.10 17.73
C GLU B 101 6.98 -15.05 16.63
N ASN B 102 6.20 -15.18 15.57
CA ASN B 102 6.50 -14.40 14.39
C ASN B 102 5.75 -13.11 14.31
N PHE B 103 4.60 -13.02 14.97
CA PHE B 103 3.74 -11.87 14.83
C PHE B 103 3.19 -11.38 16.15
N ASN B 104 3.58 -11.99 17.26
CA ASN B 104 3.13 -11.60 18.59
C ASN B 104 1.61 -11.56 18.67
N ALA B 105 0.97 -12.57 18.07
CA ALA B 105 -0.47 -12.70 18.16
C ALA B 105 -0.90 -12.79 19.61
N LYS B 106 -2.00 -12.13 19.93
CA LYS B 106 -2.60 -12.29 21.24
C LYS B 106 -3.77 -13.27 21.24
N TYR B 107 -4.27 -13.69 20.07
CA TYR B 107 -5.29 -14.72 20.01
C TYR B 107 -5.46 -15.24 18.58
N VAL B 108 -6.24 -16.31 18.46
CA VAL B 108 -6.56 -16.93 17.17
C VAL B 108 -8.05 -16.93 17.02
N SER B 109 -8.52 -16.58 15.83
CA SER B 109 -9.94 -16.52 15.54
C SER B 109 -10.25 -17.40 14.34
N LEU B 110 -11.50 -17.82 14.23
CA LEU B 110 -11.96 -18.60 13.08
C LEU B 110 -13.46 -18.37 12.92
N HIS B 111 -14.05 -18.99 11.91
CA HIS B 111 -15.47 -18.85 11.63
C HIS B 111 -16.10 -20.22 11.41
N VAL B 112 -17.35 -20.36 11.82
CA VAL B 112 -18.06 -21.64 11.82
C VAL B 112 -19.53 -21.37 11.58
N ARG B 113 -20.12 -22.13 10.68
CA ARG B 113 -21.56 -22.13 10.59
C ARG B 113 -22.15 -22.48 11.94
N LYS B 114 -23.23 -21.78 12.31
CA LYS B 114 -23.83 -22.05 13.61
C LYS B 114 -24.46 -23.42 13.70
N SER B 115 -24.70 -24.08 12.56
CA SER B 115 -25.36 -25.38 12.51
C SER B 115 -24.39 -26.51 12.33
N ASN B 116 -23.11 -26.21 12.21
CA ASN B 116 -22.05 -27.21 12.10
C ASN B 116 -21.71 -27.68 13.50
N ARG B 117 -22.47 -28.68 13.96
CA ARG B 117 -22.28 -29.25 15.30
C ARG B 117 -20.88 -29.83 15.46
N ALA B 118 -20.45 -30.64 14.48
CA ALA B 118 -19.15 -31.30 14.56
C ALA B 118 -18.07 -30.31 14.89
N ALA B 119 -17.96 -29.27 14.05
CA ALA B 119 -16.88 -28.30 14.18
C ALA B 119 -16.99 -27.50 15.48
N LEU B 120 -18.21 -27.08 15.83
CA LEU B 120 -18.41 -26.38 17.10
C LEU B 120 -17.87 -27.21 18.25
N HIS B 121 -18.24 -28.50 18.31
CA HIS B 121 -17.77 -29.36 19.39
C HIS B 121 -16.25 -29.53 19.35
N LEU B 122 -15.68 -29.69 18.16
CA LEU B 122 -14.23 -29.76 18.05
C LEU B 122 -13.57 -28.50 18.58
N TYR B 123 -13.94 -27.32 18.04
CA TYR B 123 -13.23 -26.10 18.40
C TYR B 123 -13.50 -25.68 19.85
N SER B 124 -14.74 -25.77 20.32
CA SER B 124 -15.05 -25.34 21.68
C SER B 124 -14.53 -26.33 22.71
N ASN B 125 -14.83 -27.63 22.53
CA ASN B 125 -14.55 -28.58 23.60
C ASN B 125 -13.10 -29.05 23.63
N THR B 126 -12.44 -29.20 22.48
CA THR B 126 -11.09 -29.76 22.45
C THR B 126 -10.00 -28.72 22.29
N LEU B 127 -10.26 -27.62 21.56
CA LEU B 127 -9.24 -26.61 21.30
C LEU B 127 -9.39 -25.35 22.14
N ASN B 128 -10.32 -25.34 23.10
CA ASN B 128 -10.62 -24.17 23.94
C ASN B 128 -10.81 -22.90 23.10
N PHE B 129 -11.67 -22.98 22.10
CA PHE B 129 -12.16 -21.80 21.43
C PHE B 129 -13.50 -21.39 22.04
N GLN B 130 -13.76 -20.08 22.03
CA GLN B 130 -14.91 -19.52 22.70
C GLN B 130 -15.68 -18.67 21.71
N ILE B 131 -17.00 -18.70 21.78
CA ILE B 131 -17.80 -17.87 20.90
C ILE B 131 -17.60 -16.41 21.27
N SER B 132 -17.34 -15.57 20.28
CA SER B 132 -17.28 -14.15 20.61
C SER B 132 -18.38 -13.34 19.94
N GLU B 133 -18.64 -13.53 18.64
CA GLU B 133 -19.52 -12.65 17.87
C GLU B 133 -20.08 -13.42 16.69
N VAL B 134 -21.23 -12.98 16.20
CA VAL B 134 -21.84 -13.57 15.02
C VAL B 134 -21.72 -12.61 13.85
N GLU B 135 -21.30 -13.15 12.69
CA GLU B 135 -21.33 -12.50 11.38
C GLU B 135 -22.64 -12.87 10.67
N PRO B 136 -23.61 -11.97 10.58
CA PRO B 136 -24.87 -12.33 9.90
C PRO B 136 -24.65 -12.59 8.42
N LYS B 137 -25.35 -13.60 7.91
CA LYS B 137 -25.30 -14.00 6.49
C LYS B 137 -23.87 -14.02 5.96
N TYR B 138 -22.95 -14.54 6.77
CA TYR B 138 -21.56 -14.64 6.38
C TYR B 138 -21.38 -15.51 5.14
N TYR B 139 -21.89 -16.74 5.18
CA TYR B 139 -21.69 -17.67 4.09
C TYR B 139 -22.54 -17.29 2.88
N ALA B 140 -22.08 -17.69 1.69
CA ALA B 140 -22.83 -17.41 0.47
C ALA B 140 -24.16 -18.14 0.47
N ASP B 141 -24.18 -19.31 1.10
CA ASP B 141 -25.38 -20.02 1.50
C ASP B 141 -26.39 -19.05 2.11
N GLY B 142 -25.90 -18.17 2.98
CA GLY B 142 -26.75 -17.25 3.73
C GLY B 142 -26.77 -17.51 5.23
N GLU B 143 -26.06 -18.51 5.72
CA GLU B 143 -26.05 -18.84 7.13
C GLU B 143 -25.14 -17.89 7.89
N ASP B 144 -25.56 -17.48 9.09
CA ASP B 144 -24.69 -16.72 9.96
C ASP B 144 -23.52 -17.57 10.41
N ALA B 145 -22.40 -16.89 10.67
CA ALA B 145 -21.22 -17.51 11.23
C ALA B 145 -21.06 -17.07 12.68
N TYR B 146 -20.51 -17.97 13.50
CA TYR B 146 -19.93 -17.55 14.77
C TYR B 146 -18.48 -17.25 14.48
N ALA B 147 -17.96 -16.20 15.11
CA ALA B 147 -16.52 -16.03 15.19
C ALA B 147 -16.09 -16.57 16.55
N MET B 148 -15.01 -17.34 16.54
CA MET B 148 -14.51 -17.95 17.77
C MET B 148 -13.08 -17.48 17.98
N LYS B 149 -12.74 -17.22 19.23
CA LYS B 149 -11.40 -16.78 19.58
C LYS B 149 -10.83 -17.80 20.54
N ARG B 150 -9.53 -18.06 20.42
CA ARG B 150 -8.76 -18.77 21.44
C ARG B 150 -7.70 -17.81 21.93
N ASP B 151 -7.72 -17.51 23.22
CA ASP B 151 -6.73 -16.62 23.82
C ASP B 151 -5.37 -17.27 23.78
N LEU B 152 -4.37 -16.52 23.30
CA LEU B 152 -3.02 -17.03 23.14
C LEU B 152 -2.06 -16.55 24.21
N THR B 153 -2.52 -15.82 25.24
CA THR B 153 -1.52 -15.21 26.12
C THR B 153 -0.94 -16.22 27.12
N GLN B 154 -1.66 -17.30 27.46
CA GLN B 154 -1.04 -18.26 28.37
C GLN B 154 0.01 -19.09 27.67
N MET B 155 -0.28 -19.50 26.45
CA MET B 155 0.75 -20.13 25.65
C MET B 155 1.98 -19.23 25.54
N ALA B 156 1.77 -17.96 25.23
CA ALA B 156 2.91 -17.06 25.11
C ALA B 156 3.72 -17.03 26.39
N ASP B 157 3.05 -17.05 27.55
CA ASP B 157 3.77 -16.99 28.81
C ASP B 157 4.53 -18.28 29.09
N GLU B 158 3.94 -19.43 28.75
CA GLU B 158 4.64 -20.70 28.92
C GLU B 158 5.88 -20.80 28.03
N LEU B 159 5.88 -20.10 26.89
CA LEU B 159 7.01 -20.10 25.95
C LEU B 159 8.16 -19.23 26.46
N ARG B 160 7.83 -18.06 27.04
CA ARG B 160 8.85 -17.13 27.50
C ARG B 160 9.65 -17.69 28.68
N ARG B 161 8.97 -18.46 29.52
CA ARG B 161 9.62 -19.20 30.62
C ARG B 161 10.84 -19.97 30.15
N ALA C 3 -26.53 -7.96 35.18
CA ALA C 3 -25.51 -6.93 35.08
C ALA C 3 -25.18 -6.53 33.60
N VAL C 4 -26.10 -6.83 32.67
CA VAL C 4 -25.85 -6.55 31.25
C VAL C 4 -27.05 -5.88 30.56
N SER C 5 -28.28 -6.30 30.86
CA SER C 5 -29.48 -5.65 30.32
C SER C 5 -30.45 -5.29 31.44
N LEU C 6 -31.47 -4.43 31.10
CA LEU C 6 -32.27 -3.74 32.14
C LEU C 6 -33.74 -4.15 32.13
N PRO C 7 -34.32 -4.34 33.31
CA PRO C 7 -35.78 -4.54 33.44
C PRO C 7 -36.55 -3.30 33.03
N PRO C 8 -37.88 -3.41 32.91
CA PRO C 8 -38.65 -2.29 32.28
C PRO C 8 -38.43 -0.90 32.87
N LYS C 9 -38.60 -0.70 34.18
CA LYS C 9 -38.67 0.67 34.64
C LYS C 9 -37.29 1.30 34.87
N GLU C 10 -36.28 0.50 35.10
CA GLU C 10 -34.92 1.03 35.03
C GLU C 10 -34.51 1.38 33.60
N ASN C 11 -35.04 0.64 32.62
CA ASN C 11 -34.92 1.01 31.22
C ASN C 11 -35.41 2.44 30.97
N ALA C 12 -36.53 2.82 31.59
CA ALA C 12 -37.00 4.20 31.50
C ALA C 12 -35.93 5.17 32.00
N LEU C 13 -35.44 4.95 33.22
CA LEU C 13 -34.42 5.80 33.79
C LEU C 13 -33.23 5.95 32.86
N PHE C 14 -32.78 4.83 32.28
CA PHE C 14 -31.63 4.87 31.38
C PHE C 14 -31.95 5.70 30.14
N LYS C 15 -33.09 5.43 29.50
CA LYS C 15 -33.46 6.16 28.29
C LYS C 15 -33.51 7.66 28.56
N ARG C 16 -34.04 8.04 29.73
CA ARG C 16 -33.96 9.43 30.14
C ARG C 16 -32.51 9.90 30.19
N ILE C 17 -31.63 9.11 30.84
CA ILE C 17 -30.22 9.49 30.95
C ILE C 17 -29.66 9.86 29.57
N LEU C 18 -30.08 9.15 28.54
CA LEU C 18 -29.49 9.39 27.23
C LEU C 18 -29.95 10.71 26.63
N ARG C 19 -31.27 10.99 26.70
CA ARG C 19 -31.77 12.27 26.26
C ARG C 19 -31.08 13.42 26.99
N CYS C 20 -30.73 13.20 28.26
CA CYS C 20 -30.02 14.22 29.02
C CYS C 20 -28.72 14.62 28.33
N TYR C 21 -27.93 13.66 27.85
CA TYR C 21 -26.69 14.03 27.20
C TYR C 21 -26.92 14.55 25.78
N GLU C 22 -27.89 13.98 25.07
CA GLU C 22 -28.20 14.49 23.73
C GLU C 22 -28.50 15.98 23.76
N HIS C 23 -29.12 16.46 24.84
CA HIS C 23 -29.47 17.86 25.05
C HIS C 23 -28.61 18.53 26.12
N LYS C 24 -27.43 17.97 26.40
CA LYS C 24 -26.31 18.59 27.11
C LYS C 24 -26.59 18.98 28.55
N GLN C 25 -27.78 18.69 29.07
CA GLN C 25 -28.05 18.99 30.48
C GLN C 25 -27.44 17.86 31.30
N TYR C 26 -26.24 18.11 31.79
CA TYR C 26 -25.43 17.04 32.34
C TYR C 26 -25.78 16.72 33.78
N ARG C 27 -26.36 17.70 34.50
CA ARG C 27 -26.50 17.55 35.94
C ARG C 27 -27.78 16.84 36.31
N ASN C 28 -28.77 16.81 35.45
CA ASN C 28 -29.81 15.81 35.71
C ASN C 28 -29.29 14.42 35.37
N GLY C 29 -28.49 14.31 34.31
CA GLY C 29 -27.87 13.05 33.94
C GLY C 29 -27.20 12.37 35.09
N LEU C 30 -26.40 13.10 35.85
CA LEU C 30 -25.61 12.48 36.91
C LEU C 30 -26.38 11.72 37.98
N LYS C 31 -27.57 12.19 38.37
CA LYS C 31 -28.27 11.49 39.45
C LYS C 31 -29.30 10.48 38.92
N PHE C 32 -29.82 10.69 37.71
CA PHE C 32 -30.62 9.64 37.08
C PHE C 32 -29.80 8.38 36.81
N CYS C 33 -28.47 8.52 36.70
CA CYS C 33 -27.60 7.36 36.78
C CYS C 33 -27.48 6.84 38.22
N LYS C 34 -27.30 7.75 39.17
CA LYS C 34 -27.26 7.35 40.58
C LYS C 34 -28.53 6.60 40.97
N GLN C 35 -29.66 6.89 40.34
CA GLN C 35 -30.87 6.12 40.65
C GLN C 35 -30.72 4.67 40.21
N ILE C 36 -30.14 4.43 39.02
CA ILE C 36 -29.93 3.07 38.56
C ILE C 36 -28.81 2.40 39.36
N LEU C 37 -27.75 3.15 39.66
CA LEU C 37 -26.61 2.61 40.39
C LEU C 37 -26.85 2.51 41.90
N SER C 38 -27.85 3.22 42.43
CA SER C 38 -28.18 3.10 43.84
C SER C 38 -28.62 1.69 44.18
N ASN C 39 -29.38 1.06 43.29
CA ASN C 39 -29.83 -0.30 43.53
C ASN C 39 -28.67 -1.26 43.32
N PRO C 40 -28.38 -2.14 44.29
CA PRO C 40 -27.29 -3.11 44.10
C PRO C 40 -27.49 -4.05 42.92
N LYS C 41 -28.74 -4.39 42.58
CA LYS C 41 -29.02 -5.24 41.42
C LYS C 41 -28.28 -4.79 40.18
N PHE C 42 -28.15 -3.48 39.98
CA PHE C 42 -27.52 -2.89 38.82
C PHE C 42 -26.44 -1.91 39.22
N ALA C 43 -25.70 -2.24 40.28
CA ALA C 43 -24.68 -1.31 40.78
C ALA C 43 -23.48 -1.27 39.84
N GLU C 44 -23.14 -2.41 39.23
CA GLU C 44 -22.01 -2.48 38.31
C GLU C 44 -22.45 -2.61 36.85
N HIS C 45 -23.68 -2.19 36.53
CA HIS C 45 -24.25 -2.35 35.19
C HIS C 45 -23.50 -1.51 34.16
N GLY C 46 -22.85 -2.19 33.22
CA GLY C 46 -21.79 -1.56 32.45
C GLY C 46 -22.22 -0.37 31.62
N GLU C 47 -23.41 -0.44 31.00
CA GLU C 47 -23.81 0.62 30.08
C GLU C 47 -24.15 1.88 30.83
N THR C 48 -24.79 1.72 32.01
CA THR C 48 -25.02 2.84 32.91
C THR C 48 -23.72 3.45 33.39
N LEU C 49 -22.82 2.61 33.92
CA LEU C 49 -21.48 3.08 34.27
C LEU C 49 -20.92 3.93 33.13
N ALA C 50 -20.78 3.33 31.95
CA ALA C 50 -20.18 4.05 30.82
C ALA C 50 -20.91 5.36 30.52
N MET C 51 -22.24 5.38 30.68
CA MET C 51 -22.97 6.62 30.45
C MET C 51 -22.65 7.66 31.52
N LYS C 52 -22.77 7.25 32.79
CA LYS C 52 -22.28 8.09 33.88
C LYS C 52 -20.89 8.67 33.59
N GLY C 53 -20.04 7.90 32.90
CA GLY C 53 -18.68 8.36 32.68
C GLY C 53 -18.55 9.38 31.58
N LEU C 54 -19.13 9.12 30.41
CA LEU C 54 -18.99 10.06 29.34
C LEU C 54 -19.57 11.40 29.73
N THR C 55 -20.72 11.39 30.41
CA THR C 55 -21.27 12.65 30.89
C THR C 55 -20.35 13.31 31.94
N LEU C 56 -19.53 12.54 32.66
CA LEU C 56 -18.54 13.17 33.52
C LEU C 56 -17.33 13.68 32.73
N ASN C 57 -17.12 13.19 31.51
CA ASN C 57 -15.97 13.63 30.72
C ASN C 57 -16.18 15.03 30.16
N CYS C 58 -17.41 15.34 29.75
CA CYS C 58 -17.68 16.68 29.24
C CYS C 58 -17.72 17.69 30.38
N LEU C 59 -18.26 17.29 31.54
CA LEU C 59 -18.32 18.19 32.69
C LEU C 59 -16.97 18.31 33.37
N GLY C 60 -16.41 17.18 33.83
CA GLY C 60 -15.19 17.21 34.60
C GLY C 60 -14.04 16.53 33.91
N LYS C 61 -13.07 16.08 34.72
CA LYS C 61 -11.80 15.64 34.17
C LYS C 61 -11.85 14.14 33.87
N LYS C 62 -10.90 13.72 33.04
CA LYS C 62 -10.92 12.41 32.40
C LYS C 62 -10.70 11.30 33.43
N GLU C 63 -9.93 11.60 34.47
CA GLU C 63 -9.89 10.81 35.71
C GLU C 63 -11.20 10.09 35.93
N GLU C 64 -12.24 10.88 36.18
CA GLU C 64 -13.54 10.35 36.57
C GLU C 64 -14.11 9.46 35.48
N ALA C 65 -14.13 9.96 34.23
CA ALA C 65 -14.75 9.23 33.13
C ALA C 65 -14.00 7.95 32.81
N TYR C 66 -12.67 8.05 32.65
CA TYR C 66 -11.95 7.02 31.91
C TYR C 66 -12.09 5.63 32.51
N GLU C 67 -12.09 5.49 33.84
CA GLU C 67 -12.16 4.11 34.33
C GLU C 67 -13.59 3.64 34.52
N LEU C 68 -14.49 4.54 34.90
CA LEU C 68 -15.88 4.12 35.01
C LEU C 68 -16.27 3.70 33.59
N VAL C 69 -15.88 4.47 32.57
CA VAL C 69 -16.13 4.04 31.20
C VAL C 69 -15.37 2.76 30.84
N ARG C 70 -14.09 2.72 31.18
CA ARG C 70 -13.29 1.50 30.95
C ARG C 70 -13.86 0.32 31.71
N ARG C 71 -14.32 0.53 32.95
CA ARG C 71 -14.87 -0.59 33.70
C ARG C 71 -16.40 -0.68 33.61
N GLY C 72 -17.08 0.36 33.14
CA GLY C 72 -18.38 0.11 32.56
C GLY C 72 -18.27 -0.87 31.42
N LEU C 73 -17.27 -0.66 30.56
CA LEU C 73 -17.06 -1.54 29.40
C LEU C 73 -16.63 -2.93 29.82
N ARG C 74 -15.68 -3.01 30.74
CA ARG C 74 -15.38 -4.23 31.52
C ARG C 74 -16.56 -5.16 31.70
N ASN C 75 -17.64 -4.61 32.28
CA ASN C 75 -18.74 -5.43 32.75
C ASN C 75 -19.66 -5.91 31.62
N ASP C 76 -19.57 -5.33 30.42
CA ASP C 76 -20.41 -5.70 29.27
C ASP C 76 -19.54 -5.53 28.02
N LEU C 77 -18.69 -6.52 27.76
CA LEU C 77 -17.75 -6.46 26.64
C LEU C 77 -18.42 -6.65 25.28
N LYS C 78 -19.67 -7.10 25.25
CA LYS C 78 -20.43 -7.23 24.01
C LYS C 78 -21.58 -6.22 23.94
N SER C 79 -21.39 -5.02 24.50
CA SER C 79 -22.33 -3.92 24.39
C SER C 79 -21.83 -2.88 23.40
N HIS C 80 -22.59 -2.65 22.32
CA HIS C 80 -22.24 -1.59 21.38
C HIS C 80 -22.25 -0.23 22.05
N VAL C 81 -23.04 -0.08 23.13
CA VAL C 81 -23.09 1.19 23.82
C VAL C 81 -21.76 1.48 24.51
N CYS C 82 -21.24 0.51 25.27
CA CYS C 82 -20.01 0.70 26.03
C CYS C 82 -18.81 0.90 25.10
N TRP C 83 -18.73 0.12 24.04
CA TRP C 83 -17.70 0.36 23.03
C TRP C 83 -17.88 1.72 22.37
N HIS C 84 -19.12 2.09 22.05
CA HIS C 84 -19.38 3.38 21.41
C HIS C 84 -18.99 4.53 22.30
N VAL C 85 -19.34 4.46 23.58
CA VAL C 85 -19.00 5.58 24.46
C VAL C 85 -17.48 5.69 24.59
N TYR C 86 -16.79 4.56 24.73
CA TYR C 86 -15.32 4.56 24.82
C TYR C 86 -14.71 5.28 23.64
N GLY C 87 -15.20 4.98 22.43
CA GLY C 87 -14.70 5.68 21.25
C GLY C 87 -15.05 7.14 21.24
N LEU C 88 -16.24 7.49 21.75
CA LEU C 88 -16.60 8.90 21.86
C LEU C 88 -15.67 9.60 22.84
N LEU C 89 -15.35 8.92 23.94
CA LEU C 89 -14.44 9.46 24.93
C LEU C 89 -13.06 9.73 24.32
N GLN C 90 -12.41 8.69 23.78
CA GLN C 90 -11.09 8.86 23.20
C GLN C 90 -11.10 9.87 22.05
N ARG C 91 -12.23 10.05 21.39
CA ARG C 91 -12.30 11.03 20.30
C ARG C 91 -12.15 12.44 20.84
N SER C 92 -12.80 12.73 21.96
CA SER C 92 -12.68 14.06 22.54
C SER C 92 -11.22 14.40 22.82
N ASP C 93 -10.44 13.45 23.35
CA ASP C 93 -9.01 13.62 23.56
C ASP C 93 -8.20 13.47 22.27
N LYS C 94 -8.84 13.58 21.11
CA LYS C 94 -8.17 13.61 19.80
C LYS C 94 -7.34 12.35 19.53
N LYS C 95 -7.54 11.28 20.28
CA LYS C 95 -6.88 10.01 19.97
C LYS C 95 -7.73 9.23 18.96
N TYR C 96 -7.69 9.74 17.73
CA TYR C 96 -8.68 9.38 16.72
C TYR C 96 -8.56 7.92 16.31
N ASP C 97 -7.34 7.44 16.13
CA ASP C 97 -7.16 6.05 15.71
C ASP C 97 -7.74 5.11 16.75
N GLU C 98 -7.53 5.43 18.02
CA GLU C 98 -8.04 4.62 19.12
C GLU C 98 -9.56 4.59 19.11
N ALA C 99 -10.20 5.71 18.74
CA ALA C 99 -11.66 5.74 18.64
C ALA C 99 -12.19 4.82 17.53
N ILE C 100 -11.50 4.78 16.38
CA ILE C 100 -11.91 3.92 15.29
C ILE C 100 -11.92 2.47 15.74
N LYS C 101 -10.93 2.08 16.55
CA LYS C 101 -10.91 0.73 17.08
C LYS C 101 -12.18 0.43 17.87
N CYS C 102 -12.57 1.36 18.74
CA CYS C 102 -13.81 1.21 19.51
C CYS C 102 -15.04 1.16 18.61
N TYR C 103 -15.11 2.06 17.62
CA TYR C 103 -16.25 2.06 16.73
C TYR C 103 -16.38 0.74 15.99
N ARG C 104 -15.27 0.19 15.52
CA ARG C 104 -15.35 -1.09 14.83
C ARG C 104 -15.75 -2.20 15.80
N ASN C 105 -15.27 -2.13 17.04
CA ASN C 105 -15.72 -3.08 18.06
C ASN C 105 -17.20 -2.92 18.35
N ALA C 106 -17.67 -1.67 18.46
CA ALA C 106 -19.10 -1.48 18.72
C ALA C 106 -19.94 -2.14 17.64
N LEU C 107 -19.52 -1.98 16.38
CA LEU C 107 -20.33 -2.46 15.28
C LEU C 107 -20.40 -3.98 15.20
N LYS C 108 -19.49 -4.71 15.87
CA LYS C 108 -19.61 -6.16 15.90
C LYS C 108 -20.85 -6.61 16.64
N TRP C 109 -21.48 -5.70 17.39
CA TRP C 109 -22.63 -6.02 18.24
C TRP C 109 -23.94 -5.45 17.76
N ASP C 110 -23.92 -4.37 16.96
CA ASP C 110 -25.10 -3.84 16.25
C ASP C 110 -24.55 -3.38 14.90
N LYS C 111 -24.61 -4.25 13.87
CA LYS C 111 -23.70 -4.05 12.74
C LYS C 111 -24.17 -2.95 11.78
N ASP C 112 -25.46 -2.68 11.71
CA ASP C 112 -25.99 -1.61 10.85
C ASP C 112 -26.44 -0.39 11.65
N ASN C 113 -25.74 -0.10 12.73
CA ASN C 113 -26.14 0.98 13.63
C ASN C 113 -25.71 2.32 13.03
N LEU C 114 -26.69 3.16 12.72
CA LEU C 114 -26.43 4.35 11.89
C LEU C 114 -25.52 5.35 12.60
N GLN C 115 -25.80 5.66 13.87
CA GLN C 115 -25.01 6.69 14.52
C GLN C 115 -23.57 6.23 14.66
N ILE C 116 -23.33 4.95 14.95
CA ILE C 116 -21.96 4.49 15.01
C ILE C 116 -21.32 4.51 13.62
N LEU C 117 -22.09 4.16 12.60
CA LEU C 117 -21.53 4.22 11.25
C LEU C 117 -21.12 5.66 10.88
N ARG C 118 -21.94 6.67 11.21
CA ARG C 118 -21.57 8.02 10.80
C ARG C 118 -20.42 8.55 11.65
N ASP C 119 -20.41 8.24 12.95
CA ASP C 119 -19.23 8.60 13.75
C ASP C 119 -17.96 7.99 13.15
N LEU C 120 -18.03 6.73 12.71
CA LEU C 120 -16.84 6.10 12.14
C LEU C 120 -16.45 6.75 10.81
N SER C 121 -17.43 7.14 9.99
CA SER C 121 -17.11 7.83 8.75
C SER C 121 -16.46 9.18 9.00
N LEU C 122 -16.90 9.91 10.03
CA LEU C 122 -16.26 11.17 10.37
C LEU C 122 -14.79 10.96 10.72
N LEU C 123 -14.49 9.90 11.46
CA LEU C 123 -13.09 9.66 11.80
C LEU C 123 -12.31 9.21 10.59
N GLN C 124 -12.92 8.40 9.73
CA GLN C 124 -12.17 7.90 8.59
C GLN C 124 -11.75 9.05 7.68
N ILE C 125 -12.65 10.02 7.44
CA ILE C 125 -12.25 11.13 6.61
C ILE C 125 -11.25 12.02 7.34
N GLN C 126 -11.44 12.22 8.64
CA GLN C 126 -10.46 12.97 9.44
C GLN C 126 -9.05 12.41 9.27
N MET C 127 -8.88 11.09 9.43
CA MET C 127 -7.61 10.39 9.17
C MET C 127 -7.29 10.22 7.68
N ARG C 128 -8.17 10.65 6.77
CA ARG C 128 -7.97 10.50 5.33
C ARG C 128 -7.80 9.04 4.92
N ASP C 129 -8.51 8.14 5.60
CA ASP C 129 -8.73 6.78 5.10
C ASP C 129 -9.84 6.86 4.07
N LEU C 130 -9.47 7.31 2.87
CA LEU C 130 -10.47 7.54 1.84
C LEU C 130 -11.18 6.27 1.42
N GLU C 131 -10.52 5.11 1.53
CA GLU C 131 -11.15 3.85 1.16
C GLU C 131 -12.18 3.43 2.19
N GLY C 132 -11.80 3.47 3.47
CA GLY C 132 -12.75 3.19 4.52
C GLY C 132 -13.92 4.16 4.53
N TYR C 133 -13.63 5.46 4.35
CA TYR C 133 -14.70 6.44 4.20
C TYR C 133 -15.67 6.04 3.09
N ARG C 134 -15.16 5.62 1.94
CA ARG C 134 -16.05 5.27 0.85
C ARG C 134 -16.94 4.10 1.23
N GLU C 135 -16.36 3.09 1.89
CA GLU C 135 -17.17 1.92 2.25
C GLU C 135 -18.22 2.26 3.29
N THR C 136 -17.82 2.96 4.34
CA THR C 136 -18.78 3.39 5.35
C THR C 136 -19.87 4.25 4.74
N ARG C 137 -19.49 5.16 3.85
CA ARG C 137 -20.45 6.02 3.18
C ARG C 137 -21.37 5.22 2.28
N TYR C 138 -20.81 4.25 1.56
CA TYR C 138 -21.62 3.37 0.73
C TYR C 138 -22.63 2.61 1.58
N GLN C 139 -22.19 2.11 2.73
CA GLN C 139 -23.11 1.42 3.65
C GLN C 139 -24.23 2.35 4.12
N LEU C 140 -23.87 3.59 4.50
CA LEU C 140 -24.88 4.54 4.97
C LEU C 140 -25.91 4.83 3.88
N LEU C 141 -25.45 4.97 2.63
CA LEU C 141 -26.37 5.25 1.52
C LEU C 141 -27.36 4.12 1.33
N GLN C 142 -26.88 2.86 1.38
CA GLN C 142 -27.82 1.75 1.21
C GLN C 142 -28.79 1.67 2.39
N LEU C 143 -28.32 2.04 3.58
CA LEU C 143 -29.19 1.95 4.75
C LEU C 143 -30.23 3.05 4.76
N ARG C 144 -29.89 4.26 4.30
CA ARG C 144 -30.79 5.41 4.36
C ARG C 144 -30.70 6.22 3.07
N PRO C 145 -31.28 5.70 1.97
CA PRO C 145 -31.14 6.37 0.68
C PRO C 145 -32.00 7.62 0.54
N ALA C 146 -32.70 8.04 1.58
CA ALA C 146 -33.56 9.19 1.49
C ALA C 146 -32.92 10.44 2.04
N GLN C 147 -31.77 10.31 2.69
CA GLN C 147 -31.15 11.43 3.38
C GLN C 147 -30.02 12.02 2.55
N ARG C 148 -30.02 13.34 2.44
CA ARG C 148 -29.02 14.02 1.62
C ARG C 148 -27.61 13.62 2.02
N ALA C 149 -27.35 13.53 3.33
CA ALA C 149 -26.01 13.20 3.83
C ALA C 149 -25.47 11.93 3.19
N SER C 150 -26.36 10.95 2.94
CA SER C 150 -25.97 9.68 2.33
C SER C 150 -25.45 9.89 0.92
N TRP C 151 -26.11 10.76 0.14
CA TRP C 151 -25.65 11.04 -1.21
C TRP C 151 -24.41 11.94 -1.23
N ILE C 152 -24.36 12.95 -0.37
CA ILE C 152 -23.23 13.86 -0.44
C ILE C 152 -21.96 13.14 -0.03
N GLY C 153 -21.97 12.50 1.15
CA GLY C 153 -20.79 11.79 1.61
C GLY C 153 -20.27 10.79 0.59
N TYR C 154 -21.18 10.01 0.00
CA TYR C 154 -20.79 9.09 -1.05
C TYR C 154 -20.12 9.83 -2.20
N ALA C 155 -20.78 10.91 -2.67
CA ALA C 155 -20.23 11.71 -3.75
C ALA C 155 -18.82 12.17 -3.43
N ILE C 156 -18.63 12.71 -2.22
CA ILE C 156 -17.34 13.28 -1.85
C ILE C 156 -16.27 12.18 -1.74
N ALA C 157 -16.66 11.01 -1.23
CA ALA C 157 -15.73 9.89 -1.20
C ALA C 157 -15.11 9.67 -2.57
N TYR C 158 -15.94 9.55 -3.60
CA TYR C 158 -15.40 9.33 -4.94
C TYR C 158 -14.63 10.54 -5.44
N HIS C 159 -15.08 11.75 -5.11
CA HIS C 159 -14.33 12.93 -5.55
C HIS C 159 -12.94 12.95 -4.94
N LEU C 160 -12.82 12.66 -3.64
CA LEU C 160 -11.50 12.71 -3.01
C LEU C 160 -10.60 11.58 -3.47
N LEU C 161 -11.17 10.49 -4.00
CA LEU C 161 -10.40 9.41 -4.59
C LEU C 161 -10.06 9.69 -6.06
N GLU C 162 -10.55 10.81 -6.59
CA GLU C 162 -10.32 11.20 -7.99
C GLU C 162 -10.94 10.23 -8.96
N ASP C 163 -12.02 9.62 -8.54
CA ASP C 163 -12.87 8.85 -9.44
C ASP C 163 -13.96 9.78 -9.96
N TYR C 164 -13.53 10.71 -10.83
CA TYR C 164 -14.43 11.75 -11.33
C TYR C 164 -15.63 11.15 -12.05
N GLU C 165 -15.41 10.08 -12.84
CA GLU C 165 -16.53 9.40 -13.47
C GLU C 165 -17.62 9.07 -12.47
N MET C 166 -17.25 8.40 -11.39
CA MET C 166 -18.26 7.93 -10.45
C MET C 166 -18.82 9.10 -9.62
N ALA C 167 -17.97 10.04 -9.23
CA ALA C 167 -18.46 11.21 -8.51
C ALA C 167 -19.48 11.98 -9.34
N ALA C 168 -19.24 12.08 -10.64
CA ALA C 168 -20.17 12.77 -11.52
C ALA C 168 -21.51 12.04 -11.60
N LYS C 169 -21.49 10.70 -11.66
CA LYS C 169 -22.75 9.94 -11.70
C LYS C 169 -23.59 10.20 -10.46
N ILE C 170 -22.95 10.15 -9.29
CA ILE C 170 -23.70 10.33 -8.05
C ILE C 170 -24.29 11.72 -7.96
N LEU C 171 -23.47 12.74 -8.23
CA LEU C 171 -23.97 14.12 -8.16
C LEU C 171 -25.12 14.33 -9.14
N GLU C 172 -25.06 13.74 -10.34
CA GLU C 172 -26.14 14.00 -11.30
C GLU C 172 -27.42 13.32 -10.86
N GLU C 173 -27.28 12.12 -10.28
CA GLU C 173 -28.44 11.44 -9.74
C GLU C 173 -29.02 12.21 -8.56
N PHE C 174 -28.16 12.66 -7.64
CA PHE C 174 -28.63 13.41 -6.48
C PHE C 174 -29.27 14.73 -6.89
N ARG C 175 -28.68 15.41 -7.89
CA ARG C 175 -29.25 16.66 -8.37
C ARG C 175 -30.65 16.46 -8.91
N LYS C 176 -30.93 15.30 -9.51
CA LYS C 176 -32.29 14.99 -9.94
C LYS C 176 -33.24 14.91 -8.75
N THR C 177 -32.79 14.36 -7.62
CA THR C 177 -33.64 14.30 -6.43
C THR C 177 -33.97 15.69 -5.89
N GLN C 178 -33.07 16.65 -6.06
CA GLN C 178 -33.23 17.93 -5.40
C GLN C 178 -33.95 18.98 -6.23
N GLN C 179 -33.97 18.84 -7.56
CA GLN C 179 -34.72 19.80 -8.38
C GLN C 179 -36.21 19.70 -8.07
N THR C 180 -36.75 18.48 -7.99
CA THR C 180 -38.16 18.25 -7.70
C THR C 180 -38.52 18.67 -6.27
N SER C 181 -37.59 18.47 -5.33
CA SER C 181 -37.89 18.52 -3.91
C SER C 181 -38.57 19.83 -3.52
N PRO C 182 -39.59 19.78 -2.65
CA PRO C 182 -40.21 21.03 -2.19
C PRO C 182 -39.48 21.68 -1.03
N ASP C 183 -38.65 20.92 -0.31
CA ASP C 183 -37.85 21.42 0.81
C ASP C 183 -36.62 22.20 0.37
N LYS C 184 -36.32 22.25 -0.92
CA LYS C 184 -35.06 22.80 -1.39
C LYS C 184 -35.00 24.30 -1.10
N VAL C 185 -33.85 24.76 -0.61
CA VAL C 185 -33.60 26.18 -0.44
C VAL C 185 -32.62 26.58 -1.53
N ASP C 186 -32.88 27.72 -2.18
CA ASP C 186 -32.16 28.08 -3.40
C ASP C 186 -30.65 28.11 -3.20
N TYR C 187 -30.18 28.74 -2.12
CA TYR C 187 -28.73 28.82 -1.91
C TYR C 187 -28.10 27.42 -1.88
N GLU C 188 -28.70 26.48 -1.12
CA GLU C 188 -28.15 25.12 -1.06
C GLU C 188 -28.14 24.46 -2.43
N TYR C 189 -29.23 24.58 -3.19
CA TYR C 189 -29.25 23.98 -4.52
C TYR C 189 -28.19 24.62 -5.43
N SER C 190 -27.98 25.94 -5.28
CA SER C 190 -27.02 26.60 -6.15
C SER C 190 -25.61 26.13 -5.85
N GLU C 191 -25.29 26.00 -4.57
CA GLU C 191 -23.99 25.44 -4.22
C GLU C 191 -23.83 24.04 -4.81
N LEU C 192 -24.86 23.20 -4.65
CA LEU C 192 -24.79 21.86 -5.22
C LEU C 192 -24.48 21.90 -6.72
N LEU C 193 -25.10 22.85 -7.45
CA LEU C 193 -24.85 22.92 -8.89
C LEU C 193 -23.38 23.23 -9.20
N LEU C 194 -22.82 24.26 -8.55
CA LEU C 194 -21.45 24.62 -8.87
C LEU C 194 -20.46 23.58 -8.38
N TYR C 195 -20.82 22.82 -7.34
CA TYR C 195 -19.95 21.73 -6.93
C TYR C 195 -19.93 20.64 -7.99
N GLN C 196 -21.11 20.20 -8.40
CA GLN C 196 -21.20 19.30 -9.54
C GLN C 196 -20.40 19.83 -10.71
N ASN C 197 -20.56 21.12 -11.01
CA ASN C 197 -19.87 21.69 -12.15
C ASN C 197 -18.36 21.63 -11.94
N GLN C 198 -17.91 21.95 -10.72
CA GLN C 198 -16.48 21.90 -10.43
C GLN C 198 -15.91 20.51 -10.68
N VAL C 199 -16.64 19.44 -10.33
CA VAL C 199 -16.03 18.13 -10.56
C VAL C 199 -15.97 17.85 -12.05
N LEU C 200 -16.91 18.40 -12.84
CA LEU C 200 -16.77 18.22 -14.28
C LEU C 200 -15.54 18.95 -14.81
N ARG C 201 -15.23 20.12 -14.24
CA ARG C 201 -14.07 20.85 -14.73
C ARG C 201 -12.77 20.22 -14.27
N GLU C 202 -12.72 19.75 -13.01
CA GLU C 202 -11.54 19.00 -12.56
C GLU C 202 -11.33 17.75 -13.40
N ALA C 203 -12.42 17.07 -13.76
CA ALA C 203 -12.32 15.96 -14.68
C ALA C 203 -11.85 16.40 -16.06
N GLY C 204 -11.77 17.72 -16.31
CA GLY C 204 -11.43 18.24 -17.63
C GLY C 204 -12.51 18.12 -18.68
N LEU C 205 -13.74 17.75 -18.31
CA LEU C 205 -14.85 17.65 -19.26
C LEU C 205 -15.44 19.04 -19.55
N TYR C 206 -14.60 19.88 -20.19
CA TYR C 206 -14.90 21.31 -20.32
C TYR C 206 -16.18 21.56 -21.11
N ARG C 207 -16.35 20.88 -22.25
CA ARG C 207 -17.60 21.06 -22.99
C ARG C 207 -18.80 20.69 -22.13
N GLU C 208 -18.74 19.56 -21.43
CA GLU C 208 -19.88 19.22 -20.58
C GLU C 208 -20.07 20.27 -19.48
N ALA C 209 -18.97 20.81 -18.94
CA ALA C 209 -19.09 21.82 -17.89
C ALA C 209 -19.82 23.05 -18.39
N LEU C 210 -19.59 23.43 -19.65
CA LEU C 210 -20.27 24.60 -20.18
C LEU C 210 -21.75 24.34 -20.45
N GLU C 211 -22.10 23.16 -20.98
CA GLU C 211 -23.52 22.88 -21.18
C GLU C 211 -24.24 22.78 -19.84
N HIS C 212 -23.56 22.25 -18.83
CA HIS C 212 -24.14 22.19 -17.50
C HIS C 212 -24.33 23.60 -16.93
N LEU C 213 -23.28 24.42 -17.01
CA LEU C 213 -23.36 25.78 -16.48
C LEU C 213 -24.47 26.57 -17.17
N CYS C 214 -24.61 26.41 -18.47
CA CYS C 214 -25.65 27.14 -19.18
C CYS C 214 -27.04 26.64 -18.82
N THR C 215 -27.19 25.32 -18.63
CA THR C 215 -28.47 24.76 -18.25
C THR C 215 -28.95 25.31 -16.90
N TYR C 216 -28.08 25.29 -15.90
CA TYR C 216 -28.50 25.59 -14.54
C TYR C 216 -28.11 26.99 -14.11
N GLU C 217 -27.56 27.78 -15.03
CA GLU C 217 -27.16 29.16 -14.74
C GLU C 217 -28.26 29.91 -14.00
N LYS C 218 -29.50 29.84 -14.50
CA LYS C 218 -30.60 30.61 -13.92
C LYS C 218 -30.88 30.26 -12.46
N GLN C 219 -30.49 29.08 -12.01
CA GLN C 219 -30.74 28.62 -10.65
C GLN C 219 -29.50 28.65 -9.77
N ILE C 220 -28.44 29.29 -10.23
CA ILE C 220 -27.23 29.49 -9.44
C ILE C 220 -27.15 30.98 -9.12
N CYS C 221 -27.22 31.31 -7.82
CA CYS C 221 -27.23 32.71 -7.40
C CYS C 221 -25.83 33.28 -7.22
N ASP C 222 -24.81 32.44 -7.06
CA ASP C 222 -23.43 32.92 -7.00
C ASP C 222 -23.02 33.31 -8.41
N LYS C 223 -23.36 34.55 -8.78
CA LYS C 223 -23.08 34.96 -10.16
C LYS C 223 -21.59 35.23 -10.37
N LEU C 224 -20.85 35.53 -9.31
CA LEU C 224 -19.41 35.61 -9.48
C LEU C 224 -18.86 34.27 -9.93
N ALA C 225 -19.31 33.19 -9.29
CA ALA C 225 -18.83 31.86 -9.66
C ALA C 225 -19.28 31.50 -11.08
N VAL C 226 -20.45 31.96 -11.49
CA VAL C 226 -20.93 31.65 -12.83
C VAL C 226 -20.03 32.30 -13.86
N GLU C 227 -19.70 33.57 -13.64
CA GLU C 227 -19.07 34.31 -14.71
C GLU C 227 -17.58 34.05 -14.74
N GLU C 228 -16.96 33.87 -13.59
CA GLU C 228 -15.56 33.46 -13.60
C GLU C 228 -15.41 32.09 -14.25
N THR C 229 -16.34 31.18 -13.99
CA THR C 229 -16.28 29.85 -14.62
C THR C 229 -16.57 29.94 -16.11
N LYS C 230 -17.60 30.69 -16.48
CA LYS C 230 -17.94 30.87 -17.89
C LYS C 230 -16.75 31.41 -18.68
N GLY C 231 -16.05 32.42 -18.12
CA GLY C 231 -14.87 32.95 -18.78
C GLY C 231 -13.77 31.92 -18.98
N GLU C 232 -13.49 31.14 -17.93
CA GLU C 232 -12.45 30.11 -18.03
C GLU C 232 -12.80 29.06 -19.06
N LEU C 233 -14.05 28.57 -19.04
CA LEU C 233 -14.46 27.53 -19.97
C LEU C 233 -14.45 28.04 -21.40
N LEU C 234 -14.88 29.28 -21.62
CA LEU C 234 -14.91 29.82 -22.96
C LEU C 234 -13.51 29.93 -23.55
N LEU C 235 -12.49 30.22 -22.72
CA LEU C 235 -11.13 30.22 -23.25
C LEU C 235 -10.68 28.83 -23.63
N GLN C 236 -11.00 27.85 -22.78
CA GLN C 236 -10.62 26.46 -23.03
C GLN C 236 -11.15 25.97 -24.37
N LEU C 237 -12.42 26.27 -24.66
CA LEU C 237 -13.04 25.95 -25.94
C LEU C 237 -12.73 26.98 -27.02
N CYS C 238 -11.82 27.92 -26.77
CA CYS C 238 -11.34 28.88 -27.76
C CYS C 238 -12.46 29.76 -28.36
N ARG C 239 -13.60 29.83 -27.69
CA ARG C 239 -14.60 30.86 -27.99
C ARG C 239 -14.08 32.17 -27.40
N LEU C 240 -13.11 32.78 -28.11
CA LEU C 240 -12.41 33.92 -27.54
C LEU C 240 -13.29 35.16 -27.50
N GLU C 241 -14.15 35.33 -28.52
CA GLU C 241 -15.02 36.49 -28.55
C GLU C 241 -16.01 36.45 -27.39
N ASP C 242 -16.70 35.32 -27.24
CA ASP C 242 -17.59 35.15 -26.09
C ASP C 242 -16.84 35.33 -24.78
N ALA C 243 -15.61 34.81 -24.68
CA ALA C 243 -14.82 34.98 -23.47
C ALA C 243 -14.57 36.46 -23.16
N ALA C 244 -14.16 37.24 -24.16
CA ALA C 244 -13.86 38.64 -23.92
C ALA C 244 -15.08 39.39 -23.36
N ASP C 245 -16.28 39.07 -23.84
CA ASP C 245 -17.49 39.67 -23.28
C ASP C 245 -17.61 39.38 -21.79
N VAL C 246 -17.48 38.12 -21.40
CA VAL C 246 -17.64 37.75 -19.99
C VAL C 246 -16.65 38.54 -19.13
N TYR C 247 -15.38 38.55 -19.53
CA TYR C 247 -14.36 39.25 -18.76
C TYR C 247 -14.61 40.75 -18.71
N ARG C 248 -15.17 41.35 -19.77
CA ARG C 248 -15.53 42.77 -19.68
C ARG C 248 -16.59 43.01 -18.61
N GLY C 249 -17.52 42.06 -18.46
CA GLY C 249 -18.49 42.19 -17.39
C GLY C 249 -17.86 42.00 -16.03
N LEU C 250 -16.98 41.01 -15.89
CA LEU C 250 -16.26 40.82 -14.63
C LEU C 250 -15.43 42.06 -14.31
N GLN C 251 -14.69 42.57 -15.30
CA GLN C 251 -13.96 43.82 -15.10
C GLN C 251 -14.91 44.93 -14.65
N GLU C 252 -16.13 44.97 -15.18
CA GLU C 252 -17.07 45.97 -14.70
C GLU C 252 -17.53 45.67 -13.27
N ARG C 253 -17.62 44.41 -12.90
CA ARG C 253 -17.97 44.07 -11.52
C ARG C 253 -16.84 44.39 -10.56
N ASN C 254 -15.59 44.18 -10.97
CA ASN C 254 -14.44 44.47 -10.12
C ASN C 254 -13.28 44.90 -11.00
N PRO C 255 -13.10 46.21 -11.17
CA PRO C 255 -11.93 46.70 -11.92
C PRO C 255 -10.60 46.47 -11.20
N GLU C 256 -10.61 45.97 -9.96
CA GLU C 256 -9.39 45.81 -9.16
C GLU C 256 -8.94 44.36 -9.07
N ASN C 257 -9.38 43.52 -10.00
CA ASN C 257 -9.03 42.11 -9.96
C ASN C 257 -8.12 41.78 -11.14
N TRP C 258 -6.86 41.48 -10.85
CA TRP C 258 -5.87 41.19 -11.88
C TRP C 258 -6.34 40.13 -12.85
N ALA C 259 -7.01 39.10 -12.32
CA ALA C 259 -7.42 37.97 -13.13
C ALA C 259 -8.14 38.41 -14.40
N TYR C 260 -8.98 39.42 -14.30
CA TYR C 260 -9.79 39.79 -15.46
C TYR C 260 -8.96 40.48 -16.52
N TYR C 261 -7.95 41.25 -16.13
CA TYR C 261 -7.06 41.79 -17.16
C TYR C 261 -6.30 40.66 -17.84
N LYS C 262 -5.79 39.68 -17.07
CA LYS C 262 -5.11 38.55 -17.69
C LYS C 262 -6.08 37.75 -18.58
N GLY C 263 -7.31 37.56 -18.12
CA GLY C 263 -8.29 36.89 -18.94
C GLY C 263 -8.57 37.63 -20.24
N LEU C 264 -8.54 38.97 -20.20
CA LEU C 264 -8.78 39.75 -21.41
C LEU C 264 -7.62 39.66 -22.39
N GLU C 265 -6.39 39.49 -21.89
CA GLU C 265 -5.25 39.32 -22.77
C GLU C 265 -5.29 37.95 -23.44
N LYS C 266 -5.74 36.92 -22.72
CA LYS C 266 -5.88 35.62 -23.35
C LYS C 266 -6.99 35.61 -24.41
N ALA C 267 -8.01 36.45 -24.25
CA ALA C 267 -9.11 36.42 -25.20
C ALA C 267 -8.83 37.30 -26.42
N LEU C 268 -8.18 38.44 -26.22
CA LEU C 268 -7.96 39.37 -27.32
C LEU C 268 -6.65 39.12 -28.02
N LYS C 269 -5.79 38.29 -27.46
CA LYS C 269 -4.50 37.89 -28.02
C LYS C 269 -3.78 39.05 -28.75
N PRO C 270 -3.49 40.14 -28.01
CA PRO C 270 -2.80 41.27 -28.66
C PRO C 270 -1.39 40.86 -29.09
N ALA C 271 -1.04 41.21 -30.33
CA ALA C 271 0.27 40.84 -30.89
C ALA C 271 1.39 41.75 -30.38
N ASN C 272 1.26 43.07 -30.58
CA ASN C 272 2.32 43.98 -30.17
C ASN C 272 2.09 44.51 -28.75
N MET C 273 2.99 45.39 -28.32
CA MET C 273 2.92 45.98 -26.99
C MET C 273 1.85 47.07 -26.90
N LEU C 274 1.44 47.66 -28.03
CA LEU C 274 0.48 48.76 -27.98
C LEU C 274 -0.98 48.28 -27.99
N GLU C 275 -1.29 47.11 -28.56
CA GLU C 275 -2.65 46.60 -28.44
C GLU C 275 -2.94 46.15 -27.01
N ARG C 276 -1.92 45.58 -26.37
CA ARG C 276 -2.09 45.17 -24.99
C ARG C 276 -2.28 46.39 -24.08
N LEU C 277 -1.54 47.47 -24.33
CA LEU C 277 -1.76 48.70 -23.60
C LEU C 277 -3.20 49.18 -23.74
N LYS C 278 -3.77 49.03 -24.94
CA LYS C 278 -5.08 49.58 -25.22
C LYS C 278 -6.15 48.92 -24.36
N ILE C 279 -5.94 47.67 -23.95
CA ILE C 279 -6.86 47.02 -23.01
C ILE C 279 -6.98 47.84 -21.74
N TYR C 280 -5.83 48.27 -21.20
CA TYR C 280 -5.78 49.05 -19.97
C TYR C 280 -6.20 50.50 -20.20
N GLU C 281 -5.80 51.08 -21.34
CA GLU C 281 -6.26 52.43 -21.68
C GLU C 281 -7.78 52.50 -21.67
N GLU C 282 -8.44 51.55 -22.35
CA GLU C 282 -9.89 51.51 -22.33
C GLU C 282 -10.43 51.35 -20.91
N ALA C 283 -9.71 50.60 -20.07
CA ALA C 283 -10.08 50.48 -18.67
C ALA C 283 -9.92 51.80 -17.92
N TRP C 284 -8.83 52.54 -18.13
CA TRP C 284 -8.71 53.88 -17.54
C TRP C 284 -9.92 54.73 -17.89
N THR C 285 -10.21 54.87 -19.18
CA THR C 285 -11.29 55.75 -19.60
C THR C 285 -12.62 55.31 -19.00
N LYS C 286 -12.79 54.00 -18.79
CA LYS C 286 -14.06 53.51 -18.29
C LYS C 286 -14.15 53.55 -16.77
N TYR C 287 -13.05 53.34 -16.05
CA TYR C 287 -13.02 53.43 -14.59
C TYR C 287 -11.89 54.37 -14.25
N PRO C 288 -12.14 55.68 -14.27
CA PRO C 288 -11.03 56.64 -14.13
C PRO C 288 -10.26 56.56 -12.81
N ARG C 289 -10.94 56.27 -11.69
CA ARG C 289 -10.29 56.23 -10.38
C ARG C 289 -9.77 54.84 -10.03
N GLY C 290 -10.14 53.80 -10.80
CA GLY C 290 -9.55 52.47 -10.61
C GLY C 290 -8.03 52.53 -10.75
N LEU C 291 -7.31 51.90 -9.82
CA LEU C 291 -5.87 52.06 -9.79
C LEU C 291 -5.14 50.89 -10.45
N VAL C 292 -5.73 49.70 -10.40
CA VAL C 292 -5.11 48.51 -10.99
C VAL C 292 -4.77 48.71 -12.50
N PRO C 293 -5.69 49.22 -13.32
CA PRO C 293 -5.36 49.32 -14.75
C PRO C 293 -4.20 50.27 -15.06
N ARG C 294 -3.97 51.28 -14.21
CA ARG C 294 -2.85 52.17 -14.40
C ARG C 294 -1.55 51.60 -13.84
N ARG C 295 -1.63 50.68 -12.87
CA ARG C 295 -0.40 50.13 -12.35
C ARG C 295 0.09 48.97 -13.21
N LEU C 296 -0.83 48.12 -13.69
CA LEU C 296 -0.42 46.90 -14.38
C LEU C 296 0.47 47.13 -15.61
N PRO C 297 0.21 48.10 -16.51
CA PRO C 297 1.07 48.18 -17.71
C PRO C 297 2.51 48.50 -17.39
N LEU C 298 2.77 49.15 -16.24
CA LEU C 298 4.14 49.44 -15.84
C LEU C 298 5.00 48.18 -15.77
N ASN C 299 4.38 46.99 -15.80
CA ASN C 299 5.16 45.75 -15.73
C ASN C 299 5.71 45.31 -17.09
N PHE C 300 4.94 45.48 -18.18
CA PHE C 300 5.33 44.99 -19.49
C PHE C 300 5.72 46.10 -20.48
N LEU C 301 5.64 47.37 -20.09
CA LEU C 301 6.05 48.45 -20.97
C LEU C 301 7.55 48.73 -20.83
N SER C 302 8.08 49.41 -21.84
CA SER C 302 9.49 49.79 -21.86
C SER C 302 9.64 50.99 -22.77
N GLY C 303 10.86 51.53 -22.82
CA GLY C 303 11.10 52.64 -23.72
C GLY C 303 10.39 53.90 -23.26
N GLU C 304 9.90 54.67 -24.23
CA GLU C 304 9.30 55.97 -23.92
C GLU C 304 7.86 55.85 -23.47
N LYS C 305 7.14 54.83 -23.94
CA LYS C 305 5.77 54.67 -23.45
C LYS C 305 5.74 54.26 -21.98
N PHE C 306 6.76 53.54 -21.52
CA PHE C 306 6.90 53.29 -20.09
C PHE C 306 7.07 54.59 -19.33
N LYS C 307 8.07 55.38 -19.72
CA LYS C 307 8.29 56.66 -19.04
C LYS C 307 7.03 57.52 -19.05
N GLU C 308 6.31 57.56 -20.18
CA GLU C 308 5.09 58.36 -20.26
C GLU C 308 4.02 57.83 -19.31
N CYS C 309 3.85 56.51 -19.27
CA CYS C 309 2.85 55.93 -18.37
C CYS C 309 3.29 56.07 -16.91
N LEU C 310 4.58 55.93 -16.68
CA LEU C 310 5.16 56.06 -15.36
C LEU C 310 4.96 57.46 -14.80
N ASP C 311 5.14 58.46 -15.65
CA ASP C 311 4.97 59.86 -15.28
C ASP C 311 3.51 60.17 -14.96
N LYS C 312 2.58 59.60 -15.75
CA LYS C 312 1.18 59.78 -15.40
C LYS C 312 0.90 59.21 -14.02
N PHE C 313 1.48 58.04 -13.73
CA PHE C 313 1.14 57.31 -12.54
C PHE C 313 1.66 58.01 -11.30
N LEU C 314 2.91 58.48 -11.34
CA LEU C 314 3.47 59.15 -10.17
C LEU C 314 2.87 60.53 -9.99
N ARG C 315 2.60 61.25 -11.07
CA ARG C 315 1.97 62.56 -10.92
C ARG C 315 0.66 62.42 -10.16
N MET C 316 -0.17 61.48 -10.58
CA MET C 316 -1.44 61.26 -9.90
C MET C 316 -1.19 60.86 -8.45
N ASN C 317 -0.29 59.90 -8.22
CA ASN C 317 -0.12 59.41 -6.84
C ASN C 317 0.59 60.43 -5.95
N PHE C 318 1.54 61.20 -6.49
CA PHE C 318 2.19 62.20 -5.65
C PHE C 318 1.24 63.35 -5.32
N SER C 319 0.42 63.78 -6.28
CA SER C 319 -0.49 64.88 -5.99
C SER C 319 -1.54 64.47 -4.96
N LYS C 320 -2.11 63.28 -5.12
CA LYS C 320 -3.08 62.79 -4.15
C LYS C 320 -2.44 62.42 -2.82
N GLY C 321 -1.14 62.14 -2.84
CA GLY C 321 -0.40 61.83 -1.63
C GLY C 321 -0.71 60.51 -0.95
N CYS C 322 -0.93 59.45 -1.72
CA CYS C 322 -1.04 58.11 -1.14
C CYS C 322 0.36 57.76 -0.62
N PRO C 323 0.42 56.94 0.42
CA PRO C 323 1.69 56.42 0.95
C PRO C 323 2.34 55.32 0.11
N PRO C 324 1.57 54.30 -0.36
CA PRO C 324 2.24 53.09 -0.88
C PRO C 324 2.70 53.13 -2.33
N VAL C 325 2.97 54.31 -2.90
CA VAL C 325 3.45 54.34 -4.29
C VAL C 325 4.72 53.51 -4.44
N PHE C 326 5.71 53.71 -3.57
CA PHE C 326 6.93 52.92 -3.70
C PHE C 326 6.61 51.44 -3.54
N ASN C 327 5.67 51.13 -2.65
CA ASN C 327 5.26 49.75 -2.45
C ASN C 327 4.71 49.15 -3.74
N THR C 328 3.76 49.85 -4.39
CA THR C 328 3.23 49.35 -5.66
C THR C 328 4.34 48.96 -6.64
N LEU C 329 5.47 49.66 -6.61
CA LEU C 329 6.45 49.59 -7.68
C LEU C 329 7.67 48.76 -7.32
N ARG C 330 7.67 48.07 -6.18
CA ARG C 330 8.83 47.30 -5.76
C ARG C 330 9.25 46.28 -6.83
N SER C 331 8.29 45.72 -7.58
CA SER C 331 8.66 44.70 -8.54
C SER C 331 9.44 45.30 -9.71
N LEU C 332 9.19 46.57 -10.05
CA LEU C 332 9.95 47.19 -11.12
C LEU C 332 11.43 47.30 -10.81
N TYR C 333 11.85 47.14 -9.57
CA TYR C 333 13.27 47.27 -9.28
C TYR C 333 14.07 46.00 -9.61
N LYS C 334 13.40 44.90 -10.01
CA LYS C 334 14.10 43.79 -10.65
C LYS C 334 14.82 44.23 -11.92
N ASP C 335 14.30 45.27 -12.56
CA ASP C 335 14.70 45.75 -13.88
C ASP C 335 15.50 47.05 -13.70
N LYS C 336 16.82 46.97 -13.87
CA LYS C 336 17.65 48.14 -13.56
C LYS C 336 17.50 49.26 -14.59
N GLU C 337 17.12 48.92 -15.82
CA GLU C 337 16.81 49.97 -16.80
C GLU C 337 15.64 50.81 -16.34
N LYS C 338 14.63 50.18 -15.72
CA LYS C 338 13.48 50.93 -15.22
C LYS C 338 13.85 51.76 -13.99
N VAL C 339 14.68 51.24 -13.08
CA VAL C 339 14.95 52.07 -11.91
C VAL C 339 15.67 53.34 -12.33
N ALA C 340 16.52 53.25 -13.37
CA ALA C 340 17.21 54.44 -13.87
C ALA C 340 16.22 55.49 -14.33
N ILE C 341 15.16 55.08 -15.04
CA ILE C 341 14.15 56.03 -15.50
C ILE C 341 13.42 56.65 -14.31
N ILE C 342 13.08 55.81 -13.33
CA ILE C 342 12.41 56.27 -12.12
C ILE C 342 13.24 57.33 -11.42
N GLU C 343 14.51 57.02 -11.16
CA GLU C 343 15.35 57.93 -10.38
C GLU C 343 15.43 59.30 -11.03
N GLU C 344 15.73 59.35 -12.33
CA GLU C 344 15.84 60.63 -13.01
C GLU C 344 14.51 61.35 -13.08
N LEU C 345 13.44 60.59 -13.21
CA LEU C 345 12.11 61.19 -13.30
C LEU C 345 11.64 61.70 -11.95
N VAL C 346 11.93 60.97 -10.88
CA VAL C 346 11.47 61.46 -9.61
C VAL C 346 12.40 62.55 -9.08
N VAL C 347 13.71 62.45 -9.31
CA VAL C 347 14.61 63.52 -8.88
C VAL C 347 14.31 64.80 -9.66
N GLY C 348 13.87 64.67 -10.92
CA GLY C 348 13.46 65.84 -11.67
C GLY C 348 12.25 66.52 -11.05
N TYR C 349 11.35 65.74 -10.44
CA TYR C 349 10.25 66.32 -9.69
C TYR C 349 10.77 67.15 -8.52
N GLU C 350 11.69 66.58 -7.73
CA GLU C 350 12.20 67.28 -6.55
C GLU C 350 12.83 68.63 -6.93
N THR C 351 13.81 68.61 -7.85
CA THR C 351 14.46 69.86 -8.27
C THR C 351 13.44 70.85 -8.82
N SER C 352 12.48 70.36 -9.63
CA SER C 352 11.49 71.26 -10.19
C SER C 352 10.53 71.76 -9.13
N LEU C 353 9.98 70.87 -8.29
CA LEU C 353 9.01 71.31 -7.29
C LEU C 353 9.61 72.30 -6.30
N LYS C 354 10.93 72.29 -6.11
CA LYS C 354 11.58 73.25 -5.23
C LYS C 354 11.74 74.60 -5.90
N SER C 355 12.26 74.64 -7.13
CA SER C 355 12.42 75.89 -7.85
C SER C 355 11.07 76.59 -8.05
N CYS C 356 10.03 75.82 -8.39
CA CYS C 356 8.69 76.32 -8.61
C CYS C 356 7.73 75.19 -8.25
N ARG C 357 6.52 75.53 -7.83
CA ARG C 357 5.65 74.49 -7.30
C ARG C 357 5.02 73.67 -8.45
N LEU C 358 5.91 73.08 -9.25
CA LEU C 358 5.55 72.42 -10.50
C LEU C 358 6.33 71.12 -10.60
N PHE C 359 5.65 70.08 -11.10
CA PHE C 359 6.33 68.80 -11.38
C PHE C 359 7.46 68.99 -12.39
N ASN C 360 7.20 69.76 -13.45
CA ASN C 360 8.10 70.03 -14.55
C ASN C 360 7.90 71.50 -14.91
N PRO C 361 8.99 72.29 -15.05
CA PRO C 361 8.84 73.73 -15.33
C PRO C 361 7.94 74.07 -16.52
N ASN C 362 7.69 73.10 -17.38
CA ASN C 362 6.93 73.32 -18.61
C ASN C 362 5.43 73.07 -18.44
N ASP C 363 4.99 72.61 -17.28
CA ASP C 363 3.57 72.34 -17.09
C ASP C 363 2.76 73.64 -17.15
N ASP C 364 1.51 73.52 -17.58
CA ASP C 364 0.61 74.66 -17.69
C ASP C 364 -0.25 74.88 -16.46
N GLY C 365 -0.67 73.79 -15.80
CA GLY C 365 -1.63 73.82 -14.70
C GLY C 365 -1.19 74.61 -13.49
N LYS C 366 -1.98 74.58 -12.42
CA LYS C 366 -1.67 75.39 -11.27
C LYS C 366 -0.63 74.73 -10.37
N GLU C 367 0.13 75.57 -9.68
CA GLU C 367 1.26 75.11 -8.86
C GLU C 367 0.80 74.12 -7.80
N GLU C 368 1.61 73.07 -7.60
CA GLU C 368 1.27 72.03 -6.64
C GLU C 368 1.44 72.54 -5.21
N PRO C 369 0.66 72.04 -4.27
CA PRO C 369 0.85 72.39 -2.86
C PRO C 369 2.16 71.82 -2.34
N PRO C 370 2.62 72.27 -1.16
CA PRO C 370 3.87 71.74 -0.62
C PRO C 370 3.86 70.24 -0.35
N THR C 371 2.67 69.65 -0.15
CA THR C 371 2.59 68.21 0.12
C THR C 371 3.11 67.40 -1.05
N THR C 372 3.07 67.98 -2.26
CA THR C 372 3.44 67.20 -3.43
C THR C 372 4.95 66.94 -3.44
N LEU C 373 5.74 67.93 -3.03
CA LEU C 373 7.17 67.70 -2.87
C LEU C 373 7.46 66.78 -1.68
N LEU C 374 6.60 66.79 -0.66
CA LEU C 374 6.83 65.90 0.47
C LEU C 374 6.78 64.44 0.05
N TRP C 375 5.81 64.08 -0.80
CA TRP C 375 5.68 62.67 -1.19
C TRP C 375 6.79 62.23 -2.14
N VAL C 376 7.30 63.16 -2.95
CA VAL C 376 8.43 62.85 -3.79
C VAL C 376 9.65 62.51 -2.95
N GLN C 377 9.91 63.33 -1.93
CA GLN C 377 11.01 63.02 -1.03
C GLN C 377 10.77 61.70 -0.31
N TYR C 378 9.53 61.46 0.13
CA TYR C 378 9.22 60.20 0.80
C TYR C 378 9.39 59.03 -0.16
N TYR C 379 9.13 59.23 -1.46
CA TYR C 379 9.48 58.20 -2.45
C TYR C 379 11.00 57.99 -2.49
N LEU C 380 11.76 59.09 -2.68
CA LEU C 380 13.20 58.96 -2.89
C LEU C 380 13.90 58.30 -1.70
N ALA C 381 13.47 58.61 -0.46
CA ALA C 381 14.07 57.94 0.69
C ALA C 381 13.94 56.43 0.55
N GLN C 382 12.73 55.97 0.22
CA GLN C 382 12.52 54.55 -0.01
C GLN C 382 13.35 54.06 -1.19
N HIS C 383 13.43 54.87 -2.25
CA HIS C 383 14.19 54.52 -3.44
C HIS C 383 15.67 54.29 -3.11
N TYR C 384 16.28 55.25 -2.43
CA TYR C 384 17.70 55.10 -2.11
C TYR C 384 17.94 54.00 -1.08
N ASP C 385 16.99 53.79 -0.15
CA ASP C 385 17.08 52.62 0.71
C ASP C 385 17.20 51.34 -0.12
N LYS C 386 16.32 51.18 -1.11
CA LYS C 386 16.31 49.96 -1.90
C LYS C 386 17.59 49.82 -2.72
N ILE C 387 18.12 50.94 -3.21
CA ILE C 387 19.36 50.96 -3.97
C ILE C 387 20.57 50.69 -3.09
N GLY C 388 20.42 50.70 -1.76
CA GLY C 388 21.57 50.54 -0.91
C GLY C 388 22.42 51.78 -0.72
N GLN C 389 21.82 52.96 -0.78
CA GLN C 389 22.52 54.20 -0.48
C GLN C 389 21.87 54.81 0.76
N PRO C 390 22.12 54.24 1.95
CA PRO C 390 21.42 54.71 3.16
C PRO C 390 21.68 56.15 3.50
N SER C 391 22.90 56.64 3.24
CA SER C 391 23.21 58.02 3.54
C SER C 391 22.34 58.98 2.74
N ILE C 392 22.27 58.78 1.42
CA ILE C 392 21.36 59.55 0.56
C ILE C 392 19.93 59.43 1.07
N ALA C 393 19.52 58.21 1.44
CA ALA C 393 18.15 57.98 1.89
C ALA C 393 17.84 58.76 3.17
N LEU C 394 18.79 58.80 4.11
CA LEU C 394 18.54 59.48 5.38
C LEU C 394 18.39 60.97 5.18
N GLU C 395 19.14 61.56 4.25
CA GLU C 395 18.99 62.99 4.00
C GLU C 395 17.59 63.30 3.47
N TYR C 396 17.08 62.45 2.57
CA TYR C 396 15.72 62.66 2.05
C TYR C 396 14.67 62.54 3.15
N ILE C 397 14.75 61.47 3.97
CA ILE C 397 13.75 61.26 5.00
C ILE C 397 13.85 62.33 6.08
N ASN C 398 15.04 62.85 6.34
CA ASN C 398 15.18 63.81 7.43
C ASN C 398 14.76 65.21 7.03
N THR C 399 14.93 65.61 5.75
CA THR C 399 14.31 66.87 5.39
C THR C 399 12.78 66.73 5.33
N ALA C 400 12.27 65.52 5.13
CA ALA C 400 10.82 65.31 5.21
C ALA C 400 10.34 65.43 6.64
N ILE C 401 10.99 64.71 7.57
CA ILE C 401 10.61 64.84 8.97
C ILE C 401 10.69 66.29 9.39
N GLU C 402 11.72 67.01 8.90
CA GLU C 402 11.88 68.43 9.20
C GLU C 402 10.62 69.19 8.84
N SER C 403 10.11 68.96 7.63
CA SER C 403 8.98 69.73 7.12
C SER C 403 7.67 69.31 7.79
N THR C 404 7.42 68.00 7.91
CA THR C 404 6.15 67.53 8.48
C THR C 404 6.43 66.45 9.53
N PRO C 405 6.74 66.88 10.78
CA PRO C 405 7.18 65.95 11.82
C PRO C 405 6.09 65.01 12.30
N THR C 406 4.95 65.12 11.65
CA THR C 406 3.72 64.56 12.15
C THR C 406 3.30 63.30 11.39
N LEU C 407 3.94 63.00 10.27
CA LEU C 407 3.56 61.90 9.37
C LEU C 407 4.20 60.60 9.85
N ILE C 408 3.39 59.69 10.39
CA ILE C 408 3.90 58.41 10.90
C ILE C 408 4.73 57.69 9.85
N GLU C 409 4.26 57.64 8.60
CA GLU C 409 4.97 56.88 7.56
C GLU C 409 6.42 57.32 7.38
N LEU C 410 6.76 58.58 7.67
CA LEU C 410 8.16 59.00 7.58
C LEU C 410 9.04 58.26 8.58
N PHE C 411 8.51 57.97 9.77
CA PHE C 411 9.31 57.32 10.81
C PHE C 411 9.39 55.83 10.61
N LEU C 412 8.39 55.22 9.98
CA LEU C 412 8.54 53.84 9.55
C LEU C 412 9.73 53.69 8.62
N VAL C 413 9.72 54.46 7.52
CA VAL C 413 10.78 54.38 6.53
C VAL C 413 12.13 54.65 7.17
N LYS C 414 12.19 55.62 8.10
CA LYS C 414 13.45 55.90 8.77
C LYS C 414 13.97 54.66 9.49
N ALA C 415 13.10 54.02 10.30
CA ALA C 415 13.49 52.76 10.93
C ALA C 415 13.92 51.72 9.88
N LYS C 416 13.24 51.70 8.74
CA LYS C 416 13.53 50.68 7.73
C LYS C 416 14.92 50.89 7.13
N ILE C 417 15.28 52.14 6.88
CA ILE C 417 16.64 52.46 6.44
C ILE C 417 17.68 51.92 7.42
N TYR C 418 17.51 52.21 8.71
CA TYR C 418 18.52 51.73 9.67
C TYR C 418 18.50 50.21 9.79
N LYS C 419 17.35 49.58 9.58
CA LYS C 419 17.37 48.12 9.58
C LYS C 419 18.23 47.59 8.44
N HIS C 420 17.95 48.06 7.21
CA HIS C 420 18.73 47.61 6.07
C HIS C 420 20.21 47.97 6.21
N ALA C 421 20.52 49.09 6.85
CA ALA C 421 21.90 49.50 6.96
C ALA C 421 22.63 48.83 8.13
N GLY C 422 21.94 47.99 8.89
CA GLY C 422 22.58 47.16 9.87
C GLY C 422 22.51 47.64 11.29
N ASN C 423 21.53 48.49 11.63
CA ASN C 423 21.41 49.01 13.00
C ASN C 423 19.94 48.89 13.48
N ILE C 424 19.55 47.65 13.80
CA ILE C 424 18.21 47.39 14.30
C ILE C 424 17.97 48.12 15.62
N LYS C 425 19.02 48.34 16.43
CA LYS C 425 18.80 49.01 17.70
C LYS C 425 18.44 50.48 17.45
N GLU C 426 19.10 51.13 16.49
CA GLU C 426 18.65 52.45 16.07
C GLU C 426 17.27 52.37 15.43
N ALA C 427 17.04 51.34 14.60
CA ALA C 427 15.74 51.20 13.95
C ALA C 427 14.60 51.22 14.98
N ALA C 428 14.79 50.55 16.12
CA ALA C 428 13.68 50.35 17.03
C ALA C 428 13.36 51.64 17.79
N ARG C 429 14.34 52.53 17.93
CA ARG C 429 14.07 53.86 18.42
C ARG C 429 13.10 54.59 17.51
N TRP C 430 13.30 54.47 16.19
CA TRP C 430 12.39 55.16 15.28
C TRP C 430 11.01 54.50 15.28
N MET C 431 10.96 53.16 15.37
CA MET C 431 9.67 52.50 15.51
C MET C 431 8.98 52.96 16.77
N ASP C 432 9.72 53.07 17.86
CA ASP C 432 9.11 53.52 19.11
C ASP C 432 8.52 54.91 18.96
N GLU C 433 9.24 55.81 18.30
CA GLU C 433 8.70 57.15 18.09
C GLU C 433 7.44 57.08 17.24
N ALA C 434 7.48 56.27 16.18
CA ALA C 434 6.32 56.08 15.32
C ALA C 434 5.14 55.58 16.12
N GLN C 435 5.36 54.53 16.89
CA GLN C 435 4.30 53.99 17.74
C GLN C 435 3.70 55.07 18.63
N ALA C 436 4.54 55.94 19.21
CA ALA C 436 4.07 56.96 20.14
C ALA C 436 3.17 58.00 19.47
N LEU C 437 3.23 58.13 18.13
CA LEU C 437 2.46 59.16 17.42
C LEU C 437 1.00 58.75 17.20
N ASP C 438 0.71 57.44 17.23
CA ASP C 438 -0.66 56.93 17.14
C ASP C 438 -0.74 55.70 18.04
N THR C 439 -0.86 55.93 19.33
CA THR C 439 -1.02 54.86 20.30
C THR C 439 -2.27 54.01 20.05
N ALA C 440 -3.14 54.41 19.12
CA ALA C 440 -4.35 53.64 18.86
C ALA C 440 -4.20 52.61 17.77
N ASP C 441 -3.20 52.74 16.91
CA ASP C 441 -3.02 51.87 15.74
C ASP C 441 -2.19 50.66 16.15
N ARG C 442 -2.81 49.48 16.24
CA ARG C 442 -2.06 48.28 16.58
C ARG C 442 -1.03 47.93 15.53
N PHE C 443 -1.26 48.31 14.27
CA PHE C 443 -0.31 48.03 13.18
C PHE C 443 1.08 48.57 13.51
N ILE C 444 1.17 49.88 13.73
CA ILE C 444 2.43 50.49 14.17
C ILE C 444 2.97 49.75 15.39
N ASN C 445 2.10 49.52 16.38
CA ASN C 445 2.48 48.80 17.58
C ASN C 445 3.13 47.46 17.25
N SER C 446 2.57 46.74 16.28
CA SER C 446 3.10 45.43 15.96
C SER C 446 4.51 45.57 15.37
N LYS C 447 4.68 46.52 14.43
CA LYS C 447 6.00 46.71 13.82
C LYS C 447 7.02 47.08 14.89
N CYS C 448 6.60 47.92 15.84
CA CYS C 448 7.51 48.30 16.91
C CYS C 448 7.94 47.09 17.72
N ALA C 449 6.97 46.24 18.09
CA ALA C 449 7.32 45.03 18.83
C ALA C 449 8.19 44.11 17.98
N LYS C 450 7.96 44.08 16.66
CA LYS C 450 8.79 43.22 15.82
C LYS C 450 10.22 43.73 15.78
N TYR C 451 10.42 45.01 15.46
CA TYR C 451 11.78 45.54 15.47
C TYR C 451 12.40 45.36 16.85
N MET C 452 11.61 45.49 17.91
CA MET C 452 12.16 45.29 19.25
C MET C 452 12.62 43.85 19.44
N LEU C 453 11.89 42.90 18.86
CA LEU C 453 12.32 41.51 18.94
C LEU C 453 13.62 41.29 18.17
N LYS C 454 13.72 41.89 16.98
CA LYS C 454 14.92 41.75 16.16
C LYS C 454 16.14 42.38 16.81
N ALA C 455 15.95 43.23 17.81
CA ALA C 455 17.07 43.77 18.57
C ALA C 455 17.19 43.09 19.92
N ASN C 456 16.49 41.96 20.08
CA ASN C 456 16.62 41.09 21.25
C ASN C 456 16.24 41.81 22.54
N LEU C 457 15.35 42.80 22.42
CA LEU C 457 14.67 43.41 23.58
C LEU C 457 13.33 42.72 23.74
N ILE C 458 13.37 41.53 24.31
CA ILE C 458 12.19 40.69 24.36
C ILE C 458 11.20 41.21 25.41
N LYS C 459 11.70 41.61 26.58
CA LYS C 459 10.79 42.16 27.59
C LYS C 459 10.09 43.41 27.06
N GLU C 460 10.81 44.23 26.30
CA GLU C 460 10.24 45.46 25.76
C GLU C 460 9.22 45.17 24.67
N ALA C 461 9.43 44.10 23.89
CA ALA C 461 8.44 43.73 22.88
C ALA C 461 7.16 43.23 23.52
N GLU C 462 7.29 42.51 24.64
CA GLU C 462 6.09 42.04 25.33
C GLU C 462 5.33 43.21 25.94
N GLU C 463 6.03 44.13 26.60
CA GLU C 463 5.37 45.30 27.16
C GLU C 463 4.64 46.08 26.06
N MET C 464 5.27 46.21 24.89
CA MET C 464 4.68 46.97 23.80
C MET C 464 3.40 46.30 23.31
N CYS C 465 3.49 45.01 22.96
CA CYS C 465 2.30 44.24 22.62
C CYS C 465 1.23 44.33 23.69
N SER C 466 1.65 44.41 24.96
CA SER C 466 0.70 44.30 26.05
C SER C 466 -0.32 45.45 26.09
N LYS C 467 -0.09 46.52 25.31
CA LYS C 467 -1.05 47.60 25.11
C LYS C 467 -2.26 47.20 24.26
N PHE C 468 -2.24 46.02 23.66
CA PHE C 468 -3.38 45.56 22.85
C PHE C 468 -3.81 44.15 23.22
N THR C 469 -3.08 43.48 24.11
CA THR C 469 -3.54 42.18 24.56
C THR C 469 -4.57 42.36 25.67
N ARG C 470 -5.41 41.33 25.82
CA ARG C 470 -6.51 41.40 26.77
C ARG C 470 -6.00 41.57 28.20
N GLU C 471 -6.86 42.13 29.05
CA GLU C 471 -6.44 42.61 30.37
C GLU C 471 -6.09 41.49 31.33
N GLY C 472 -6.72 40.32 31.16
CA GLY C 472 -6.60 39.27 32.17
C GLY C 472 -5.20 38.69 32.31
N THR C 473 -4.57 38.32 31.21
CA THR C 473 -3.33 37.56 31.26
C THR C 473 -2.17 38.38 30.70
N SER C 474 -0.97 37.84 30.92
CA SER C 474 0.24 38.39 30.33
C SER C 474 0.13 38.41 28.81
N ALA C 475 0.81 39.37 28.19
CA ALA C 475 0.76 39.48 26.73
C ALA C 475 1.24 38.19 26.07
N VAL C 476 2.27 37.56 26.64
CA VAL C 476 2.88 36.40 25.98
C VAL C 476 1.86 35.27 25.87
N GLU C 477 1.07 35.04 26.92
CA GLU C 477 0.11 33.94 26.84
C GLU C 477 -1.16 34.33 26.07
N ASN C 478 -1.49 35.62 26.00
CA ASN C 478 -2.59 36.02 25.14
C ASN C 478 -2.24 35.78 23.68
N LEU C 479 -1.06 36.25 23.27
CA LEU C 479 -0.61 36.04 21.90
C LEU C 479 -0.58 34.56 21.55
N ASN C 480 -0.25 33.71 22.52
CA ASN C 480 -0.29 32.29 22.26
C ASN C 480 -1.73 31.81 22.10
N GLU C 481 -2.62 32.24 23.02
CA GLU C 481 -4.05 31.93 22.91
C GLU C 481 -4.61 32.32 21.55
N MET C 482 -4.12 33.42 20.98
CA MET C 482 -4.74 33.96 19.78
C MET C 482 -4.07 33.50 18.51
N GLN C 483 -3.07 32.60 18.61
CA GLN C 483 -2.43 31.96 17.46
C GLN C 483 -1.59 32.96 16.68
N CYS C 484 -0.90 33.83 17.43
CA CYS C 484 -0.14 34.94 16.83
C CYS C 484 1.23 34.43 16.44
N MET C 485 1.31 33.83 15.27
CA MET C 485 2.57 33.21 14.87
C MET C 485 3.65 34.23 14.50
N TRP C 486 3.28 35.40 13.95
CA TRP C 486 4.33 36.38 13.67
C TRP C 486 5.09 36.72 14.94
N PHE C 487 4.40 36.78 16.07
CA PHE C 487 5.11 37.09 17.29
C PHE C 487 5.99 35.93 17.75
N GLN C 488 5.46 34.70 17.75
CA GLN C 488 6.29 33.63 18.29
C GLN C 488 7.42 33.24 17.34
N THR C 489 7.21 33.32 16.03
CA THR C 489 8.34 33.06 15.12
C THR C 489 9.42 34.12 15.28
N GLU C 490 9.03 35.40 15.42
CA GLU C 490 10.04 36.42 15.68
C GLU C 490 10.73 36.21 17.01
N CYS C 491 10.00 35.71 18.02
CA CYS C 491 10.59 35.38 19.30
C CYS C 491 11.64 34.29 19.15
N ALA C 492 11.24 33.17 18.57
CA ALA C 492 12.16 32.05 18.40
C ALA C 492 13.44 32.54 17.74
N GLN C 493 13.30 33.24 16.62
CA GLN C 493 14.45 33.84 15.94
C GLN C 493 15.31 34.66 16.92
N ALA C 494 14.68 35.53 17.70
CA ALA C 494 15.45 36.33 18.63
C ALA C 494 16.12 35.44 19.67
N TYR C 495 15.34 34.55 20.28
CA TYR C 495 15.88 33.66 21.30
C TYR C 495 17.07 32.86 20.76
N LYS C 496 16.95 32.32 19.55
CA LYS C 496 18.08 31.59 18.98
C LYS C 496 19.29 32.49 18.83
N ALA C 497 19.07 33.77 18.49
CA ALA C 497 20.17 34.70 18.30
C ALA C 497 20.96 34.93 19.58
N MET C 498 20.32 34.75 20.73
CA MET C 498 20.94 34.97 22.04
C MET C 498 21.44 33.67 22.67
N ASN C 499 21.50 32.58 21.90
CA ASN C 499 21.85 31.25 22.39
C ASN C 499 20.96 30.81 23.56
N LYS C 500 19.74 31.34 23.60
CA LYS C 500 18.70 30.81 24.47
C LYS C 500 17.94 29.72 23.71
N PHE C 501 18.56 28.54 23.61
CA PHE C 501 18.02 27.51 22.71
C PHE C 501 16.74 26.90 23.26
N GLY C 502 16.68 26.71 24.59
CA GLY C 502 15.51 26.10 25.17
C GLY C 502 14.27 26.95 25.00
N GLU C 503 14.40 28.28 25.19
CA GLU C 503 13.24 29.14 24.99
C GLU C 503 12.88 29.23 23.51
N ALA C 504 13.88 29.30 22.64
CA ALA C 504 13.61 29.26 21.21
C ALA C 504 12.83 28.00 20.82
N LEU C 505 13.30 26.82 21.28
CA LEU C 505 12.63 25.57 20.95
C LEU C 505 11.18 25.58 21.44
N LYS C 506 10.96 26.14 22.65
CA LYS C 506 9.60 26.26 23.14
C LYS C 506 8.72 27.01 22.15
N LYS C 507 9.23 28.10 21.58
CA LYS C 507 8.40 28.86 20.65
C LYS C 507 8.10 28.05 19.40
N CYS C 508 9.13 27.37 18.86
CA CYS C 508 8.89 26.50 17.71
C CYS C 508 7.81 25.46 18.01
N HIS C 509 7.87 24.83 19.18
CA HIS C 509 6.86 23.85 19.54
C HIS C 509 5.49 24.50 19.68
N GLU C 510 5.44 25.74 20.16
CA GLU C 510 4.15 26.42 20.21
C GLU C 510 3.61 26.67 18.80
N ILE C 511 4.50 26.95 17.84
CA ILE C 511 4.03 27.10 16.46
C ILE C 511 3.43 25.80 15.98
N GLU C 512 4.13 24.69 16.24
CA GLU C 512 3.63 23.39 15.80
C GLU C 512 2.28 23.07 16.46
N ARG C 513 2.10 23.47 17.74
CA ARG C 513 0.82 23.16 18.38
C ARG C 513 -0.36 23.86 17.71
N HIS C 514 -0.16 25.07 17.21
CA HIS C 514 -1.24 25.73 16.46
C HIS C 514 -1.61 24.95 15.22
N PHE C 515 -0.62 24.45 14.47
CA PHE C 515 -0.95 23.68 13.28
C PHE C 515 -1.71 22.42 13.67
N ILE C 516 -1.36 21.82 14.80
CA ILE C 516 -2.13 20.68 15.29
C ILE C 516 -3.58 21.09 15.51
N GLU C 517 -3.80 22.21 16.21
CA GLU C 517 -5.16 22.66 16.49
C GLU C 517 -5.92 22.97 15.18
N ILE C 518 -5.35 23.82 14.32
CA ILE C 518 -5.98 24.15 13.04
C ILE C 518 -6.25 22.89 12.22
N THR C 519 -5.43 21.85 12.36
CA THR C 519 -5.79 20.62 11.66
C THR C 519 -7.04 19.99 12.26
N ASP C 520 -7.14 19.94 13.60
CA ASP C 520 -8.30 19.35 14.24
C ASP C 520 -9.55 20.14 13.93
N ASP C 521 -9.42 21.43 13.69
CA ASP C 521 -10.57 22.31 13.55
C ASP C 521 -11.49 21.92 12.41
N GLN C 522 -11.00 21.13 11.43
CA GLN C 522 -11.85 20.73 10.30
C GLN C 522 -12.98 19.80 10.73
N PHE C 523 -12.85 19.17 11.90
CA PHE C 523 -13.68 18.03 12.25
C PHE C 523 -15.17 18.37 12.29
N ASP C 524 -15.53 19.46 12.97
CA ASP C 524 -16.95 19.81 13.09
C ASP C 524 -17.60 20.16 11.76
N PHE C 525 -16.80 20.51 10.74
CA PHE C 525 -17.33 20.86 9.42
C PHE C 525 -17.66 19.66 8.56
N HIS C 526 -17.16 18.47 8.89
CA HIS C 526 -17.58 17.26 8.18
C HIS C 526 -19.10 17.14 8.20
N THR C 527 -19.71 17.19 9.38
CA THR C 527 -21.17 17.06 9.38
C THR C 527 -21.83 18.39 9.00
N TYR C 528 -21.16 19.51 9.29
CA TYR C 528 -21.77 20.82 9.10
C TYR C 528 -21.96 21.14 7.63
N CYS C 529 -20.90 20.93 6.84
CA CYS C 529 -20.98 21.28 5.43
C CYS C 529 -21.92 20.33 4.69
N MET C 530 -22.07 19.10 5.19
CA MET C 530 -23.06 18.22 4.59
C MET C 530 -24.48 18.65 4.93
N ARG C 531 -24.65 19.43 6.00
CA ARG C 531 -25.96 19.96 6.30
C ARG C 531 -26.22 21.28 5.60
N LYS C 532 -25.18 22.09 5.33
CA LYS C 532 -25.37 23.37 4.65
C LYS C 532 -25.07 23.32 3.17
N ILE C 533 -24.42 22.25 2.69
CA ILE C 533 -24.20 21.94 1.27
C ILE C 533 -23.26 22.97 0.65
N THR C 534 -22.39 23.57 1.46
CA THR C 534 -21.32 24.41 0.94
C THR C 534 -20.13 23.52 0.52
N LEU C 535 -20.36 22.77 -0.57
CA LEU C 535 -19.49 21.62 -0.85
C LEU C 535 -18.14 22.04 -1.44
N ARG C 536 -18.12 23.01 -2.38
CA ARG C 536 -16.86 23.53 -2.90
C ARG C 536 -15.95 23.99 -1.75
N SER C 537 -16.49 24.77 -0.82
CA SER C 537 -15.67 25.27 0.27
C SER C 537 -15.20 24.13 1.16
N TYR C 538 -16.09 23.16 1.42
CA TYR C 538 -15.75 22.03 2.29
C TYR C 538 -14.51 21.29 1.77
N VAL C 539 -14.54 20.83 0.52
CA VAL C 539 -13.37 20.07 0.10
C VAL C 539 -12.18 21.00 -0.09
N ASP C 540 -12.42 22.27 -0.38
CA ASP C 540 -11.30 23.21 -0.37
C ASP C 540 -10.60 23.22 0.98
N LEU C 541 -11.37 23.14 2.07
CA LEU C 541 -10.78 23.02 3.39
C LEU C 541 -10.04 21.69 3.54
N LEU C 542 -10.65 20.59 3.10
CA LEU C 542 -9.98 19.29 3.15
C LEU C 542 -8.66 19.31 2.40
N LYS C 543 -8.66 19.85 1.16
CA LYS C 543 -7.43 19.93 0.41
C LYS C 543 -6.43 20.90 1.05
N LEU C 544 -6.92 21.95 1.72
CA LEU C 544 -5.97 22.83 2.41
C LEU C 544 -5.37 22.15 3.61
N GLU C 545 -6.20 21.45 4.40
CA GLU C 545 -5.67 20.73 5.56
C GLU C 545 -4.62 19.71 5.13
N ASP C 546 -4.77 19.14 3.94
CA ASP C 546 -3.86 18.10 3.48
C ASP C 546 -2.45 18.64 3.30
N VAL C 547 -2.28 19.97 3.23
CA VAL C 547 -0.97 20.59 3.01
C VAL C 547 -0.80 21.79 3.93
N LEU C 548 -1.50 21.77 5.06
CA LEU C 548 -1.54 22.92 5.96
C LEU C 548 -0.14 23.45 6.27
N ARG C 549 0.83 22.57 6.52
CA ARG C 549 2.14 23.08 6.92
C ARG C 549 2.98 23.55 5.75
N GLN C 550 2.43 23.63 4.54
CA GLN C 550 3.08 24.43 3.50
C GLN C 550 3.14 25.91 3.87
N HIS C 551 2.41 26.35 4.88
CA HIS C 551 2.40 27.75 5.21
C HIS C 551 3.78 28.21 5.68
N PRO C 552 4.19 29.41 5.31
CA PRO C 552 5.51 29.94 5.75
C PRO C 552 5.73 29.92 7.26
N PHE C 553 4.71 30.11 8.08
CA PHE C 553 4.93 30.08 9.52
C PHE C 553 5.46 28.74 9.98
N TYR C 554 5.10 27.64 9.30
CA TYR C 554 5.65 26.37 9.70
C TYR C 554 7.14 26.32 9.39
N PHE C 555 7.49 26.65 8.13
CA PHE C 555 8.89 26.63 7.72
C PHE C 555 9.75 27.53 8.60
N LYS C 556 9.23 28.69 8.99
CA LYS C 556 10.02 29.55 9.85
C LYS C 556 10.33 28.84 11.17
N ALA C 557 9.31 28.28 11.82
CA ALA C 557 9.54 27.51 13.04
C ALA C 557 10.45 26.31 12.78
N ALA C 558 10.16 25.53 11.73
CA ALA C 558 10.90 24.29 11.53
C ALA C 558 12.38 24.55 11.24
N ARG C 559 12.66 25.56 10.41
CA ARG C 559 14.05 25.95 10.16
C ARG C 559 14.76 26.23 11.46
N ILE C 560 14.18 27.10 12.30
CA ILE C 560 14.83 27.49 13.55
C ILE C 560 15.07 26.26 14.43
N ALA C 561 14.03 25.44 14.62
CA ALA C 561 14.16 24.23 15.43
C ALA C 561 15.27 23.32 14.90
N ILE C 562 15.26 23.06 13.60
CA ILE C 562 16.21 22.10 13.07
C ILE C 562 17.65 22.57 13.26
N GLU C 563 17.94 23.85 12.95
CA GLU C 563 19.31 24.26 13.13
C GLU C 563 19.69 24.21 14.60
N ILE C 564 18.75 24.49 15.49
CA ILE C 564 19.06 24.38 16.92
C ILE C 564 19.39 22.94 17.28
N TYR C 565 18.56 22.01 16.84
CA TYR C 565 18.78 20.60 17.20
C TYR C 565 20.08 20.07 16.62
N LEU C 566 20.46 20.51 15.42
CA LEU C 566 21.75 20.13 14.85
C LEU C 566 22.91 20.60 15.74
N LYS C 567 22.84 21.86 16.21
CA LYS C 567 23.89 22.39 17.07
C LYS C 567 23.89 21.68 18.42
N LEU C 568 22.71 21.41 18.98
CA LEU C 568 22.64 20.64 20.24
C LEU C 568 23.27 19.26 20.11
N HIS C 569 23.17 18.65 18.93
CA HIS C 569 23.85 17.38 18.69
C HIS C 569 25.35 17.60 18.54
N ASP C 570 25.74 18.71 17.91
CA ASP C 570 27.13 18.89 17.56
C ASP C 570 27.96 19.21 18.79
N ASN C 571 27.39 20.01 19.69
CA ASN C 571 28.05 20.31 20.97
C ASN C 571 26.99 20.32 22.06
N PRO C 572 26.77 19.18 22.74
CA PRO C 572 25.74 19.13 23.79
C PRO C 572 26.07 20.09 24.94
N LEU C 573 25.02 20.49 25.65
CA LEU C 573 25.13 21.42 26.78
C LEU C 573 25.95 20.84 27.94
N GLU C 640 -0.15 19.28 29.08
CA GLU C 640 1.30 19.11 29.02
C GLU C 640 1.95 20.46 28.75
N GLU C 641 3.06 20.73 29.44
CA GLU C 641 3.65 22.05 29.46
C GLU C 641 5.08 22.00 28.93
N LEU C 642 5.43 22.97 28.10
CA LEU C 642 6.74 23.02 27.48
C LEU C 642 7.76 23.72 28.38
N ILE C 643 8.86 23.03 28.64
CA ILE C 643 9.88 23.55 29.57
C ILE C 643 11.18 23.78 28.81
N PRO C 644 11.59 25.04 28.61
CA PRO C 644 12.85 25.31 27.89
C PRO C 644 14.03 24.45 28.32
N GLU C 645 14.24 24.17 29.61
CA GLU C 645 15.43 23.39 29.94
C GLU C 645 15.28 21.95 29.49
N LYS C 646 14.09 21.34 29.66
CA LYS C 646 13.86 19.96 29.22
C LYS C 646 13.98 19.81 27.70
N LEU C 647 13.55 20.83 26.97
CA LEU C 647 13.63 20.76 25.51
C LEU C 647 15.08 20.79 25.02
N ALA C 648 15.89 21.70 25.58
CA ALA C 648 17.27 21.84 25.11
C ALA C 648 18.14 20.65 25.47
N LYS C 649 17.79 19.89 26.49
CA LYS C 649 18.62 18.78 26.91
C LYS C 649 18.05 17.44 26.49
N VAL C 650 17.08 17.44 25.56
CA VAL C 650 16.67 16.20 24.94
C VAL C 650 17.89 15.43 24.49
N GLU C 651 17.88 14.13 24.81
CA GLU C 651 18.99 13.28 24.47
C GLU C 651 18.94 12.79 23.01
N THR C 652 17.86 13.08 22.27
CA THR C 652 17.71 12.64 20.87
C THR C 652 17.50 13.85 19.98
N PRO C 653 18.42 14.81 20.00
CA PRO C 653 18.18 16.02 19.23
C PRO C 653 17.84 15.71 17.77
N LEU C 654 18.62 14.83 17.12
CA LEU C 654 18.39 14.54 15.70
C LEU C 654 16.99 13.98 15.48
N GLU C 655 16.47 13.16 16.40
CA GLU C 655 15.13 12.63 16.25
C GLU C 655 14.11 13.75 16.27
N GLU C 656 14.32 14.74 17.15
CA GLU C 656 13.41 15.88 17.19
C GLU C 656 13.50 16.66 15.89
N ALA C 657 14.72 16.88 15.43
CA ALA C 657 14.89 17.56 14.15
C ALA C 657 14.11 16.86 13.05
N ILE C 658 14.18 15.52 13.02
CA ILE C 658 13.47 14.81 11.97
C ILE C 658 11.97 15.03 12.09
N LYS C 659 11.45 15.11 13.32
CA LYS C 659 10.02 15.35 13.48
C LYS C 659 9.61 16.65 12.80
N PHE C 660 10.41 17.71 12.98
CA PHE C 660 10.12 18.96 12.28
C PHE C 660 10.34 18.85 10.77
N LEU C 661 11.36 18.11 10.33
CA LEU C 661 11.65 18.04 8.90
C LEU C 661 10.63 17.23 8.11
N THR C 662 10.02 16.21 8.73
CA THR C 662 9.14 15.32 7.97
C THR C 662 8.02 16.03 7.23
N PRO C 663 7.29 17.00 7.83
CA PRO C 663 6.32 17.76 7.02
C PRO C 663 6.94 18.47 5.84
N LEU C 664 8.12 19.06 6.01
CA LEU C 664 8.79 19.70 4.87
C LEU C 664 9.08 18.70 3.77
N LYS C 665 9.61 17.52 4.12
CA LYS C 665 9.94 16.54 3.09
C LYS C 665 8.72 16.12 2.29
N ASN C 666 7.53 16.14 2.90
CA ASN C 666 6.27 15.80 2.24
C ASN C 666 5.64 17.00 1.52
N LEU C 667 5.57 18.15 2.19
CA LEU C 667 4.82 19.28 1.66
C LEU C 667 5.65 20.33 0.98
N VAL C 668 6.97 20.35 1.17
CA VAL C 668 7.76 21.50 0.76
C VAL C 668 8.98 21.03 -0.03
N LYS C 669 8.78 20.11 -1.00
CA LYS C 669 9.87 19.55 -1.80
C LYS C 669 10.46 20.56 -2.78
N ASN C 670 9.77 21.66 -2.99
CA ASN C 670 10.21 22.69 -3.93
C ASN C 670 11.39 23.48 -3.38
N LYS C 671 11.58 23.49 -2.07
CA LYS C 671 12.57 24.32 -1.39
C LYS C 671 13.88 23.56 -1.19
N ILE C 672 14.98 24.15 -1.69
CA ILE C 672 16.25 23.45 -1.55
C ILE C 672 16.61 23.24 -0.08
N GLU C 673 16.22 24.17 0.80
CA GLU C 673 16.55 24.02 2.22
C GLU C 673 16.02 22.71 2.79
N THR C 674 14.83 22.26 2.34
CA THR C 674 14.26 21.00 2.82
C THR C 674 15.28 19.85 2.72
N HIS C 675 15.88 19.71 1.53
CA HIS C 675 16.76 18.60 1.26
C HIS C 675 18.15 18.80 1.84
N LEU C 676 18.59 20.06 2.04
CA LEU C 676 19.88 20.31 2.65
C LEU C 676 19.83 20.03 4.15
N PHE C 677 18.73 20.38 4.81
CA PHE C 677 18.55 19.96 6.19
C PHE C 677 18.53 18.45 6.28
N ALA C 678 17.81 17.81 5.37
CA ALA C 678 17.82 16.36 5.36
C ALA C 678 19.23 15.84 5.25
N PHE C 679 20.03 16.44 4.35
CA PHE C 679 21.41 15.99 4.20
C PHE C 679 22.14 16.09 5.53
N GLU C 680 21.97 17.22 6.21
CA GLU C 680 22.78 17.48 7.39
C GLU C 680 22.44 16.53 8.50
N ILE C 681 21.15 16.27 8.68
CA ILE C 681 20.77 15.20 9.59
C ILE C 681 21.38 13.85 9.19
N TYR C 682 21.13 13.43 7.95
CA TYR C 682 21.62 12.11 7.54
C TYR C 682 23.15 12.05 7.52
N PHE C 683 23.81 13.20 7.31
CA PHE C 683 25.27 13.24 7.38
C PHE C 683 25.78 12.92 8.79
N ARG C 684 25.05 13.37 9.83
CA ARG C 684 25.44 13.07 11.20
C ARG C 684 25.05 11.65 11.60
N LYS C 685 23.89 11.18 11.14
CA LYS C 685 23.50 9.79 11.32
C LYS C 685 24.30 8.85 10.45
N GLU C 686 25.19 9.36 9.59
CA GLU C 686 26.09 8.54 8.75
C GLU C 686 25.32 7.60 7.81
N LYS C 687 24.23 8.08 7.21
CA LYS C 687 23.44 7.30 6.28
C LYS C 687 23.76 7.76 4.85
N PHE C 688 24.74 7.10 4.24
CA PHE C 688 25.35 7.64 3.04
C PHE C 688 24.37 7.68 1.87
N LEU C 689 23.59 6.61 1.69
CA LEU C 689 22.57 6.56 0.63
C LEU C 689 21.54 7.70 0.77
N LEU C 690 21.09 7.96 1.99
CA LEU C 690 20.13 9.04 2.19
C LEU C 690 20.78 10.39 1.94
N MET C 691 22.07 10.52 2.27
CA MET C 691 22.77 11.77 1.94
C MET C 691 22.82 11.95 0.44
N LEU C 692 23.12 10.87 -0.29
CA LEU C 692 23.15 10.95 -1.74
C LEU C 692 21.80 11.37 -2.28
N GLN C 693 20.73 10.76 -1.78
CA GLN C 693 19.40 11.08 -2.25
C GLN C 693 19.04 12.55 -1.97
N SER C 694 19.39 13.07 -0.80
CA SER C 694 19.07 14.46 -0.51
C SER C 694 19.82 15.40 -1.45
N VAL C 695 21.12 15.14 -1.64
CA VAL C 695 21.94 15.98 -2.49
C VAL C 695 21.38 16.00 -3.92
N LYS C 696 20.89 14.85 -4.38
CA LYS C 696 20.32 14.76 -5.71
C LYS C 696 19.06 15.60 -5.89
N ARG C 697 18.20 15.59 -4.89
CA ARG C 697 16.96 16.36 -4.95
C ARG C 697 17.25 17.86 -4.89
N ALA C 698 18.24 18.24 -4.09
CA ALA C 698 18.65 19.62 -4.02
C ALA C 698 19.32 20.06 -5.32
N PHE C 699 20.22 19.22 -5.83
CA PHE C 699 20.87 19.46 -7.12
C PHE C 699 19.86 19.69 -8.23
N ALA C 700 18.71 19.02 -8.17
CA ALA C 700 17.66 19.21 -9.15
C ALA C 700 17.05 20.60 -9.10
N ILE C 701 17.21 21.31 -7.98
CA ILE C 701 16.61 22.62 -7.82
C ILE C 701 17.56 23.75 -8.20
N ASP C 702 18.80 23.68 -7.71
CA ASP C 702 19.82 24.71 -7.98
C ASP C 702 21.20 24.08 -7.81
N SER C 703 21.70 23.48 -8.90
CA SER C 703 22.96 22.77 -8.83
C SER C 703 24.13 23.64 -8.39
N SER C 704 23.97 24.97 -8.31
CA SER C 704 25.07 25.86 -7.99
C SER C 704 24.92 26.50 -6.61
N HIS C 705 23.97 26.04 -5.83
CA HIS C 705 23.75 26.60 -4.51
C HIS C 705 24.99 26.43 -3.64
N PRO C 706 25.39 27.47 -2.90
CA PRO C 706 26.58 27.36 -2.05
C PRO C 706 26.44 26.36 -0.92
N TRP C 707 25.28 26.31 -0.29
CA TRP C 707 25.12 25.32 0.77
C TRP C 707 25.13 23.91 0.19
N LEU C 708 24.41 23.69 -0.91
CA LEU C 708 24.47 22.36 -1.53
C LEU C 708 25.91 21.97 -1.91
N HIS C 709 26.72 22.95 -2.36
CA HIS C 709 28.12 22.66 -2.68
C HIS C 709 28.87 22.16 -1.48
N GLU C 710 28.63 22.75 -0.31
CA GLU C 710 29.28 22.27 0.90
C GLU C 710 28.86 20.83 1.21
N CYS C 711 27.57 20.51 1.01
CA CYS C 711 27.13 19.12 1.21
C CYS C 711 27.86 18.19 0.25
N MET C 712 27.93 18.58 -1.02
CA MET C 712 28.48 17.66 -2.01
C MET C 712 29.94 17.35 -1.71
N ILE C 713 30.68 18.30 -1.16
CA ILE C 713 32.09 18.03 -0.95
C ILE C 713 32.28 17.15 0.27
N ARG C 714 31.56 17.45 1.36
CA ARG C 714 31.57 16.56 2.51
C ARG C 714 31.17 15.15 2.12
N LEU C 715 30.14 15.02 1.28
CA LEU C 715 29.65 13.72 0.87
C LEU C 715 30.66 13.00 -0.01
N PHE C 716 31.12 13.68 -1.06
CA PHE C 716 32.18 13.13 -1.89
C PHE C 716 33.41 12.83 -1.05
N ASN C 717 33.79 13.72 -0.13
CA ASN C 717 35.02 13.49 0.61
C ASN C 717 34.90 12.29 1.53
N THR C 718 33.76 12.13 2.24
CA THR C 718 33.65 10.94 3.10
C THR C 718 33.55 9.66 2.28
N ALA C 719 33.11 9.78 1.01
CA ALA C 719 33.05 8.66 0.08
C ALA C 719 34.41 8.14 -0.36
N VAL C 720 35.36 9.06 -0.62
CA VAL C 720 36.72 8.67 -0.96
C VAL C 720 37.58 8.42 0.30
N CYS C 721 37.34 9.25 1.31
CA CYS C 721 37.96 9.04 2.61
C CYS C 721 37.16 7.87 3.16
N GLU C 722 37.85 6.87 3.67
CA GLU C 722 37.18 5.68 4.17
C GLU C 722 37.05 5.54 5.68
N SER C 723 37.30 6.58 6.45
CA SER C 723 37.24 6.33 7.89
C SER C 723 36.06 5.40 8.19
N LYS C 724 34.84 5.85 7.83
CA LYS C 724 33.68 4.96 7.69
C LYS C 724 33.85 4.15 6.41
N ASP C 725 34.21 2.87 6.56
CA ASP C 725 34.52 2.04 5.42
C ASP C 725 33.26 1.76 4.60
N LEU C 726 33.28 2.14 3.34
CA LEU C 726 32.17 1.87 2.43
C LEU C 726 32.51 0.64 1.58
N SER C 727 31.56 -0.28 1.48
CA SER C 727 31.77 -1.50 0.74
C SER C 727 32.19 -1.23 -0.69
N ASP C 728 32.68 -2.28 -1.35
CA ASP C 728 32.97 -2.19 -2.78
C ASP C 728 31.69 -2.00 -3.59
N THR C 729 30.61 -2.66 -3.19
CA THR C 729 29.34 -2.54 -3.91
C THR C 729 28.74 -1.15 -3.77
N VAL C 730 28.58 -0.64 -2.53
CA VAL C 730 28.10 0.73 -2.44
C VAL C 730 29.07 1.67 -3.14
N ARG C 731 30.36 1.31 -3.22
CA ARG C 731 31.36 2.25 -3.73
C ARG C 731 31.24 2.43 -5.24
N THR C 732 30.92 1.38 -5.98
CA THR C 732 30.68 1.56 -7.40
C THR C 732 29.58 2.61 -7.64
N VAL C 733 28.45 2.46 -6.92
CA VAL C 733 27.30 3.32 -7.18
C VAL C 733 27.59 4.77 -6.82
N LEU C 734 28.17 5.00 -5.64
CA LEU C 734 28.45 6.36 -5.19
C LEU C 734 29.41 7.15 -6.07
N LYS C 735 30.48 6.50 -6.53
CA LYS C 735 31.46 7.14 -7.40
C LYS C 735 30.94 7.23 -8.83
N GLN C 736 29.97 6.38 -9.20
CA GLN C 736 29.35 6.52 -10.51
C GLN C 736 28.37 7.68 -10.56
N GLU C 737 27.61 7.85 -9.49
CA GLU C 737 26.76 9.01 -9.37
C GLU C 737 27.71 10.18 -9.29
N MET C 738 28.80 10.04 -8.53
CA MET C 738 29.76 11.14 -8.50
C MET C 738 30.05 11.60 -9.93
N ASN C 739 30.06 10.66 -10.88
CA ASN C 739 30.27 11.02 -12.27
C ASN C 739 29.11 11.83 -12.84
N ARG C 740 27.89 11.61 -12.36
CA ARG C 740 26.74 12.36 -12.89
C ARG C 740 26.68 13.78 -12.32
N LEU C 741 27.07 13.97 -11.07
CA LEU C 741 27.08 15.29 -10.45
C LEU C 741 28.47 15.91 -10.46
N PHE C 742 29.46 15.22 -9.89
CA PHE C 742 30.79 15.82 -9.79
C PHE C 742 31.58 15.62 -11.08
N GLY C 743 31.30 14.54 -11.81
CA GLY C 743 32.08 14.21 -12.98
C GLY C 743 33.22 13.24 -12.67
N ALA C 744 34.19 13.22 -13.59
CA ALA C 744 35.40 12.40 -13.45
C ALA C 744 36.44 13.26 -12.75
N THR C 745 36.39 13.31 -11.42
CA THR C 745 37.20 14.26 -10.66
C THR C 745 37.33 13.78 -9.22
N ASN C 746 38.22 14.41 -8.48
CA ASN C 746 38.36 14.31 -7.03
C ASN C 746 37.59 15.43 -6.34
N PRO C 747 37.52 15.43 -5.01
CA PRO C 747 36.84 16.55 -4.33
C PRO C 747 37.59 17.90 -4.46
N LYS C 748 38.92 17.93 -4.35
CA LYS C 748 39.66 19.18 -4.48
C LYS C 748 39.40 19.85 -5.83
N ASN C 749 39.50 19.07 -6.91
CA ASN C 749 39.27 19.64 -8.24
C ASN C 749 37.80 20.00 -8.45
N PHE C 750 36.89 19.22 -7.91
CA PHE C 750 35.51 19.64 -7.99
C PHE C 750 35.30 20.99 -7.29
N ASN C 751 35.99 21.21 -6.17
CA ASN C 751 35.84 22.47 -5.49
C ASN C 751 36.44 23.59 -6.32
N GLU C 752 37.56 23.30 -6.96
CA GLU C 752 38.23 24.34 -7.74
C GLU C 752 37.39 24.78 -8.94
N THR C 753 36.75 23.82 -9.63
CA THR C 753 35.94 24.17 -10.78
C THR C 753 34.70 24.96 -10.35
N PHE C 754 34.13 24.61 -9.19
CA PHE C 754 32.99 25.34 -8.64
C PHE C 754 33.38 26.78 -8.31
N LEU C 755 34.61 26.97 -7.80
CA LEU C 755 35.03 28.32 -7.49
C LEU C 755 35.27 29.13 -8.76
N LYS C 756 35.92 28.51 -9.76
CA LYS C 756 36.09 29.19 -11.04
C LYS C 756 34.74 29.56 -11.67
N ARG C 757 33.77 28.65 -11.57
CA ARG C 757 32.46 28.88 -12.18
C ARG C 757 31.65 29.94 -11.44
N ASN C 758 31.88 30.10 -10.13
CA ASN C 758 31.04 30.99 -9.32
C ASN C 758 31.83 32.09 -8.65
N SER C 759 32.98 32.44 -9.23
CA SER C 759 33.95 33.31 -8.57
C SER C 759 33.44 34.72 -8.31
N ASP C 760 32.43 35.20 -9.02
CA ASP C 760 32.00 36.59 -8.85
C ASP C 760 30.86 36.75 -7.86
N SER C 761 30.36 35.65 -7.29
CA SER C 761 29.34 35.66 -6.24
C SER C 761 30.00 35.44 -4.88
N LEU C 762 29.98 36.45 -4.02
CA LEU C 762 30.56 36.33 -2.68
C LEU C 762 30.08 35.10 -1.91
N PRO C 763 28.79 34.78 -1.83
CA PRO C 763 28.41 33.57 -1.07
C PRO C 763 29.03 32.32 -1.62
N HIS C 764 29.13 32.20 -2.94
CA HIS C 764 29.79 31.05 -3.54
C HIS C 764 31.26 30.99 -3.14
N ARG C 765 31.96 32.13 -3.08
CA ARG C 765 33.35 32.08 -2.64
C ARG C 765 33.48 31.62 -1.21
N LEU C 766 32.58 32.11 -0.34
CA LEU C 766 32.59 31.69 1.04
C LEU C 766 32.49 30.18 1.13
N SER C 767 31.52 29.58 0.44
CA SER C 767 31.43 28.12 0.44
C SER C 767 32.70 27.50 -0.08
N ALA C 768 33.25 28.04 -1.17
CA ALA C 768 34.47 27.49 -1.73
C ALA C 768 35.62 27.64 -0.74
N ALA C 769 35.70 28.78 -0.05
CA ALA C 769 36.74 28.97 0.95
C ALA C 769 36.56 28.03 2.14
N LYS C 770 35.32 27.86 2.60
CA LYS C 770 35.08 26.90 3.67
C LYS C 770 35.57 25.49 3.28
N MET C 771 35.46 25.10 2.00
CA MET C 771 35.88 23.76 1.54
C MET C 771 37.33 23.68 1.17
N VAL C 772 37.91 24.78 0.75
CA VAL C 772 39.36 24.76 0.58
C VAL C 772 40.02 24.38 1.89
N TYR C 773 39.65 25.07 2.98
CA TYR C 773 40.21 24.77 4.30
C TYR C 773 39.78 23.39 4.81
N TYR C 774 38.54 22.99 4.54
CA TYR C 774 38.07 21.69 5.00
C TYR C 774 38.91 20.56 4.43
N LEU C 775 39.24 20.65 3.14
CA LEU C 775 40.01 19.61 2.46
C LEU C 775 41.52 19.73 2.69
N ASP C 776 42.02 20.93 2.99
CA ASP C 776 43.46 21.14 3.09
C ASP C 776 43.71 22.28 4.07
N PRO C 777 43.84 21.96 5.37
CA PRO C 777 44.03 23.02 6.37
C PRO C 777 45.33 23.78 6.19
N SER C 778 46.32 23.24 5.49
CA SER C 778 47.48 24.06 5.19
C SER C 778 47.13 25.25 4.31
N SER C 779 45.98 25.19 3.61
CA SER C 779 45.54 26.23 2.68
C SER C 779 44.65 27.27 3.34
N GLN C 780 44.68 27.39 4.67
CA GLN C 780 43.81 28.36 5.32
C GLN C 780 44.15 29.79 4.89
N LYS C 781 45.42 30.09 4.64
CA LYS C 781 45.76 31.44 4.23
C LYS C 781 45.05 31.81 2.93
N ARG C 782 45.12 30.92 1.93
CA ARG C 782 44.42 31.11 0.67
C ARG C 782 42.92 31.17 0.88
N ALA C 783 42.37 30.24 1.67
CA ALA C 783 40.94 30.27 1.97
C ALA C 783 40.51 31.63 2.55
N ILE C 784 41.31 32.23 3.44
CA ILE C 784 41.02 33.58 3.95
C ILE C 784 40.98 34.59 2.79
N GLU C 785 41.97 34.53 1.87
CA GLU C 785 41.97 35.49 0.77
C GLU C 785 40.70 35.35 -0.08
N LEU C 786 40.26 34.11 -0.30
CA LEU C 786 39.09 33.91 -1.13
C LEU C 786 37.84 34.52 -0.50
N ALA C 787 37.67 34.36 0.81
CA ALA C 787 36.42 34.78 1.44
C ALA C 787 36.40 36.26 1.77
N THR C 788 37.57 36.88 1.95
CA THR C 788 37.62 38.24 2.47
C THR C 788 37.83 39.29 1.40
N THR C 789 37.77 38.89 0.13
CA THR C 789 37.75 39.88 -0.93
C THR C 789 36.47 40.72 -0.89
N LEU C 790 36.63 42.01 -1.14
CA LEU C 790 35.50 42.91 -1.23
C LEU C 790 35.54 43.72 -2.53
N ASP C 791 36.07 43.12 -3.61
CA ASP C 791 36.09 43.81 -4.90
C ASP C 791 34.70 44.27 -5.31
N GLU C 792 34.63 45.40 -6.02
CA GLU C 792 33.32 45.81 -6.52
C GLU C 792 32.80 44.95 -7.65
N SER C 793 33.66 44.19 -8.33
CA SER C 793 33.17 43.28 -9.36
C SER C 793 32.36 42.14 -8.78
N LEU C 794 32.38 41.97 -7.45
CA LEU C 794 31.57 40.95 -6.81
C LEU C 794 30.08 41.24 -6.96
N THR C 795 29.35 40.21 -7.37
CA THR C 795 27.90 40.12 -7.16
C THR C 795 27.62 39.73 -5.72
N ASN C 796 26.65 40.38 -5.10
CA ASN C 796 26.14 39.97 -3.81
C ASN C 796 27.10 40.28 -2.68
N ARG C 797 27.99 41.24 -2.90
CA ARG C 797 28.86 41.72 -1.84
C ARG C 797 28.06 42.73 -1.02
N ASN C 798 27.35 42.25 -0.01
CA ASN C 798 26.43 43.10 0.72
C ASN C 798 26.48 42.79 2.20
N LEU C 799 25.72 43.57 2.97
CA LEU C 799 25.78 43.46 4.42
C LEU C 799 25.49 42.03 4.89
N GLN C 800 24.51 41.36 4.27
CA GLN C 800 24.16 40.02 4.73
C GLN C 800 25.31 39.03 4.50
N THR C 801 25.89 39.03 3.31
CA THR C 801 26.91 38.04 3.02
C THR C 801 28.22 38.38 3.73
N CYS C 802 28.54 39.67 3.82
CA CYS C 802 29.76 40.08 4.50
C CYS C 802 29.72 39.71 5.98
N MET C 803 28.53 39.74 6.60
CA MET C 803 28.41 39.24 7.97
C MET C 803 28.60 37.73 8.05
N GLU C 804 28.12 36.97 7.06
CA GLU C 804 28.41 35.54 7.06
C GLU C 804 29.90 35.29 6.95
N VAL C 805 30.60 36.07 6.13
CA VAL C 805 32.05 35.93 6.03
C VAL C 805 32.68 36.14 7.39
N LEU C 806 32.31 37.24 8.06
CA LEU C 806 32.90 37.52 9.37
C LEU C 806 32.48 36.47 10.41
N GLU C 807 31.23 35.98 10.35
CA GLU C 807 30.84 34.85 11.18
C GLU C 807 31.77 33.68 10.94
N ALA C 808 31.95 33.30 9.68
CA ALA C 808 32.82 32.19 9.30
C ALA C 808 34.21 32.33 9.90
N LEU C 809 34.78 33.55 9.88
CA LEU C 809 36.12 33.77 10.42
C LEU C 809 36.15 33.54 11.93
N TYR C 810 35.16 34.09 12.63
CA TYR C 810 35.03 33.87 14.07
C TYR C 810 34.70 32.40 14.36
N ASP C 811 33.63 31.89 13.73
CA ASP C 811 33.16 30.49 13.69
C ASP C 811 34.21 29.42 13.94
N GLY C 812 35.38 29.54 13.31
CA GLY C 812 36.25 28.40 13.12
C GLY C 812 36.05 27.63 11.81
N SER C 813 35.07 28.03 10.99
CA SER C 813 34.97 27.53 9.62
C SER C 813 36.25 27.78 8.84
N LEU C 814 37.00 28.81 9.18
CA LEU C 814 38.34 28.98 8.64
C LEU C 814 39.42 28.91 9.72
N GLY C 815 39.06 28.56 10.96
CA GLY C 815 40.07 28.33 11.98
C GLY C 815 40.42 29.60 12.73
N ASP C 816 41.73 29.77 12.99
CA ASP C 816 42.24 30.85 13.83
C ASP C 816 42.53 32.06 12.95
N CYS C 817 41.58 32.99 12.90
CA CYS C 817 41.73 34.13 11.99
C CYS C 817 41.51 35.44 12.71
N LYS C 818 41.85 35.49 14.00
CA LYS C 818 41.47 36.67 14.76
C LYS C 818 42.16 37.91 14.20
N GLU C 819 43.39 37.78 13.72
CA GLU C 819 44.05 38.89 13.03
C GLU C 819 43.37 39.19 11.70
N ALA C 820 42.91 38.16 10.98
CA ALA C 820 42.26 38.38 9.70
C ALA C 820 40.83 38.86 9.87
N ALA C 821 40.14 38.34 10.88
CA ALA C 821 38.77 38.78 11.18
C ALA C 821 38.74 40.25 11.60
N GLU C 822 39.74 40.68 12.39
CA GLU C 822 39.84 42.07 12.80
C GLU C 822 40.08 42.98 11.61
N ILE C 823 41.01 42.59 10.73
CA ILE C 823 41.21 43.33 9.48
C ILE C 823 39.92 43.37 8.67
N TYR C 824 39.29 42.21 8.49
CA TYR C 824 38.05 42.16 7.73
C TYR C 824 36.99 43.07 8.35
N ARG C 825 36.77 42.94 9.66
CA ARG C 825 35.80 43.79 10.33
C ARG C 825 36.09 45.26 10.08
N ALA C 826 37.37 45.64 10.14
CA ALA C 826 37.72 47.03 9.88
C ALA C 826 37.36 47.42 8.46
N ASN C 827 37.58 46.53 7.51
CA ASN C 827 37.31 46.91 6.13
C ASN C 827 35.81 46.96 5.85
N CYS C 828 35.06 46.02 6.41
CA CYS C 828 33.62 46.07 6.23
C CYS C 828 33.03 47.33 6.87
N HIS C 829 33.57 47.77 8.01
CA HIS C 829 33.08 48.99 8.65
C HIS C 829 33.12 50.17 7.68
N LYS C 830 34.14 50.24 6.83
CA LYS C 830 34.19 51.33 5.86
C LYS C 830 33.12 51.17 4.78
N LEU C 831 32.68 49.94 4.49
CA LEU C 831 31.66 49.70 3.45
C LEU C 831 30.24 49.84 3.96
N PHE C 832 30.03 49.59 5.25
CA PHE C 832 28.71 49.55 5.86
C PHE C 832 28.84 50.33 7.16
N PRO C 833 28.88 51.67 7.06
CA PRO C 833 29.24 52.51 8.22
C PRO C 833 28.22 52.54 9.31
N TYR C 834 27.01 52.05 9.08
CA TYR C 834 26.01 52.04 10.13
C TYR C 834 25.89 50.68 10.80
N ALA C 835 26.47 49.64 10.20
CA ALA C 835 26.23 48.27 10.68
C ALA C 835 26.95 48.02 12.01
N LEU C 836 26.18 47.57 12.99
CA LEU C 836 26.73 47.23 14.30
C LEU C 836 27.66 46.04 14.23
N ALA C 837 27.45 45.13 13.28
CA ALA C 837 28.31 43.96 13.18
C ALA C 837 29.77 44.33 12.91
N PHE C 838 30.02 45.51 12.35
CA PHE C 838 31.38 45.87 11.93
C PHE C 838 31.94 47.01 12.75
N MET C 839 31.33 47.35 13.92
CA MET C 839 31.89 48.52 14.59
C MET C 839 33.06 48.14 15.48
N PRO C 840 33.94 49.11 15.76
CA PRO C 840 35.08 48.85 16.63
C PRO C 840 34.61 48.54 18.05
N PRO C 841 35.41 47.78 18.80
CA PRO C 841 35.03 47.36 20.16
C PRO C 841 35.27 48.43 21.22
N MET D 2 -3.73 47.18 -5.78
CA MET D 2 -3.82 45.93 -5.04
C MET D 2 -4.98 45.07 -5.53
N ASN D 3 -4.71 43.79 -5.71
CA ASN D 3 -5.71 42.84 -6.18
C ASN D 3 -6.82 42.66 -5.14
N ILE D 4 -8.06 42.91 -5.54
CA ILE D 4 -9.23 42.70 -4.68
C ILE D 4 -9.94 41.47 -5.18
N ARG D 5 -10.10 40.46 -4.33
CA ARG D 5 -10.66 39.20 -4.81
C ARG D 5 -11.32 38.46 -3.67
N ASN D 6 -12.35 37.68 -4.04
CA ASN D 6 -13.05 36.88 -3.06
C ASN D 6 -12.10 35.94 -2.32
N ALA D 7 -12.25 35.86 -1.00
CA ALA D 7 -11.38 35.00 -0.19
C ALA D 7 -11.75 33.52 -0.32
N ARG D 8 -10.73 32.66 -0.20
CA ARG D 8 -10.83 31.21 -0.21
C ARG D 8 -10.21 30.66 1.08
N PRO D 9 -10.48 29.40 1.45
CA PRO D 9 -9.97 28.91 2.74
C PRO D 9 -8.45 28.91 2.87
N GLU D 10 -7.70 28.72 1.79
CA GLU D 10 -6.25 28.91 1.82
C GLU D 10 -5.84 30.36 2.15
N ASP D 11 -6.76 31.32 2.12
CA ASP D 11 -6.43 32.70 2.46
C ASP D 11 -6.61 33.04 3.95
N LEU D 12 -7.28 32.18 4.73
CA LEU D 12 -7.78 32.62 6.03
C LEU D 12 -6.67 32.71 7.11
N MET D 13 -5.62 31.87 7.06
CA MET D 13 -4.50 32.11 7.97
C MET D 13 -3.84 33.46 7.69
N ASN D 14 -3.70 33.81 6.41
CA ASN D 14 -3.16 35.14 6.10
C ASN D 14 -4.06 36.24 6.64
N MET D 15 -5.37 36.12 6.39
CA MET D 15 -6.35 37.01 7.02
C MET D 15 -6.10 37.10 8.52
N GLN D 16 -6.02 35.96 9.19
CA GLN D 16 -5.88 36.00 10.63
C GLN D 16 -4.61 36.75 11.05
N HIS D 17 -3.55 36.61 10.28
CA HIS D 17 -2.35 37.41 10.52
C HIS D 17 -2.63 38.90 10.34
N CYS D 18 -3.25 39.27 9.22
CA CYS D 18 -3.59 40.68 8.97
C CYS D 18 -4.38 41.24 10.14
N ASN D 19 -5.39 40.47 10.57
CA ASN D 19 -6.23 40.90 11.67
C ASN D 19 -5.40 41.16 12.91
N LEU D 20 -4.57 40.18 13.30
CA LEU D 20 -3.78 40.31 14.53
C LEU D 20 -2.83 41.50 14.46
N LEU D 21 -2.42 41.89 13.26
CA LEU D 21 -1.55 43.05 13.13
C LEU D 21 -2.33 44.34 13.28
N CYS D 22 -3.58 44.36 12.81
CA CYS D 22 -4.35 45.59 12.62
C CYS D 22 -5.42 45.87 13.67
N LEU D 23 -5.90 44.90 14.42
CA LEU D 23 -7.07 45.14 15.25
C LEU D 23 -6.93 44.47 16.60
N PRO D 24 -7.50 45.08 17.65
CA PRO D 24 -7.47 44.46 18.97
C PRO D 24 -8.43 43.31 19.11
N GLU D 25 -9.44 43.22 18.27
CA GLU D 25 -10.42 42.13 18.37
C GLU D 25 -9.96 41.00 17.48
N ASN D 26 -9.50 39.91 18.11
CA ASN D 26 -8.87 38.79 17.42
C ASN D 26 -9.69 37.52 17.58
N TYR D 27 -9.74 36.70 16.55
CA TYR D 27 -10.48 35.44 16.59
C TYR D 27 -9.54 34.26 16.40
N GLN D 28 -10.10 33.07 16.54
CA GLN D 28 -9.40 31.82 16.35
C GLN D 28 -9.68 31.27 14.95
N MET D 29 -8.72 30.47 14.45
CA MET D 29 -8.81 29.97 13.08
C MET D 29 -10.15 29.29 12.81
N LYS D 30 -10.64 28.51 13.79
CA LYS D 30 -11.96 27.87 13.65
C LYS D 30 -13.04 28.86 13.24
N TYR D 31 -13.04 30.06 13.83
CA TYR D 31 -14.06 31.06 13.52
C TYR D 31 -13.90 31.61 12.10
N TYR D 32 -12.65 31.76 11.64
CA TYR D 32 -12.43 32.11 10.24
C TYR D 32 -12.94 30.99 9.34
N PHE D 33 -12.64 29.73 9.69
CA PHE D 33 -13.20 28.62 8.95
C PHE D 33 -14.73 28.70 8.92
N TYR D 34 -15.36 28.95 10.07
CA TYR D 34 -16.81 28.99 10.14
C TYR D 34 -17.38 30.00 9.16
N HIS D 35 -16.72 31.15 9.01
CA HIS D 35 -17.16 32.12 8.02
C HIS D 35 -16.98 31.56 6.60
N GLY D 36 -15.77 31.08 6.32
CA GLY D 36 -15.45 30.67 4.96
C GLY D 36 -16.26 29.51 4.43
N LEU D 37 -16.80 28.66 5.32
CA LEU D 37 -17.63 27.55 4.91
C LEU D 37 -19.11 27.79 5.17
N SER D 38 -19.48 28.95 5.69
CA SER D 38 -20.90 29.29 5.78
C SER D 38 -21.31 30.28 4.71
N TRP D 39 -20.50 31.33 4.54
CA TRP D 39 -20.80 32.45 3.65
C TRP D 39 -19.54 32.67 2.81
N PRO D 40 -19.19 31.69 1.98
CA PRO D 40 -17.96 31.80 1.17
C PRO D 40 -17.92 33.05 0.30
N GLN D 41 -19.04 33.41 -0.32
CA GLN D 41 -19.09 34.55 -1.23
C GLN D 41 -18.89 35.91 -0.56
N LEU D 42 -18.94 36.01 0.78
CA LEU D 42 -19.03 37.32 1.42
C LEU D 42 -17.70 37.94 1.80
N SER D 43 -16.70 37.15 2.19
CA SER D 43 -15.43 37.73 2.62
C SER D 43 -14.50 37.95 1.43
N TYR D 44 -13.93 39.16 1.34
CA TYR D 44 -12.99 39.54 0.29
C TYR D 44 -11.66 39.97 0.89
N ILE D 45 -10.60 39.94 0.09
CA ILE D 45 -9.29 40.39 0.53
C ILE D 45 -8.70 41.37 -0.50
N ALA D 46 -7.66 42.08 -0.06
CA ALA D 46 -6.78 42.87 -0.92
C ALA D 46 -5.34 42.39 -0.71
N GLU D 47 -4.66 42.05 -1.80
CA GLU D 47 -3.33 41.46 -1.74
C GLU D 47 -2.40 42.20 -2.66
N ASP D 48 -1.11 42.16 -2.35
CA ASP D 48 -0.13 42.82 -3.19
C ASP D 48 0.50 41.81 -4.18
N GLU D 49 1.58 42.27 -4.86
CA GLU D 49 2.24 41.51 -5.92
C GLU D 49 2.56 40.09 -5.48
N ASN D 50 2.88 39.90 -4.20
CA ASN D 50 3.41 38.65 -3.67
C ASN D 50 2.40 37.88 -2.83
N GLY D 51 1.13 38.26 -2.84
CA GLY D 51 0.15 37.50 -2.10
C GLY D 51 0.02 37.83 -0.63
N LYS D 52 0.74 38.85 -0.14
CA LYS D 52 0.51 39.31 1.22
C LYS D 52 -0.80 40.09 1.28
N ILE D 53 -1.56 39.84 2.35
CA ILE D 53 -2.84 40.52 2.58
C ILE D 53 -2.60 41.87 3.24
N VAL D 54 -3.14 42.93 2.64
CA VAL D 54 -3.04 44.28 3.18
C VAL D 54 -4.38 44.80 3.66
N GLY D 55 -5.46 44.11 3.35
CA GLY D 55 -6.76 44.44 3.88
C GLY D 55 -7.72 43.32 3.58
N TYR D 56 -8.83 43.29 4.31
CA TYR D 56 -9.77 42.18 4.20
C TYR D 56 -11.08 42.62 4.84
N VAL D 57 -12.18 42.05 4.37
CA VAL D 57 -13.47 42.18 5.04
C VAL D 57 -13.99 40.78 5.32
N LEU D 58 -14.34 40.51 6.58
CA LEU D 58 -14.83 39.20 6.99
C LEU D 58 -16.29 39.37 7.38
N ALA D 59 -17.18 38.76 6.61
CA ALA D 59 -18.58 39.09 6.65
C ALA D 59 -19.43 37.83 6.67
N LYS D 60 -20.62 37.99 7.27
CA LYS D 60 -21.54 36.94 7.66
C LYS D 60 -22.94 37.45 7.33
N MET D 61 -23.91 36.54 7.22
CA MET D 61 -25.32 36.95 7.29
C MET D 61 -25.87 36.62 8.66
N GLU D 62 -26.78 37.44 9.16
CA GLU D 62 -27.45 37.15 10.42
C GLU D 62 -28.92 36.88 10.14
N GLU D 63 -29.36 35.65 10.44
CA GLU D 63 -30.74 35.21 10.26
C GLU D 63 -31.47 35.03 11.59
N ASP D 64 -30.77 35.22 12.71
CA ASP D 64 -31.40 35.09 14.01
C ASP D 64 -32.55 36.08 14.26
N PRO D 65 -32.46 37.37 13.94
CA PRO D 65 -33.56 38.28 14.28
C PRO D 65 -34.81 37.96 13.47
N ASP D 66 -35.97 38.36 14.02
CA ASP D 66 -37.19 38.38 13.24
C ASP D 66 -37.13 39.41 12.11
N ASP D 67 -36.08 40.21 12.09
CA ASP D 67 -35.86 41.21 11.05
C ASP D 67 -35.62 40.53 9.70
N VAL D 68 -35.57 41.38 8.68
CA VAL D 68 -35.15 41.11 7.33
C VAL D 68 -33.78 40.41 7.30
N PRO D 69 -33.45 39.63 6.26
CA PRO D 69 -32.08 39.09 6.14
C PRO D 69 -31.08 40.21 5.85
N HIS D 70 -29.90 40.12 6.47
CA HIS D 70 -28.96 41.23 6.40
C HIS D 70 -27.55 40.77 6.74
N GLY D 71 -26.57 41.33 6.03
CA GLY D 71 -25.20 41.00 6.31
C GLY D 71 -24.69 41.72 7.54
N HIS D 72 -23.59 41.19 8.06
CA HIS D 72 -22.93 41.80 9.20
C HIS D 72 -21.44 41.69 8.98
N ILE D 73 -20.71 42.76 9.23
CA ILE D 73 -19.27 42.77 9.06
C ILE D 73 -18.66 42.33 10.38
N THR D 74 -18.19 41.08 10.44
CA THR D 74 -17.47 40.63 11.63
C THR D 74 -16.25 41.52 11.88
N SER D 75 -15.47 41.82 10.84
CA SER D 75 -14.18 42.48 10.96
C SER D 75 -13.76 43.07 9.62
N LEU D 76 -13.18 44.27 9.64
CA LEU D 76 -12.62 44.88 8.43
C LEU D 76 -11.34 45.57 8.82
N ALA D 77 -10.22 45.18 8.23
CA ALA D 77 -8.98 45.90 8.47
C ALA D 77 -8.30 46.24 7.16
N VAL D 78 -7.59 47.37 7.18
CA VAL D 78 -6.63 47.71 6.16
C VAL D 78 -5.33 48.15 6.85
N LYS D 79 -4.21 47.51 6.49
CA LYS D 79 -2.90 47.94 7.01
C LYS D 79 -2.70 49.42 6.77
N ARG D 80 -2.22 50.12 7.81
CA ARG D 80 -1.99 51.55 7.67
C ARG D 80 -1.14 51.88 6.46
N SER D 81 -0.27 50.94 6.06
CA SER D 81 0.65 51.21 4.96
C SER D 81 -0.09 51.39 3.65
N HIS D 82 -1.24 50.74 3.48
CA HIS D 82 -1.99 50.84 2.24
C HIS D 82 -3.25 51.68 2.41
N ARG D 83 -3.30 52.54 3.42
CA ARG D 83 -4.41 53.47 3.53
C ARG D 83 -4.46 54.36 2.31
N ARG D 84 -5.61 55.00 2.12
CA ARG D 84 -5.80 56.00 1.08
C ARG D 84 -5.71 55.42 -0.34
N LEU D 85 -5.91 54.11 -0.52
CA LEU D 85 -6.14 53.54 -1.85
C LEU D 85 -7.61 53.13 -2.07
N GLY D 86 -8.50 53.47 -1.14
CA GLY D 86 -9.88 53.07 -1.31
C GLY D 86 -10.14 51.61 -1.01
N LEU D 87 -9.28 50.94 -0.25
CA LEU D 87 -9.44 49.50 -0.08
C LEU D 87 -10.67 49.15 0.75
N ALA D 88 -10.94 49.91 1.82
CA ALA D 88 -12.12 49.62 2.65
C ALA D 88 -13.41 49.74 1.85
N GLN D 89 -13.60 50.88 1.19
CA GLN D 89 -14.74 51.10 0.31
C GLN D 89 -14.86 49.96 -0.71
N LYS D 90 -13.74 49.55 -1.32
CA LYS D 90 -13.84 48.59 -2.41
C LYS D 90 -14.20 47.21 -1.85
N LEU D 91 -13.60 46.83 -0.72
CA LEU D 91 -13.94 45.55 -0.08
C LEU D 91 -15.40 45.53 0.34
N MET D 92 -15.83 46.57 1.05
CA MET D 92 -17.22 46.68 1.51
C MET D 92 -18.21 46.54 0.34
N ASP D 93 -17.86 47.09 -0.83
CA ASP D 93 -18.80 47.14 -1.96
C ASP D 93 -18.98 45.75 -2.60
N GLN D 94 -17.89 44.97 -2.69
CA GLN D 94 -17.97 43.63 -3.26
C GLN D 94 -18.70 42.67 -2.32
N ALA D 95 -18.46 42.84 -1.04
CA ALA D 95 -19.17 42.07 -0.03
C ALA D 95 -20.67 42.35 -0.07
N SER D 96 -21.03 43.63 -0.16
CA SER D 96 -22.44 44.00 -0.18
C SER D 96 -23.14 43.43 -1.40
N ARG D 97 -22.46 43.42 -2.56
CA ARG D 97 -23.04 42.82 -3.74
C ARG D 97 -23.22 41.32 -3.57
N ALA D 98 -22.18 40.65 -3.04
CA ALA D 98 -22.27 39.21 -2.77
C ALA D 98 -23.41 38.90 -1.81
N MET D 99 -23.64 39.79 -0.83
CA MET D 99 -24.75 39.60 0.11
C MET D 99 -26.08 39.68 -0.61
N ILE D 100 -26.18 40.57 -1.57
CA ILE D 100 -27.43 40.74 -2.30
C ILE D 100 -27.69 39.55 -3.21
N GLU D 101 -26.67 39.13 -3.99
CA GLU D 101 -26.86 38.06 -4.98
C GLU D 101 -27.28 36.77 -4.30
N ASN D 102 -26.59 36.42 -3.21
CA ASN D 102 -26.63 35.08 -2.65
C ASN D 102 -27.65 34.94 -1.55
N PHE D 103 -27.95 36.02 -0.82
CA PHE D 103 -28.80 35.93 0.35
C PHE D 103 -29.89 37.00 0.41
N ASN D 104 -30.05 37.83 -0.62
CA ASN D 104 -31.06 38.89 -0.65
C ASN D 104 -31.01 39.77 0.58
N ALA D 105 -29.81 40.12 0.99
CA ALA D 105 -29.66 41.11 2.04
C ALA D 105 -30.28 42.43 1.61
N LYS D 106 -31.11 43.02 2.48
CA LYS D 106 -31.55 44.39 2.22
C LYS D 106 -30.66 45.43 2.88
N TYR D 107 -29.93 45.08 3.95
CA TYR D 107 -28.89 45.97 4.47
C TYR D 107 -27.74 45.13 5.01
N VAL D 108 -26.71 45.83 5.49
CA VAL D 108 -25.59 45.22 6.20
C VAL D 108 -25.32 46.06 7.44
N SER D 109 -25.06 45.40 8.56
CA SER D 109 -24.87 46.06 9.83
C SER D 109 -23.44 45.86 10.31
N LEU D 110 -22.99 46.72 11.22
CA LEU D 110 -21.73 46.51 11.91
C LEU D 110 -21.79 47.20 13.27
N HIS D 111 -20.75 46.98 14.07
CA HIS D 111 -20.63 47.53 15.42
C HIS D 111 -19.32 48.26 15.60
N VAL D 112 -19.39 49.45 16.20
CA VAL D 112 -18.25 50.31 16.44
C VAL D 112 -18.30 50.80 17.88
N ARG D 113 -17.15 50.81 18.55
CA ARG D 113 -17.09 51.42 19.86
C ARG D 113 -17.37 52.90 19.71
N LYS D 114 -18.06 53.47 20.70
CA LYS D 114 -18.42 54.87 20.63
C LYS D 114 -17.20 55.77 20.52
N SER D 115 -16.08 55.38 21.13
CA SER D 115 -14.93 56.27 21.20
C SER D 115 -13.99 56.12 20.01
N ASN D 116 -14.19 55.12 19.16
CA ASN D 116 -13.31 54.94 18.01
C ASN D 116 -13.65 56.01 16.98
N ARG D 117 -12.95 57.16 17.04
CA ARG D 117 -13.31 58.19 16.08
C ARG D 117 -12.70 57.90 14.72
N ALA D 118 -11.63 57.09 14.68
CA ALA D 118 -11.08 56.67 13.40
C ALA D 118 -12.14 55.94 12.58
N ALA D 119 -12.73 54.91 13.15
CA ALA D 119 -13.70 54.09 12.45
C ALA D 119 -15.00 54.84 12.21
N LEU D 120 -15.51 55.51 13.25
CA LEU D 120 -16.76 56.24 13.08
C LEU D 120 -16.63 57.19 11.92
N HIS D 121 -15.54 57.95 11.92
CA HIS D 121 -15.15 58.79 10.77
C HIS D 121 -15.25 57.99 9.46
N LEU D 122 -14.53 56.86 9.37
CA LEU D 122 -14.41 56.12 8.11
C LEU D 122 -15.76 55.63 7.59
N TYR D 123 -16.48 54.80 8.38
CA TYR D 123 -17.79 54.27 7.96
C TYR D 123 -18.79 55.38 7.64
N SER D 124 -18.85 56.38 8.51
CA SER D 124 -19.91 57.39 8.39
C SER D 124 -19.76 58.23 7.13
N ASN D 125 -18.56 58.80 6.91
CA ASN D 125 -18.39 59.82 5.86
C ASN D 125 -17.87 59.28 4.55
N THR D 126 -17.32 58.06 4.50
CA THR D 126 -16.87 57.50 3.25
C THR D 126 -17.52 56.16 2.89
N LEU D 127 -18.23 55.51 3.81
CA LEU D 127 -18.93 54.27 3.51
C LEU D 127 -20.45 54.41 3.61
N ASN D 128 -20.94 55.57 4.04
CA ASN D 128 -22.36 55.89 4.08
C ASN D 128 -23.11 54.95 5.03
N PHE D 129 -22.49 54.58 6.15
CA PHE D 129 -23.21 53.85 7.18
C PHE D 129 -23.87 54.83 8.14
N GLN D 130 -25.07 54.50 8.57
CA GLN D 130 -25.86 55.35 9.44
C GLN D 130 -26.05 54.65 10.78
N ILE D 131 -25.95 55.42 11.86
CA ILE D 131 -26.16 54.87 13.19
C ILE D 131 -27.60 54.40 13.32
N SER D 132 -27.79 53.15 13.77
CA SER D 132 -29.12 52.61 14.01
C SER D 132 -29.52 52.63 15.48
N GLU D 133 -28.66 52.14 16.35
CA GLU D 133 -28.98 52.07 17.78
C GLU D 133 -27.68 51.93 18.57
N VAL D 134 -27.80 52.17 19.88
CA VAL D 134 -26.71 52.01 20.83
C VAL D 134 -26.89 50.67 21.55
N GLU D 135 -25.83 49.85 21.57
CA GLU D 135 -25.88 48.62 22.34
C GLU D 135 -25.06 48.76 23.63
N PRO D 136 -25.69 48.96 24.78
CA PRO D 136 -24.94 49.26 26.01
C PRO D 136 -24.11 48.07 26.49
N LYS D 137 -22.86 48.36 26.88
CA LYS D 137 -21.97 47.35 27.41
C LYS D 137 -21.78 46.21 26.41
N TYR D 138 -21.92 46.55 25.13
CA TYR D 138 -21.71 45.58 24.06
C TYR D 138 -20.38 44.87 24.19
N TYR D 139 -19.30 45.63 24.31
CA TYR D 139 -17.96 45.07 24.39
C TYR D 139 -17.69 44.53 25.79
N ALA D 140 -16.77 43.57 25.87
CA ALA D 140 -16.45 42.97 27.15
C ALA D 140 -15.82 43.99 28.08
N ASP D 141 -15.04 44.93 27.52
CA ASP D 141 -14.51 46.05 28.29
C ASP D 141 -15.60 46.77 29.06
N GLY D 142 -16.79 46.86 28.48
CA GLY D 142 -17.88 47.60 29.07
C GLY D 142 -18.30 48.82 28.28
N GLU D 143 -17.62 49.12 27.19
CA GLU D 143 -17.96 50.25 26.35
C GLU D 143 -19.23 49.97 25.54
N ASP D 144 -20.04 51.01 25.33
CA ASP D 144 -21.18 50.90 24.45
C ASP D 144 -20.74 50.89 22.97
N ALA D 145 -21.62 50.39 22.09
CA ALA D 145 -21.37 50.34 20.66
C ALA D 145 -22.46 51.10 19.90
N TYR D 146 -22.13 51.54 18.69
CA TYR D 146 -23.14 51.96 17.73
C TYR D 146 -23.35 50.83 16.75
N ALA D 147 -24.59 50.43 16.58
CA ALA D 147 -24.96 49.54 15.49
C ALA D 147 -25.24 50.41 14.27
N MET D 148 -24.51 50.18 13.19
CA MET D 148 -24.62 51.01 11.99
C MET D 148 -25.13 50.17 10.83
N LYS D 149 -26.07 50.72 10.07
CA LYS D 149 -26.66 50.06 8.93
C LYS D 149 -26.30 50.81 7.65
N ARG D 150 -26.07 50.05 6.57
CA ARG D 150 -25.92 50.60 5.23
C ARG D 150 -27.02 49.96 4.41
N ASP D 151 -27.90 50.78 3.84
CA ASP D 151 -29.02 50.22 3.10
C ASP D 151 -28.55 49.74 1.74
N LEU D 152 -28.83 48.47 1.45
CA LEU D 152 -28.46 47.86 0.18
C LEU D 152 -29.56 47.88 -0.87
N THR D 153 -30.76 48.39 -0.56
CA THR D 153 -31.82 48.27 -1.54
C THR D 153 -31.55 49.18 -2.73
N GLN D 154 -30.81 50.27 -2.53
CA GLN D 154 -30.40 51.07 -3.67
C GLN D 154 -29.38 50.32 -4.51
N MET D 155 -28.38 49.72 -3.86
CA MET D 155 -27.42 48.93 -4.61
C MET D 155 -28.09 47.77 -5.35
N ALA D 156 -29.08 47.13 -4.71
CA ALA D 156 -29.79 46.01 -5.36
C ALA D 156 -30.50 46.48 -6.62
N ASP D 157 -31.09 47.68 -6.60
CA ASP D 157 -31.75 48.20 -7.79
C ASP D 157 -30.78 48.39 -8.94
N GLU D 158 -29.59 48.91 -8.68
CA GLU D 158 -28.59 49.10 -9.73
C GLU D 158 -28.11 47.77 -10.30
N LEU D 159 -28.04 46.73 -9.48
CA LEU D 159 -27.63 45.42 -9.98
C LEU D 159 -28.75 44.70 -10.72
N ARG D 160 -30.01 44.90 -10.29
CA ARG D 160 -31.14 44.23 -10.93
C ARG D 160 -31.37 44.72 -12.34
N ARG D 161 -30.96 45.96 -12.64
CA ARG D 161 -31.10 46.52 -13.97
C ARG D 161 -30.38 45.68 -15.03
#